data_5TS9
#
_entry.id   5TS9
#
_cell.length_a   62.590
_cell.length_b   151.120
_cell.length_c   73.080
_cell.angle_alpha   90.000
_cell.angle_beta   90.840
_cell.angle_gamma   90.000
#
_symmetry.space_group_name_H-M   'P 1 21 1'
#
loop_
_entity.id
_entity.type
_entity.pdbx_description
1 polymer 'Chorismate mutase'
2 water water
#
_entity_poly.entity_id   1
_entity_poly.type   'polypeptide(L)'
_entity_poly.pdbx_seq_one_letter_code
;MAHHHHHHGAQQDAFVPLVRSMADRLNTADQVALSKWDTGQPVYDGQREAQVIANAATMASEYGLTAEDAINIFSDQVEA
NKEVQYALLNNWRRQGDAPATPRQSLAGVIRPILDKLQASIMQNLQSVAPLRSIADCHALVASAVGQVAEQASLDVLHRA
ALDRAVARICVKS
;
_entity_poly.pdbx_strand_id   A,B,C,D,E,F,G,H
#
# COMPACT_ATOMS: atom_id res chain seq x y z
N GLY A 9 8.32 -24.48 -30.00
CA GLY A 9 9.68 -24.57 -30.51
C GLY A 9 9.69 -25.02 -31.97
N ALA A 10 8.71 -25.85 -32.31
CA ALA A 10 8.51 -26.22 -33.71
C ALA A 10 8.32 -24.98 -34.57
N GLN A 11 7.46 -24.06 -34.11
CA GLN A 11 7.29 -22.79 -34.80
C GLN A 11 8.57 -21.97 -34.75
N GLN A 12 9.22 -21.90 -33.57
CA GLN A 12 10.47 -21.15 -33.44
C GLN A 12 11.54 -21.67 -34.40
N ASP A 13 11.41 -22.92 -34.85
CA ASP A 13 12.29 -23.47 -35.86
C ASP A 13 11.79 -23.25 -37.27
N ALA A 14 10.50 -22.94 -37.43
CA ALA A 14 9.87 -23.04 -38.75
C ALA A 14 10.48 -22.07 -39.76
N PHE A 15 10.97 -20.93 -39.30
CA PHE A 15 11.56 -19.96 -40.21
C PHE A 15 13.04 -20.21 -40.46
N VAL A 16 13.63 -21.22 -39.83
CA VAL A 16 15.08 -21.36 -39.89
C VAL A 16 15.57 -21.70 -41.30
N PRO A 17 14.96 -22.65 -42.04
CA PRO A 17 15.42 -22.88 -43.41
C PRO A 17 15.30 -21.65 -44.32
N LEU A 18 14.23 -20.86 -44.17
CA LEU A 18 14.12 -19.62 -44.94
C LEU A 18 15.24 -18.65 -44.58
N VAL A 19 15.46 -18.43 -43.28
CA VAL A 19 16.48 -17.49 -42.82
C VAL A 19 17.86 -17.97 -43.21
N ARG A 20 18.06 -19.30 -43.19
CA ARG A 20 19.33 -19.86 -43.64
C ARG A 20 19.59 -19.54 -45.11
N SER A 21 18.57 -19.67 -45.97
CA SER A 21 18.78 -19.39 -47.38
CA SER A 21 18.77 -19.38 -47.38
C SER A 21 19.12 -17.91 -47.60
N MET A 22 18.45 -17.01 -46.89
CA MET A 22 18.80 -15.59 -46.98
C MET A 22 20.21 -15.34 -46.46
N ALA A 23 20.61 -16.06 -45.39
CA ALA A 23 21.98 -15.93 -44.89
C ALA A 23 23.00 -16.40 -45.93
N ASP A 24 22.71 -17.51 -46.63
CA ASP A 24 23.61 -17.96 -47.69
C ASP A 24 23.70 -16.91 -48.81
N ARG A 25 22.57 -16.28 -49.14
CA ARG A 25 22.60 -15.24 -50.17
C ARG A 25 23.40 -14.04 -49.69
N LEU A 26 23.18 -13.66 -48.43
CA LEU A 26 23.91 -12.54 -47.86
C LEU A 26 25.41 -12.76 -47.94
N ASN A 27 25.86 -14.00 -47.75
CA ASN A 27 27.29 -14.25 -47.66
C ASN A 27 28.01 -14.08 -49.01
N THR A 28 27.30 -14.10 -50.14
CA THR A 28 27.96 -13.74 -51.40
C THR A 28 28.47 -12.30 -51.39
N ALA A 29 27.91 -11.42 -50.54
CA ALA A 29 28.40 -10.04 -50.45
C ALA A 29 29.91 -9.97 -50.18
N ASP A 30 30.43 -10.89 -49.36
CA ASP A 30 31.86 -10.89 -49.09
C ASP A 30 32.66 -11.05 -50.37
N GLN A 31 32.24 -11.97 -51.25
CA GLN A 31 33.01 -12.15 -52.48
C GLN A 31 32.71 -11.07 -53.51
N VAL A 32 31.49 -10.51 -53.53
CA VAL A 32 31.26 -9.41 -54.47
C VAL A 32 32.06 -8.17 -54.05
N ALA A 33 32.14 -7.91 -52.75
CA ALA A 33 32.99 -6.82 -52.24
C ALA A 33 34.44 -6.97 -52.68
N LEU A 34 35.00 -8.17 -52.54
CA LEU A 34 36.37 -8.42 -52.99
C LEU A 34 36.55 -8.08 -54.46
N SER A 35 35.61 -8.52 -55.30
CA SER A 35 35.72 -8.26 -56.73
C SER A 35 35.66 -6.76 -57.00
N LYS A 36 34.78 -6.05 -56.32
CA LYS A 36 34.67 -4.61 -56.53
C LYS A 36 35.87 -3.88 -55.95
N TRP A 37 36.48 -4.41 -54.89
CA TRP A 37 37.75 -3.88 -54.41
C TRP A 37 38.85 -4.02 -55.45
N ASP A 38 38.91 -5.17 -56.14
CA ASP A 38 39.92 -5.38 -57.18
C ASP A 38 39.68 -4.47 -58.38
N THR A 39 38.43 -4.36 -58.84
CA THR A 39 38.14 -3.70 -60.12
C THR A 39 37.79 -2.23 -59.96
N GLY A 40 37.41 -1.79 -58.77
CA GLY A 40 36.94 -0.44 -58.59
C GLY A 40 35.52 -0.19 -59.02
N GLN A 41 34.78 -1.23 -59.39
CA GLN A 41 33.39 -1.04 -59.77
C GLN A 41 32.56 -0.60 -58.55
N PRO A 42 31.54 0.23 -58.76
CA PRO A 42 30.74 0.71 -57.63
C PRO A 42 29.83 -0.38 -57.09
N VAL A 43 29.47 -0.23 -55.80
CA VAL A 43 28.55 -1.18 -55.19
C VAL A 43 27.20 -1.16 -55.89
N TYR A 44 26.65 0.04 -56.08
CA TYR A 44 25.32 0.19 -56.64
C TYR A 44 25.36 0.13 -58.16
N ASP A 45 24.42 -0.62 -58.75
CA ASP A 45 24.23 -0.68 -60.20
C ASP A 45 22.73 -0.73 -60.42
N GLY A 46 22.14 0.42 -60.75
CA GLY A 46 20.69 0.51 -60.83
C GLY A 46 20.09 -0.46 -61.84
N GLN A 47 20.71 -0.58 -63.02
CA GLN A 47 20.16 -1.43 -64.05
C GLN A 47 20.19 -2.89 -63.63
N ARG A 48 21.36 -3.37 -63.19
CA ARG A 48 21.46 -4.77 -62.76
C ARG A 48 20.53 -5.07 -61.58
N GLU A 49 20.44 -4.16 -60.59
CA GLU A 49 19.53 -4.42 -59.47
CA GLU A 49 19.54 -4.41 -59.46
C GLU A 49 18.09 -4.51 -59.93
N ALA A 50 17.71 -3.71 -60.92
CA ALA A 50 16.30 -3.73 -61.33
C ALA A 50 15.97 -5.03 -62.05
N GLN A 51 16.93 -5.58 -62.78
CA GLN A 51 16.74 -6.87 -63.45
C GLN A 51 16.69 -8.01 -62.45
N VAL A 52 17.52 -7.94 -61.40
CA VAL A 52 17.45 -8.91 -60.30
C VAL A 52 16.05 -8.93 -59.72
N ILE A 53 15.51 -7.75 -59.44
CA ILE A 53 14.21 -7.70 -58.77
C ILE A 53 13.09 -8.11 -59.74
N ALA A 54 13.21 -7.71 -61.01
CA ALA A 54 12.19 -8.10 -61.99
C ALA A 54 12.19 -9.61 -62.24
N ASN A 55 13.36 -10.24 -62.26
CA ASN A 55 13.43 -11.69 -62.38
C ASN A 55 12.66 -12.37 -61.24
N ALA A 56 12.86 -11.89 -60.01
CA ALA A 56 12.10 -12.41 -58.87
C ALA A 56 10.61 -12.27 -59.12
N ALA A 57 10.18 -11.11 -59.61
CA ALA A 57 8.76 -10.92 -59.87
C ALA A 57 8.25 -11.93 -60.88
N THR A 58 9.04 -12.20 -61.94
CA THR A 58 8.58 -13.13 -62.98
C THR A 58 8.40 -14.55 -62.45
N MET A 59 9.30 -14.99 -61.56
CA MET A 59 9.25 -16.34 -61.05
C MET A 59 8.30 -16.52 -59.87
N ALA A 60 7.73 -15.43 -59.35
CA ALA A 60 6.99 -15.49 -58.09
C ALA A 60 5.85 -16.50 -58.17
N SER A 61 5.07 -16.45 -59.26
CA SER A 61 3.86 -17.27 -59.34
C SER A 61 4.17 -18.76 -59.33
N GLU A 62 5.38 -19.15 -59.74
CA GLU A 62 5.73 -20.58 -59.70
C GLU A 62 5.71 -21.13 -58.28
N TYR A 63 5.77 -20.27 -57.26
CA TYR A 63 5.83 -20.66 -55.86
C TYR A 63 4.67 -20.06 -55.04
N GLY A 64 3.54 -19.80 -55.69
CA GLY A 64 2.38 -19.24 -54.99
C GLY A 64 2.59 -17.86 -54.39
N LEU A 65 3.63 -17.13 -54.81
CA LEU A 65 3.87 -15.78 -54.34
C LEU A 65 3.26 -14.75 -55.29
N THR A 66 2.78 -13.65 -54.71
CA THR A 66 2.38 -12.51 -55.51
C THR A 66 3.62 -11.77 -55.99
N ALA A 67 3.46 -11.05 -57.09
CA ALA A 67 4.58 -10.31 -57.64
C ALA A 67 5.07 -9.27 -56.66
N GLU A 68 4.14 -8.62 -55.97
CA GLU A 68 4.53 -7.57 -55.02
C GLU A 68 5.32 -8.17 -53.86
N ASP A 69 4.93 -9.36 -53.41
CA ASP A 69 5.63 -10.01 -52.30
C ASP A 69 7.08 -10.31 -52.67
N ALA A 70 7.30 -10.96 -53.82
CA ALA A 70 8.65 -11.28 -54.26
C ALA A 70 9.49 -10.04 -54.44
N ILE A 71 8.90 -8.97 -55.01
CA ILE A 71 9.65 -7.73 -55.18
C ILE A 71 10.13 -7.19 -53.84
N ASN A 72 9.24 -7.13 -52.86
CA ASN A 72 9.61 -6.65 -51.53
C ASN A 72 10.74 -7.49 -50.94
N ILE A 73 10.58 -8.83 -51.02
CA ILE A 73 11.57 -9.73 -50.44
C ILE A 73 12.93 -9.56 -51.10
N PHE A 74 12.95 -9.48 -52.43
CA PHE A 74 14.25 -9.43 -53.08
C PHE A 74 14.83 -8.02 -53.09
N SER A 75 14.00 -6.97 -53.07
CA SER A 75 14.53 -5.64 -52.76
C SER A 75 15.23 -5.67 -51.41
N ASP A 76 14.60 -6.31 -50.42
CA ASP A 76 15.24 -6.46 -49.11
C ASP A 76 16.56 -7.23 -49.22
N GLN A 77 16.59 -8.27 -50.04
CA GLN A 77 17.82 -9.05 -50.20
C GLN A 77 18.94 -8.22 -50.80
N VAL A 78 18.62 -7.40 -51.82
CA VAL A 78 19.66 -6.61 -52.48
CA VAL A 78 19.71 -6.67 -52.45
C VAL A 78 20.19 -5.53 -51.54
N GLU A 79 19.30 -4.91 -50.76
CA GLU A 79 19.73 -3.87 -49.84
CA GLU A 79 19.75 -3.87 -49.85
C GLU A 79 20.59 -4.44 -48.71
N ALA A 80 20.24 -5.63 -48.20
CA ALA A 80 21.08 -6.21 -47.16
C ALA A 80 22.46 -6.55 -47.72
N ASN A 81 22.49 -7.01 -48.96
CA ASN A 81 23.77 -7.34 -49.60
C ASN A 81 24.62 -6.08 -49.77
N LYS A 82 24.03 -4.99 -50.23
CA LYS A 82 24.79 -3.74 -50.32
C LYS A 82 25.25 -3.24 -48.96
N GLU A 83 24.43 -3.39 -47.92
CA GLU A 83 24.87 -2.98 -46.59
CA GLU A 83 24.83 -3.02 -46.56
C GLU A 83 26.17 -3.66 -46.20
N VAL A 84 26.30 -4.95 -46.46
CA VAL A 84 27.55 -5.65 -46.18
C VAL A 84 28.66 -5.12 -47.07
N GLN A 85 28.39 -5.00 -48.37
CA GLN A 85 29.43 -4.58 -49.30
C GLN A 85 29.99 -3.19 -48.94
N TYR A 86 29.11 -2.23 -48.68
CA TYR A 86 29.61 -0.89 -48.36
C TYR A 86 30.46 -0.90 -47.10
N ALA A 87 30.03 -1.66 -46.09
CA ALA A 87 30.76 -1.69 -44.81
C ALA A 87 32.12 -2.36 -44.96
N LEU A 88 32.14 -3.49 -45.66
CA LEU A 88 33.41 -4.19 -45.90
C LEU A 88 34.38 -3.31 -46.66
N LEU A 89 33.91 -2.70 -47.76
CA LEU A 89 34.80 -1.90 -48.58
C LEU A 89 35.39 -0.75 -47.78
N ASN A 90 34.58 -0.10 -46.95
CA ASN A 90 35.15 1.00 -46.17
C ASN A 90 36.01 0.49 -45.04
N ASN A 91 35.70 -0.68 -44.47
CA ASN A 91 36.61 -1.28 -43.51
C ASN A 91 37.97 -1.51 -44.15
N TRP A 92 37.98 -2.06 -45.35
CA TRP A 92 39.25 -2.32 -46.06
C TRP A 92 39.93 -1.02 -46.45
N ARG A 93 39.15 -0.03 -46.89
CA ARG A 93 39.73 1.27 -47.23
C ARG A 93 40.46 1.88 -46.03
N ARG A 94 39.91 1.72 -44.82
CA ARG A 94 40.55 2.31 -43.64
C ARG A 94 41.82 1.58 -43.25
N GLN A 95 41.94 0.30 -43.58
CA GLN A 95 43.15 -0.46 -43.27
C GLN A 95 44.18 -0.42 -44.39
N GLY A 96 43.75 -0.14 -45.62
CA GLY A 96 44.66 -0.10 -46.74
C GLY A 96 44.77 -1.37 -47.55
N ASP A 97 44.05 -2.42 -47.17
CA ASP A 97 44.08 -3.68 -47.90
CA ASP A 97 44.08 -3.68 -47.90
C ASP A 97 42.84 -4.50 -47.54
N ALA A 98 42.47 -5.38 -48.46
CA ALA A 98 41.39 -6.35 -48.31
C ALA A 98 41.97 -7.72 -48.03
N PRO A 99 41.19 -8.63 -47.43
CA PRO A 99 41.69 -10.00 -47.19
C PRO A 99 42.21 -10.65 -48.48
N ALA A 100 43.17 -11.56 -48.32
CA ALA A 100 43.74 -12.32 -49.42
C ALA A 100 42.90 -13.56 -49.81
N THR A 101 41.64 -13.61 -49.40
CA THR A 101 40.77 -14.71 -49.80
C THR A 101 40.80 -14.89 -51.32
N PRO A 102 40.90 -16.12 -51.82
CA PRO A 102 40.80 -16.34 -53.27
C PRO A 102 39.45 -15.86 -53.81
N ARG A 103 39.50 -15.20 -54.96
CA ARG A 103 38.31 -14.65 -55.58
C ARG A 103 37.57 -15.72 -56.37
N GLN A 104 36.26 -15.73 -56.24
CA GLN A 104 35.40 -16.63 -57.01
C GLN A 104 34.78 -15.87 -58.17
N SER A 105 34.79 -16.47 -59.37
CA SER A 105 34.27 -15.78 -60.54
C SER A 105 32.84 -15.29 -60.31
N LEU A 106 32.59 -14.00 -60.57
CA LEU A 106 31.24 -13.48 -60.38
C LEU A 106 30.23 -14.15 -61.32
N ALA A 107 30.58 -14.29 -62.60
CA ALA A 107 29.66 -14.90 -63.54
C ALA A 107 29.66 -16.42 -63.45
N GLY A 108 30.81 -17.02 -63.14
CA GLY A 108 30.96 -18.46 -63.17
C GLY A 108 30.56 -19.14 -61.87
N VAL A 109 30.72 -18.46 -60.74
CA VAL A 109 30.49 -19.06 -59.43
C VAL A 109 29.38 -18.34 -58.68
N ILE A 110 29.49 -17.00 -58.54
CA ILE A 110 28.53 -16.29 -57.69
C ILE A 110 27.15 -16.24 -58.34
N ARG A 111 27.08 -15.96 -59.64
CA ARG A 111 25.78 -15.91 -60.31
C ARG A 111 25.00 -17.21 -60.20
N PRO A 112 25.55 -18.40 -60.47
CA PRO A 112 24.74 -19.62 -60.26
C PRO A 112 24.30 -19.79 -58.81
N ILE A 113 25.13 -19.40 -57.84
CA ILE A 113 24.72 -19.49 -56.44
C ILE A 113 23.49 -18.62 -56.19
N LEU A 114 23.51 -17.38 -56.70
CA LEU A 114 22.39 -16.47 -56.49
C LEU A 114 21.14 -16.98 -57.20
N ASP A 115 21.30 -17.61 -58.37
CA ASP A 115 20.16 -18.18 -59.08
C ASP A 115 19.52 -19.31 -58.31
N LYS A 116 20.32 -20.24 -57.80
CA LYS A 116 19.77 -21.34 -57.03
C LYS A 116 19.08 -20.83 -55.77
N LEU A 117 19.64 -19.80 -55.15
CA LEU A 117 19.08 -19.26 -53.91
C LEU A 117 17.81 -18.46 -54.16
N GLN A 118 17.62 -17.91 -55.35
CA GLN A 118 16.33 -17.28 -55.65
C GLN A 118 15.23 -18.32 -55.53
N ALA A 119 15.47 -19.48 -56.14
CA ALA A 119 14.50 -20.56 -56.05
C ALA A 119 14.36 -21.09 -54.63
N SER A 120 15.48 -21.29 -53.92
CA SER A 120 15.37 -21.88 -52.58
CA SER A 120 15.41 -21.86 -52.57
C SER A 120 14.70 -20.90 -51.61
N ILE A 121 14.95 -19.60 -51.76
CA ILE A 121 14.27 -18.62 -50.92
C ILE A 121 12.77 -18.64 -51.19
N MET A 122 12.40 -18.63 -52.47
CA MET A 122 10.98 -18.70 -52.81
C MET A 122 10.36 -20.01 -52.38
N GLN A 123 11.09 -21.13 -52.53
CA GLN A 123 10.51 -22.40 -52.07
C GLN A 123 10.29 -22.39 -50.57
N ASN A 124 11.24 -21.82 -49.82
CA ASN A 124 11.11 -21.71 -48.37
C ASN A 124 10.01 -20.73 -47.97
N LEU A 125 9.88 -19.61 -48.68
CA LEU A 125 8.77 -18.69 -48.40
C LEU A 125 7.43 -19.37 -48.53
N GLN A 126 7.25 -20.10 -49.63
CA GLN A 126 6.03 -20.88 -49.83
C GLN A 126 5.83 -21.88 -48.70
N SER A 127 6.88 -22.60 -48.31
CA SER A 127 6.75 -23.59 -47.25
C SER A 127 6.29 -22.98 -45.93
N VAL A 128 6.68 -21.73 -45.64
CA VAL A 128 6.35 -21.15 -44.34
C VAL A 128 5.18 -20.16 -44.43
N ALA A 129 4.54 -20.07 -45.60
CA ALA A 129 3.41 -19.20 -45.87
C ALA A 129 2.37 -19.16 -44.74
N PRO A 130 1.98 -20.30 -44.14
CA PRO A 130 1.00 -20.20 -43.05
C PRO A 130 1.43 -19.28 -41.91
N LEU A 131 2.68 -19.33 -41.47
CA LEU A 131 3.09 -18.60 -40.28
C LEU A 131 3.45 -17.15 -40.53
N ARG A 132 3.38 -16.68 -41.78
CA ARG A 132 3.84 -15.32 -42.08
C ARG A 132 2.91 -14.25 -41.50
N SER A 133 1.64 -14.57 -41.26
CA SER A 133 0.72 -13.61 -40.68
C SER A 133 0.36 -13.96 -39.24
N ILE A 134 1.10 -14.86 -38.61
CA ILE A 134 0.84 -15.28 -37.24
C ILE A 134 1.28 -14.17 -36.29
N ALA A 135 0.63 -14.10 -35.12
CA ALA A 135 0.80 -12.95 -34.24
C ALA A 135 2.25 -12.80 -33.76
N ASP A 136 2.91 -13.90 -33.41
CA ASP A 136 4.29 -13.99 -32.97
CA ASP A 136 4.29 -13.77 -32.97
C ASP A 136 5.29 -13.97 -34.11
N CYS A 137 4.92 -13.59 -35.32
CA CYS A 137 5.85 -13.76 -36.44
C CYS A 137 7.15 -12.99 -36.23
N HIS A 138 7.07 -11.74 -35.75
CA HIS A 138 8.29 -10.95 -35.58
C HIS A 138 9.25 -11.63 -34.62
N ALA A 139 8.74 -12.07 -33.46
CA ALA A 139 9.59 -12.74 -32.48
C ALA A 139 10.22 -14.01 -33.06
N LEU A 140 9.45 -14.79 -33.81
CA LEU A 140 9.98 -16.05 -34.34
C LEU A 140 11.09 -15.79 -35.35
N VAL A 141 10.85 -14.84 -36.26
CA VAL A 141 11.86 -14.48 -37.25
C VAL A 141 13.13 -13.96 -36.56
N ALA A 142 12.96 -13.05 -35.58
CA ALA A 142 14.14 -12.56 -34.85
C ALA A 142 14.89 -13.70 -34.17
N SER A 143 14.17 -14.68 -33.61
CA SER A 143 14.83 -15.82 -33.00
CA SER A 143 14.83 -15.82 -33.00
C SER A 143 15.56 -16.66 -34.05
N ALA A 144 14.92 -16.88 -35.20
CA ALA A 144 15.55 -17.65 -36.28
C ALA A 144 16.84 -16.99 -36.75
N VAL A 145 16.84 -15.66 -36.85
CA VAL A 145 18.06 -14.95 -37.20
C VAL A 145 19.14 -15.17 -36.15
N GLY A 146 18.74 -15.15 -34.88
CA GLY A 146 19.68 -15.44 -33.81
C GLY A 146 20.25 -16.84 -33.94
N GLN A 147 19.39 -17.83 -34.15
CA GLN A 147 19.87 -19.21 -34.28
CA GLN A 147 19.88 -19.20 -34.27
C GLN A 147 20.81 -19.36 -35.46
N VAL A 148 20.45 -18.80 -36.61
CA VAL A 148 21.27 -18.95 -37.81
C VAL A 148 22.61 -18.24 -37.63
N ALA A 149 22.58 -17.08 -36.99
CA ALA A 149 23.83 -16.35 -36.75
C ALA A 149 24.75 -17.13 -35.82
N GLU A 150 24.18 -17.74 -34.78
CA GLU A 150 24.97 -18.63 -33.91
C GLU A 150 25.52 -19.82 -34.69
N GLN A 151 24.65 -20.56 -35.40
CA GLN A 151 25.14 -21.75 -36.08
CA GLN A 151 25.05 -21.73 -36.19
C GLN A 151 26.18 -21.39 -37.14
N ALA A 152 26.03 -20.28 -37.86
CA ALA A 152 26.95 -19.90 -38.92
C ALA A 152 28.10 -19.03 -38.43
N SER A 153 28.19 -18.76 -37.13
CA SER A 153 29.16 -17.82 -36.56
C SER A 153 29.23 -16.51 -37.35
N LEU A 154 28.07 -15.97 -37.74
CA LEU A 154 28.03 -14.65 -38.38
C LEU A 154 28.45 -13.57 -37.39
N ASP A 155 29.20 -12.57 -37.86
CA ASP A 155 29.63 -11.50 -36.98
C ASP A 155 28.49 -10.48 -36.86
N VAL A 156 28.78 -9.36 -36.17
CA VAL A 156 27.75 -8.36 -35.88
C VAL A 156 27.25 -7.72 -37.16
N LEU A 157 28.17 -7.39 -38.08
CA LEU A 157 27.78 -6.80 -39.37
C LEU A 157 26.83 -7.71 -40.13
N HIS A 158 27.18 -8.98 -40.24
CA HIS A 158 26.35 -9.89 -41.04
C HIS A 158 25.02 -10.19 -40.35
N ARG A 159 25.00 -10.25 -39.02
CA ARG A 159 23.71 -10.44 -38.35
C ARG A 159 22.82 -9.21 -38.53
N ALA A 160 23.40 -8.02 -38.42
CA ALA A 160 22.63 -6.79 -38.65
C ALA A 160 22.02 -6.80 -40.04
N ALA A 161 22.79 -7.20 -41.05
CA ALA A 161 22.28 -7.23 -42.41
C ALA A 161 21.35 -8.42 -42.64
N LEU A 162 21.52 -9.52 -41.88
CA LEU A 162 20.50 -10.56 -41.93
C LEU A 162 19.17 -10.03 -41.40
N ASP A 163 19.20 -9.24 -40.33
CA ASP A 163 17.97 -8.59 -39.83
C ASP A 163 17.35 -7.68 -40.89
N ARG A 164 18.17 -7.04 -41.72
CA ARG A 164 17.64 -6.25 -42.83
C ARG A 164 17.00 -7.16 -43.87
N ALA A 165 17.61 -8.32 -44.14
CA ALA A 165 17.10 -9.18 -45.21
C ALA A 165 15.76 -9.80 -44.88
N VAL A 166 15.50 -10.13 -43.61
CA VAL A 166 14.27 -10.81 -43.21
C VAL A 166 13.12 -9.83 -42.95
N ALA A 167 13.37 -8.55 -43.28
CA ALA A 167 12.48 -7.44 -42.91
C ALA A 167 11.00 -7.72 -43.19
N ARG A 168 10.68 -8.30 -44.33
CA ARG A 168 9.27 -8.43 -44.70
C ARG A 168 8.86 -9.89 -44.94
N ILE A 169 9.50 -10.82 -44.25
CA ILE A 169 8.92 -12.16 -44.13
C ILE A 169 7.55 -12.07 -43.47
N CYS A 170 7.49 -11.42 -42.33
CA CYS A 170 6.23 -11.23 -41.62
C CYS A 170 5.37 -10.23 -42.36
N VAL A 171 4.10 -10.55 -42.55
CA VAL A 171 3.15 -9.64 -43.18
C VAL A 171 1.89 -9.60 -42.34
N LYS A 172 1.34 -8.40 -42.15
CA LYS A 172 0.17 -8.19 -41.30
C LYS A 172 -1.01 -9.05 -41.71
N GLN B 12 42.81 17.16 -41.23
N GLN B 12 43.22 16.79 -40.62
CA GLN B 12 42.16 18.14 -42.09
CA GLN B 12 42.42 17.44 -41.66
C GLN B 12 41.38 17.47 -43.21
C GLN B 12 41.89 16.43 -42.66
N ASP B 13 40.58 16.48 -42.84
CA ASP B 13 39.86 15.67 -43.82
C ASP B 13 38.60 16.46 -44.14
N ALA B 14 38.53 17.02 -45.35
CA ALA B 14 37.44 17.94 -45.69
C ALA B 14 36.05 17.33 -45.57
N PHE B 15 35.93 16.00 -45.57
CA PHE B 15 34.61 15.40 -45.50
C PHE B 15 34.11 15.12 -44.08
N VAL B 16 34.88 15.48 -43.05
CA VAL B 16 34.42 15.25 -41.66
C VAL B 16 33.14 16.00 -41.32
N PRO B 17 33.03 17.32 -41.55
CA PRO B 17 31.75 18.00 -41.23
C PRO B 17 30.54 17.34 -41.87
N LEU B 18 30.63 16.98 -43.16
CA LEU B 18 29.51 16.31 -43.84
C LEU B 18 29.17 14.97 -43.19
N VAL B 19 30.20 14.17 -42.89
CA VAL B 19 29.95 12.86 -42.30
C VAL B 19 29.36 13.02 -40.88
N ARG B 20 29.82 14.03 -40.13
CA ARG B 20 29.22 14.33 -38.83
C ARG B 20 27.72 14.63 -38.95
N SER B 21 27.33 15.45 -39.93
CA SER B 21 25.90 15.73 -40.06
CA SER B 21 25.91 15.73 -40.09
C SER B 21 25.12 14.48 -40.48
N MET B 22 25.74 13.59 -41.27
CA MET B 22 25.09 12.33 -41.59
C MET B 22 24.99 11.43 -40.35
N ALA B 23 26.01 11.44 -39.50
CA ALA B 23 25.95 10.65 -38.27
C ALA B 23 24.87 11.20 -37.36
N ASP B 24 24.74 12.52 -37.27
CA ASP B 24 23.67 13.08 -36.45
C ASP B 24 22.33 12.61 -36.93
N ARG B 25 22.12 12.58 -38.24
CA ARG B 25 20.82 12.12 -38.76
C ARG B 25 20.63 10.64 -38.53
N LEU B 26 21.68 9.86 -38.79
CA LEU B 26 21.65 8.43 -38.56
C LEU B 26 21.22 8.10 -37.13
N ASN B 27 21.78 8.81 -36.16
CA ASN B 27 21.58 8.43 -34.77
C ASN B 27 20.18 8.76 -34.27
N THR B 28 19.34 9.44 -35.07
CA THR B 28 17.91 9.50 -34.72
C THR B 28 17.23 8.14 -34.86
N ALA B 29 17.89 7.17 -35.51
CA ALA B 29 17.28 5.85 -35.68
C ALA B 29 17.01 5.18 -34.34
N ASP B 30 17.85 5.43 -33.34
CA ASP B 30 17.66 4.81 -32.05
C ASP B 30 16.31 5.22 -31.46
N GLN B 31 15.95 6.49 -31.59
CA GLN B 31 14.68 6.96 -31.04
C GLN B 31 13.49 6.51 -31.90
N VAL B 32 13.64 6.54 -33.21
CA VAL B 32 12.57 6.10 -34.09
C VAL B 32 12.27 4.62 -33.85
N ALA B 33 13.33 3.83 -33.71
CA ALA B 33 13.15 2.40 -33.42
C ALA B 33 12.35 2.19 -32.13
N LEU B 34 12.65 2.97 -31.10
CA LEU B 34 11.90 2.88 -29.86
C LEU B 34 10.43 3.20 -30.07
N SER B 35 10.14 4.20 -30.91
CA SER B 35 8.76 4.56 -31.19
C SER B 35 8.04 3.41 -31.88
N LYS B 36 8.71 2.74 -32.80
CA LYS B 36 8.07 1.66 -33.53
C LYS B 36 7.93 0.43 -32.67
N TRP B 37 8.85 0.24 -31.72
CA TRP B 37 8.67 -0.83 -30.75
C TRP B 37 7.36 -0.62 -29.99
N ASP B 38 7.13 0.61 -29.53
CA ASP B 38 5.93 0.96 -28.77
C ASP B 38 4.65 0.83 -29.60
N THR B 39 4.65 1.36 -30.82
CA THR B 39 3.43 1.43 -31.62
C THR B 39 3.17 0.19 -32.46
N GLY B 40 4.22 -0.57 -32.81
CA GLY B 40 4.04 -1.68 -33.72
C GLY B 40 3.94 -1.30 -35.18
N GLN B 41 4.13 -0.03 -35.51
CA GLN B 41 4.23 0.40 -36.89
C GLN B 41 5.48 -0.18 -37.56
N PRO B 42 5.42 -0.51 -38.84
CA PRO B 42 6.58 -1.11 -39.52
C PRO B 42 7.70 -0.09 -39.71
N VAL B 43 8.91 -0.61 -39.82
CA VAL B 43 10.05 0.26 -40.13
C VAL B 43 9.84 0.96 -41.46
N TYR B 44 9.30 0.24 -42.43
CA TYR B 44 9.17 0.77 -43.79
C TYR B 44 7.79 1.35 -43.94
N ASP B 45 7.72 2.65 -44.22
CA ASP B 45 6.49 3.33 -44.57
C ASP B 45 6.73 3.93 -45.95
N GLY B 46 6.14 3.31 -46.98
CA GLY B 46 6.43 3.71 -48.35
C GLY B 46 6.13 5.18 -48.62
N GLN B 47 4.91 5.62 -48.29
CA GLN B 47 4.55 7.00 -48.57
C GLN B 47 5.31 8.00 -47.69
N ARG B 48 5.60 7.64 -46.44
CA ARG B 48 6.40 8.52 -45.60
C ARG B 48 7.81 8.68 -46.17
N GLU B 49 8.43 7.57 -46.57
CA GLU B 49 9.77 7.65 -47.14
CA GLU B 49 9.77 7.64 -47.15
C GLU B 49 9.77 8.43 -48.45
N ALA B 50 8.78 8.19 -49.30
CA ALA B 50 8.71 8.93 -50.56
C ALA B 50 8.66 10.44 -50.29
N GLN B 51 7.95 10.85 -49.24
CA GLN B 51 7.82 12.27 -48.91
C GLN B 51 9.13 12.84 -48.36
N VAL B 52 9.87 12.07 -47.56
CA VAL B 52 11.20 12.52 -47.13
C VAL B 52 12.10 12.77 -48.35
N ILE B 53 12.05 11.87 -49.31
CA ILE B 53 12.90 12.04 -50.48
C ILE B 53 12.42 13.21 -51.33
N ALA B 54 11.10 13.39 -51.46
CA ALA B 54 10.57 14.52 -52.22
C ALA B 54 10.94 15.85 -51.56
N ASN B 55 10.96 15.87 -50.23
CA ASN B 55 11.34 17.08 -49.51
C ASN B 55 12.79 17.45 -49.81
N ALA B 56 13.65 16.45 -49.97
CA ALA B 56 15.04 16.76 -50.31
C ALA B 56 15.15 17.25 -51.75
N ALA B 57 14.41 16.63 -52.66
CA ALA B 57 14.38 17.13 -54.04
C ALA B 57 13.89 18.57 -54.10
N THR B 58 12.92 18.93 -53.26
CA THR B 58 12.40 20.29 -53.26
C THR B 58 13.47 21.29 -52.85
N MET B 59 14.33 20.91 -51.91
CA MET B 59 15.30 21.85 -51.38
C MET B 59 16.63 21.81 -52.13
N ALA B 60 16.85 20.79 -52.99
CA ALA B 60 18.14 20.60 -53.65
C ALA B 60 18.72 21.88 -54.25
N SER B 61 17.94 22.62 -55.04
CA SER B 61 18.53 23.73 -55.77
C SER B 61 18.96 24.87 -54.85
N GLU B 62 18.35 24.99 -53.68
CA GLU B 62 18.76 26.01 -52.71
C GLU B 62 20.23 25.84 -52.31
N TYR B 63 20.75 24.61 -52.35
CA TYR B 63 22.15 24.31 -52.07
C TYR B 63 22.95 23.99 -53.34
N GLY B 64 22.42 24.37 -54.51
CA GLY B 64 23.14 24.15 -55.75
C GLY B 64 23.23 22.70 -56.18
N LEU B 65 22.43 21.82 -55.57
CA LEU B 65 22.46 20.40 -55.87
C LEU B 65 21.47 20.08 -56.97
N THR B 66 21.78 19.10 -57.81
CA THR B 66 20.76 18.59 -58.71
C THR B 66 19.72 17.81 -57.91
N ALA B 67 18.51 17.74 -58.45
CA ALA B 67 17.48 16.94 -57.80
C ALA B 67 17.92 15.48 -57.70
N GLU B 68 18.55 14.96 -58.75
CA GLU B 68 18.96 13.56 -58.74
C GLU B 68 19.99 13.30 -57.65
N ASP B 69 20.93 14.21 -57.49
CA ASP B 69 21.96 14.07 -56.45
C ASP B 69 21.34 14.10 -55.06
N ALA B 70 20.45 15.07 -54.81
CA ALA B 70 19.75 15.12 -53.53
C ALA B 70 18.95 13.85 -53.30
N ILE B 71 18.27 13.37 -54.33
CA ILE B 71 17.47 12.15 -54.18
C ILE B 71 18.35 10.96 -53.80
N ASN B 72 19.50 10.81 -54.46
CA ASN B 72 20.40 9.70 -54.17
C ASN B 72 20.95 9.78 -52.74
N ILE B 73 21.42 10.96 -52.34
CA ILE B 73 21.97 11.15 -51.00
C ILE B 73 20.92 10.81 -49.94
N PHE B 74 19.71 11.34 -50.08
CA PHE B 74 18.72 11.09 -49.04
C PHE B 74 18.06 9.72 -49.15
N SER B 75 18.02 9.12 -50.33
CA SER B 75 17.74 7.70 -50.40
CA SER B 75 17.74 7.70 -50.40
C SER B 75 18.74 6.91 -49.57
N ASP B 76 20.03 7.25 -49.69
CA ASP B 76 21.03 6.57 -48.87
C ASP B 76 20.82 6.89 -47.38
N GLN B 77 20.43 8.11 -47.04
CA GLN B 77 20.19 8.39 -45.62
C GLN B 77 19.06 7.52 -45.07
N VAL B 78 17.95 7.41 -45.80
CA VAL B 78 16.81 6.66 -45.28
CA VAL B 78 16.79 6.65 -45.33
C VAL B 78 17.13 5.17 -45.22
N GLU B 79 17.87 4.65 -46.19
CA GLU B 79 18.24 3.24 -46.11
CA GLU B 79 18.24 3.25 -46.13
C GLU B 79 19.15 2.98 -44.93
N ALA B 80 20.11 3.86 -44.67
CA ALA B 80 20.98 3.66 -43.51
C ALA B 80 20.18 3.67 -42.21
N ASN B 81 19.22 4.60 -42.11
CA ASN B 81 18.39 4.69 -40.91
C ASN B 81 17.59 3.41 -40.70
N LYS B 82 16.98 2.89 -41.77
CA LYS B 82 16.24 1.63 -41.64
C LYS B 82 17.15 0.48 -41.22
N GLU B 83 18.38 0.45 -41.74
CA GLU B 83 19.33 -0.60 -41.36
CA GLU B 83 19.30 -0.62 -41.37
C GLU B 83 19.52 -0.63 -39.85
N VAL B 84 19.68 0.53 -39.24
CA VAL B 84 19.85 0.56 -37.80
C VAL B 84 18.55 0.14 -37.10
N GLN B 85 17.42 0.66 -37.56
CA GLN B 85 16.14 0.34 -36.92
C GLN B 85 15.84 -1.17 -36.96
N TYR B 86 16.06 -1.82 -38.11
CA TYR B 86 15.76 -3.25 -38.19
C TYR B 86 16.61 -4.04 -37.22
N ALA B 87 17.92 -3.74 -37.17
CA ALA B 87 18.79 -4.51 -36.29
C ALA B 87 18.44 -4.27 -34.82
N LEU B 88 18.23 -2.99 -34.44
CA LEU B 88 17.85 -2.70 -33.06
C LEU B 88 16.59 -3.44 -32.65
N LEU B 89 15.55 -3.39 -33.51
CA LEU B 89 14.29 -4.01 -33.15
C LEU B 89 14.45 -5.51 -32.98
N ASN B 90 15.26 -6.13 -33.83
CA ASN B 90 15.43 -7.57 -33.67
C ASN B 90 16.36 -7.92 -32.52
N ASN B 91 17.37 -7.09 -32.24
CA ASN B 91 18.13 -7.24 -31.01
C ASN B 91 17.19 -7.22 -29.80
N TRP B 92 16.31 -6.22 -29.74
CA TRP B 92 15.42 -6.09 -28.59
C TRP B 92 14.49 -7.28 -28.48
N ARG B 93 13.95 -7.75 -29.60
CA ARG B 93 13.12 -8.95 -29.57
C ARG B 93 13.90 -10.15 -29.05
N ARG B 94 15.13 -10.34 -29.53
CA ARG B 94 15.92 -11.48 -29.07
C ARG B 94 16.24 -11.36 -27.58
N GLN B 95 16.62 -10.15 -27.13
CA GLN B 95 16.79 -9.90 -25.69
C GLN B 95 15.48 -10.06 -24.92
N GLY B 96 14.37 -9.66 -25.52
CA GLY B 96 13.08 -9.73 -24.84
C GLY B 96 12.52 -8.41 -24.34
N ASP B 97 13.20 -7.29 -24.56
CA ASP B 97 12.64 -5.99 -24.23
C ASP B 97 13.48 -4.90 -24.87
N ALA B 98 12.88 -3.73 -25.01
CA ALA B 98 13.57 -2.55 -25.51
C ALA B 98 14.20 -1.78 -24.35
N PRO B 99 15.19 -0.93 -24.61
CA PRO B 99 15.75 -0.11 -23.53
C PRO B 99 14.66 0.74 -22.87
N ALA B 100 14.88 1.08 -21.60
CA ALA B 100 13.93 1.88 -20.85
C ALA B 100 14.08 3.40 -21.12
N THR B 101 14.84 3.75 -22.12
CA THR B 101 15.13 5.13 -22.48
C THR B 101 13.84 5.94 -22.65
N PRO B 102 13.81 7.19 -22.21
CA PRO B 102 12.64 8.03 -22.49
C PRO B 102 12.50 8.22 -24.01
N ARG B 103 11.26 8.26 -24.46
CA ARG B 103 10.97 8.52 -25.87
C ARG B 103 10.73 10.01 -26.08
N GLN B 104 11.49 10.60 -27.00
CA GLN B 104 11.24 11.95 -27.46
C GLN B 104 10.10 11.94 -28.47
N SER B 105 9.29 12.99 -28.47
CA SER B 105 8.14 13.00 -29.37
C SER B 105 8.56 13.24 -30.81
N LEU B 106 7.85 12.57 -31.71
CA LEU B 106 8.11 12.72 -33.14
C LEU B 106 7.85 14.14 -33.60
N ALA B 107 6.71 14.72 -33.18
CA ALA B 107 6.37 16.07 -33.64
C ALA B 107 7.21 17.14 -32.97
N GLY B 108 7.59 16.93 -31.70
CA GLY B 108 8.28 17.97 -30.96
C GLY B 108 9.79 17.94 -31.13
N VAL B 109 10.36 16.78 -31.40
CA VAL B 109 11.80 16.62 -31.38
C VAL B 109 12.35 15.95 -32.65
N ILE B 110 11.84 14.76 -33.00
CA ILE B 110 12.50 13.98 -34.06
C ILE B 110 12.34 14.66 -35.42
N ARG B 111 11.10 14.92 -35.82
CA ARG B 111 10.85 15.56 -37.11
C ARG B 111 11.53 16.92 -37.23
N PRO B 112 11.48 17.83 -36.25
CA PRO B 112 12.25 19.09 -36.43
C PRO B 112 13.74 18.87 -36.53
N ILE B 113 14.33 17.94 -35.75
CA ILE B 113 15.75 17.63 -35.87
C ILE B 113 16.08 17.22 -37.30
N LEU B 114 15.31 16.25 -37.80
CA LEU B 114 15.53 15.73 -39.15
C LEU B 114 15.41 16.84 -40.19
N ASP B 115 14.47 17.76 -39.99
CA ASP B 115 14.31 18.90 -40.90
C ASP B 115 15.56 19.78 -40.89
N LYS B 116 16.06 20.11 -39.69
CA LYS B 116 17.26 20.93 -39.61
C LYS B 116 18.46 20.20 -40.21
N LEU B 117 18.57 18.89 -39.97
CA LEU B 117 19.72 18.12 -40.49
C LEU B 117 19.69 17.95 -42.00
N GLN B 118 18.50 17.96 -42.62
CA GLN B 118 18.48 18.01 -44.09
C GLN B 118 19.26 19.23 -44.59
N ALA B 119 18.97 20.40 -44.02
CA ALA B 119 19.67 21.62 -44.41
C ALA B 119 21.17 21.53 -44.09
N SER B 120 21.52 20.99 -42.91
CA SER B 120 22.91 20.85 -42.53
CA SER B 120 22.91 20.85 -42.53
C SER B 120 23.67 19.95 -43.51
N ILE B 121 23.09 18.79 -43.83
CA ILE B 121 23.72 17.89 -44.77
C ILE B 121 23.89 18.55 -46.13
N MET B 122 22.86 19.26 -46.60
CA MET B 122 22.95 19.87 -47.92
C MET B 122 23.95 21.02 -47.94
N GLN B 123 23.98 21.83 -46.87
CA GLN B 123 25.00 22.87 -46.82
C GLN B 123 26.40 22.27 -46.82
N ASN B 124 26.62 21.18 -46.08
CA ASN B 124 27.96 20.59 -46.08
C ASN B 124 28.31 20.01 -47.44
N LEU B 125 27.33 19.36 -48.10
CA LEU B 125 27.55 18.85 -49.45
C LEU B 125 27.95 19.96 -50.41
N GLN B 126 27.24 21.08 -50.35
CA GLN B 126 27.55 22.19 -51.23
C GLN B 126 28.97 22.69 -51.00
N SER B 127 29.41 22.79 -49.74
CA SER B 127 30.72 23.37 -49.45
CA SER B 127 30.71 23.38 -49.46
C SER B 127 31.86 22.49 -49.96
N VAL B 128 31.64 21.18 -50.08
CA VAL B 128 32.69 20.30 -50.61
C VAL B 128 32.41 19.86 -52.03
N ALA B 129 31.46 20.49 -52.73
CA ALA B 129 31.19 20.13 -54.13
C ALA B 129 32.45 19.90 -54.96
N PRO B 130 33.45 20.78 -54.98
CA PRO B 130 34.58 20.55 -55.90
C PRO B 130 35.38 19.31 -55.55
N LEU B 131 35.25 18.80 -54.33
CA LEU B 131 36.05 17.67 -53.89
C LEU B 131 35.37 16.34 -54.09
N ARG B 132 34.09 16.32 -54.46
CA ARG B 132 33.36 15.05 -54.51
C ARG B 132 33.77 14.18 -55.68
N SER B 133 34.55 14.74 -56.61
CA SER B 133 34.94 14.01 -57.79
C SER B 133 36.45 13.78 -57.86
N ILE B 134 37.20 14.17 -56.82
CA ILE B 134 38.65 13.96 -56.83
C ILE B 134 38.96 12.49 -56.54
N ALA B 135 40.14 12.07 -57.01
CA ALA B 135 40.48 10.64 -56.99
C ALA B 135 40.51 10.07 -55.58
N ASP B 136 41.00 10.83 -54.61
CA ASP B 136 41.10 10.31 -53.26
C ASP B 136 39.81 10.43 -52.48
N CYS B 137 38.67 10.72 -53.11
CA CYS B 137 37.46 10.98 -52.33
C CYS B 137 37.07 9.77 -51.48
N HIS B 138 37.14 8.56 -52.04
CA HIS B 138 36.70 7.39 -51.29
C HIS B 138 37.50 7.23 -49.99
N ALA B 139 38.82 7.29 -50.11
CA ALA B 139 39.70 7.21 -48.94
C ALA B 139 39.39 8.30 -47.92
N LEU B 140 39.18 9.53 -48.37
CA LEU B 140 38.91 10.60 -47.41
C LEU B 140 37.59 10.35 -46.67
N VAL B 141 36.58 9.88 -47.38
CA VAL B 141 35.28 9.66 -46.76
C VAL B 141 35.37 8.51 -45.78
N ALA B 142 36.07 7.43 -46.16
CA ALA B 142 36.22 6.27 -45.28
C ALA B 142 36.93 6.67 -43.98
N SER B 143 37.99 7.46 -44.10
CA SER B 143 38.71 7.89 -42.90
C SER B 143 37.85 8.81 -42.06
N ALA B 144 37.02 9.61 -42.70
CA ALA B 144 36.08 10.47 -42.00
C ALA B 144 35.09 9.64 -41.20
N VAL B 145 34.55 8.56 -41.80
CA VAL B 145 33.62 7.68 -41.09
C VAL B 145 34.25 7.12 -39.82
N GLY B 146 35.51 6.66 -39.93
CA GLY B 146 36.16 6.08 -38.76
C GLY B 146 36.39 7.08 -37.67
N GLN B 147 36.85 8.28 -38.04
CA GLN B 147 37.03 9.34 -37.06
CA GLN B 147 37.03 9.36 -37.08
C GLN B 147 35.74 9.66 -36.32
N VAL B 148 34.66 9.87 -37.08
CA VAL B 148 33.37 10.26 -36.48
C VAL B 148 32.84 9.12 -35.59
N ALA B 149 33.04 7.88 -36.01
CA ALA B 149 32.52 6.77 -35.22
C ALA B 149 33.25 6.66 -33.88
N GLU B 150 34.58 6.83 -33.88
CA GLU B 150 35.28 6.83 -32.60
C GLU B 150 34.85 8.02 -31.73
N GLN B 151 34.76 9.23 -32.31
CA GLN B 151 34.47 10.42 -31.52
CA GLN B 151 34.50 10.39 -31.47
C GLN B 151 33.08 10.36 -30.88
N ALA B 152 32.13 9.73 -31.55
CA ALA B 152 30.73 9.73 -31.11
C ALA B 152 30.28 8.38 -30.54
N SER B 153 31.21 7.46 -30.32
CA SER B 153 30.93 6.18 -29.68
CA SER B 153 30.94 6.17 -29.68
C SER B 153 29.91 5.36 -30.46
N LEU B 154 30.12 5.28 -31.77
CA LEU B 154 29.28 4.42 -32.62
C LEU B 154 29.80 2.99 -32.60
N ASP B 155 28.92 2.04 -32.28
CA ASP B 155 29.33 0.64 -32.27
C ASP B 155 29.39 0.12 -33.72
N VAL B 156 29.58 -1.19 -33.86
CA VAL B 156 29.76 -1.78 -35.19
C VAL B 156 28.52 -1.60 -36.05
N LEU B 157 27.33 -1.73 -35.44
CA LEU B 157 26.08 -1.50 -36.17
C LEU B 157 26.01 -0.06 -36.69
N HIS B 158 26.32 0.93 -35.82
CA HIS B 158 26.13 2.31 -36.24
C HIS B 158 27.22 2.74 -37.22
N ARG B 159 28.44 2.21 -37.10
CA ARG B 159 29.46 2.54 -38.10
C ARG B 159 29.13 1.93 -39.46
N ALA B 160 28.64 0.69 -39.48
CA ALA B 160 28.30 0.04 -40.76
C ALA B 160 27.22 0.81 -41.50
N ALA B 161 26.21 1.28 -40.77
CA ALA B 161 25.16 2.07 -41.38
C ALA B 161 25.68 3.46 -41.76
N LEU B 162 26.64 4.00 -41.02
CA LEU B 162 27.22 5.26 -41.48
C LEU B 162 27.98 5.04 -42.78
N ASP B 163 28.66 3.90 -42.93
CA ASP B 163 29.26 3.59 -44.24
C ASP B 163 28.20 3.52 -45.33
N ARG B 164 26.99 3.07 -44.99
CA ARG B 164 25.90 3.03 -45.95
C ARG B 164 25.41 4.42 -46.30
N ALA B 165 25.37 5.33 -45.31
CA ALA B 165 24.87 6.70 -45.52
C ALA B 165 25.77 7.51 -46.46
N VAL B 166 27.09 7.35 -46.34
CA VAL B 166 28.08 8.12 -47.10
C VAL B 166 28.32 7.53 -48.50
N ALA B 167 27.52 6.54 -48.87
CA ALA B 167 27.75 5.75 -50.09
C ALA B 167 28.00 6.59 -51.35
N ARG B 168 27.30 7.70 -51.52
CA ARG B 168 27.37 8.36 -52.83
C ARG B 168 27.78 9.81 -52.68
N ILE B 169 28.52 10.11 -51.61
CA ILE B 169 29.24 11.36 -51.55
C ILE B 169 30.20 11.48 -52.73
N CYS B 170 31.00 10.44 -52.95
CA CYS B 170 31.96 10.48 -54.04
C CYS B 170 31.25 10.13 -55.36
N VAL B 171 31.40 10.99 -56.35
CA VAL B 171 30.74 10.80 -57.64
C VAL B 171 31.78 10.97 -58.73
N LYS B 172 31.84 10.00 -59.65
CA LYS B 172 32.91 9.91 -60.66
C LYS B 172 33.09 11.18 -61.48
N GLN C 11 -6.65 16.87 -27.08
CA GLN C 11 -6.49 16.31 -25.74
C GLN C 11 -7.59 16.84 -24.84
N GLN C 12 -8.25 15.96 -24.07
CA GLN C 12 -9.21 16.46 -23.11
CA GLN C 12 -9.22 16.44 -23.09
C GLN C 12 -8.53 17.07 -21.88
N ASP C 13 -7.28 16.68 -21.58
CA ASP C 13 -6.48 17.40 -20.58
C ASP C 13 -5.65 18.45 -21.35
N ALA C 14 -6.08 19.70 -21.27
CA ALA C 14 -5.49 20.71 -22.14
C ALA C 14 -4.01 20.95 -21.87
N PHE C 15 -3.47 20.50 -20.73
CA PHE C 15 -2.06 20.72 -20.43
C PHE C 15 -1.14 19.69 -21.06
N VAL C 16 -1.67 18.67 -21.74
CA VAL C 16 -0.80 17.60 -22.24
C VAL C 16 0.23 18.11 -23.24
N PRO C 17 -0.13 18.93 -24.25
CA PRO C 17 0.91 19.44 -25.16
C PRO C 17 2.01 20.21 -24.43
N LEU C 18 1.65 21.06 -23.47
CA LEU C 18 2.66 21.82 -22.72
C LEU C 18 3.59 20.87 -21.95
N VAL C 19 3.01 19.95 -21.19
CA VAL C 19 3.80 19.01 -20.42
C VAL C 19 4.69 18.18 -21.34
N ARG C 20 4.21 17.77 -22.53
CA ARG C 20 5.07 17.00 -23.43
CA ARG C 20 5.07 17.00 -23.43
C ARG C 20 6.23 17.86 -23.94
N SER C 21 6.00 19.15 -24.19
CA SER C 21 7.12 20.00 -24.62
CA SER C 21 7.11 20.00 -24.62
C SER C 21 8.12 20.17 -23.50
N MET C 22 7.66 20.27 -22.25
CA MET C 22 8.60 20.24 -21.11
C MET C 22 9.29 18.88 -20.99
N ALA C 23 8.57 17.78 -21.25
CA ALA C 23 9.22 16.47 -21.20
C ALA C 23 10.27 16.33 -22.30
N ASP C 24 9.96 16.81 -23.50
CA ASP C 24 10.95 16.78 -24.58
C ASP C 24 12.20 17.57 -24.19
N ARG C 25 12.02 18.74 -23.58
CA ARG C 25 13.19 19.52 -23.19
C ARG C 25 13.94 18.81 -22.07
N LEU C 26 13.21 18.25 -21.10
CA LEU C 26 13.82 17.56 -19.97
C LEU C 26 14.67 16.38 -20.44
N ASN C 27 14.16 15.64 -21.43
CA ASN C 27 14.83 14.40 -21.79
C ASN C 27 16.14 14.62 -22.52
N THR C 28 16.43 15.85 -22.99
CA THR C 28 17.78 16.11 -23.50
C THR C 28 18.83 15.91 -22.41
N ALA C 29 18.40 15.83 -21.15
CA ALA C 29 19.37 15.67 -20.07
C ALA C 29 20.16 14.39 -20.23
N ASP C 30 19.55 13.36 -20.80
CA ASP C 30 20.24 12.07 -20.94
C ASP C 30 21.45 12.23 -21.85
N GLN C 31 21.28 12.90 -22.97
CA GLN C 31 22.39 13.12 -23.90
C GLN C 31 23.40 14.11 -23.33
N VAL C 32 22.91 15.15 -22.64
CA VAL C 32 23.83 16.14 -22.07
C VAL C 32 24.66 15.50 -20.96
N ALA C 33 24.03 14.67 -20.11
CA ALA C 33 24.80 13.94 -19.09
C ALA C 33 25.86 13.06 -19.75
N LEU C 34 25.52 12.38 -20.84
CA LEU C 34 26.47 11.56 -21.57
C LEU C 34 27.67 12.38 -22.02
N SER C 35 27.42 13.53 -22.63
CA SER C 35 28.51 14.42 -23.05
C SER C 35 29.39 14.82 -21.86
N LYS C 36 28.77 15.21 -20.74
CA LYS C 36 29.57 15.65 -19.61
C LYS C 36 30.32 14.48 -18.96
N TRP C 37 29.78 13.26 -19.04
CA TRP C 37 30.56 12.11 -18.62
C TRP C 37 31.84 11.99 -19.44
N ASP C 38 31.75 12.30 -20.73
CA ASP C 38 32.94 12.20 -21.59
C ASP C 38 33.91 13.34 -21.33
N THR C 39 33.41 14.56 -21.23
CA THR C 39 34.28 15.73 -21.20
C THR C 39 34.71 16.14 -19.80
N GLY C 40 34.02 15.67 -18.76
CA GLY C 40 34.26 16.19 -17.43
C GLY C 40 33.73 17.59 -17.18
N GLN C 41 32.98 18.17 -18.13
CA GLN C 41 32.33 19.45 -17.87
C GLN C 41 31.30 19.29 -16.74
N PRO C 42 31.12 20.31 -15.90
CA PRO C 42 30.21 20.18 -14.76
C PRO C 42 28.75 20.29 -15.18
N VAL C 43 27.89 19.71 -14.34
CA VAL C 43 26.45 19.84 -14.53
C VAL C 43 26.04 21.32 -14.53
N TYR C 44 26.44 22.05 -13.52
CA TYR C 44 26.01 23.44 -13.36
C TYR C 44 26.91 24.39 -14.15
N ASP C 45 26.30 25.23 -14.98
CA ASP C 45 27.03 26.28 -15.71
C ASP C 45 26.21 27.54 -15.50
N GLY C 46 26.65 28.38 -14.56
CA GLY C 46 25.84 29.52 -14.16
C GLY C 46 25.62 30.52 -15.30
N GLN C 47 26.65 30.80 -16.08
CA GLN C 47 26.50 31.74 -17.19
C GLN C 47 25.51 31.21 -18.24
N ARG C 48 25.61 29.92 -18.60
CA ARG C 48 24.69 29.35 -19.60
C ARG C 48 23.27 29.34 -19.09
N GLU C 49 23.05 28.91 -17.84
CA GLU C 49 21.68 28.90 -17.32
C GLU C 49 21.13 30.32 -17.23
N ALA C 50 21.97 31.30 -16.84
CA ALA C 50 21.46 32.67 -16.81
C ALA C 50 21.02 33.10 -18.21
N GLN C 51 21.79 32.74 -19.24
CA GLN C 51 21.42 33.11 -20.61
C GLN C 51 20.11 32.45 -21.02
N VAL C 52 19.94 31.18 -20.65
CA VAL C 52 18.71 30.45 -20.97
C VAL C 52 17.51 31.17 -20.38
N ILE C 53 17.60 31.53 -19.11
CA ILE C 53 16.45 32.12 -18.40
C ILE C 53 16.20 33.56 -18.86
N ALA C 54 17.28 34.32 -19.06
CA ALA C 54 17.11 35.69 -19.51
C ALA C 54 16.55 35.73 -20.94
N ASN C 55 16.94 34.77 -21.77
CA ASN C 55 16.39 34.68 -23.11
C ASN C 55 14.88 34.45 -23.04
N ALA C 56 14.43 33.52 -22.19
CA ALA C 56 12.99 33.33 -22.07
C ALA C 56 12.32 34.60 -21.57
N ALA C 57 12.92 35.26 -20.58
CA ALA C 57 12.33 36.49 -20.06
C ALA C 57 12.25 37.55 -21.15
N THR C 58 13.20 37.53 -22.10
CA THR C 58 13.20 38.54 -23.16
C THR C 58 12.01 38.37 -24.09
N MET C 59 11.64 37.12 -24.37
CA MET C 59 10.57 36.79 -25.31
C MET C 59 9.20 36.75 -24.66
N ALA C 60 9.13 36.95 -23.35
CA ALA C 60 7.88 36.73 -22.61
C ALA C 60 6.70 37.49 -23.22
N SER C 61 6.85 38.81 -23.43
CA SER C 61 5.68 39.61 -23.81
C SER C 61 5.09 39.15 -25.13
N GLU C 62 5.93 38.58 -25.99
CA GLU C 62 5.45 38.05 -27.26
C GLU C 62 4.46 36.91 -27.06
N TYR C 63 4.47 36.26 -25.90
CA TYR C 63 3.50 35.21 -25.59
C TYR C 63 2.52 35.63 -24.50
N GLY C 64 2.33 36.93 -24.31
CA GLY C 64 1.41 37.37 -23.27
C GLY C 64 1.87 37.08 -21.87
N LEU C 65 3.16 36.80 -21.66
CA LEU C 65 3.65 36.43 -20.35
C LEU C 65 4.38 37.61 -19.71
N THR C 66 4.42 37.63 -18.37
CA THR C 66 5.31 38.55 -17.68
C THR C 66 6.72 37.97 -17.67
N ALA C 67 7.72 38.84 -17.56
CA ALA C 67 9.10 38.35 -17.39
C ALA C 67 9.21 37.50 -16.13
N GLU C 68 8.49 37.87 -15.07
CA GLU C 68 8.54 37.10 -13.82
C GLU C 68 8.11 35.66 -14.03
N ASP C 69 7.00 35.48 -14.75
CA ASP C 69 6.46 34.15 -15.07
C ASP C 69 7.44 33.34 -15.92
N ALA C 70 7.95 33.94 -17.00
CA ALA C 70 8.93 33.25 -17.83
C ALA C 70 10.18 32.86 -17.04
N ILE C 71 10.65 33.76 -16.15
CA ILE C 71 11.84 33.44 -15.34
C ILE C 71 11.56 32.23 -14.46
N ASN C 72 10.41 32.25 -13.78
CA ASN C 72 10.00 31.13 -12.94
C ASN C 72 9.90 29.83 -13.76
N ILE C 73 9.25 29.89 -14.91
CA ILE C 73 9.06 28.69 -15.69
C ILE C 73 10.41 28.13 -16.13
N PHE C 74 11.30 29.00 -16.57
CA PHE C 74 12.52 28.44 -17.12
C PHE C 74 13.56 28.14 -16.05
N SER C 75 13.47 28.80 -14.89
CA SER C 75 14.24 28.32 -13.75
CA SER C 75 14.23 28.32 -13.74
CA SER C 75 14.24 28.31 -13.75
C SER C 75 13.81 26.90 -13.38
N ASP C 76 12.49 26.63 -13.41
CA ASP C 76 12.05 25.26 -13.17
C ASP C 76 12.57 24.31 -14.24
N GLN C 77 12.60 24.75 -15.52
CA GLN C 77 13.08 23.86 -16.59
C GLN C 77 14.55 23.50 -16.38
N VAL C 78 15.38 24.49 -16.04
CA VAL C 78 16.80 24.19 -15.92
CA VAL C 78 16.81 24.26 -15.87
C VAL C 78 17.08 23.41 -14.64
N GLU C 79 16.32 23.65 -13.57
CA GLU C 79 16.53 22.84 -12.36
CA GLU C 79 16.51 22.85 -12.37
C GLU C 79 16.09 21.40 -12.58
N ALA C 80 14.99 21.19 -13.29
CA ALA C 80 14.57 19.83 -13.64
C ALA C 80 15.65 19.12 -14.42
N ASN C 81 16.26 19.83 -15.38
CA ASN C 81 17.25 19.19 -16.23
C ASN C 81 18.47 18.78 -15.40
N LYS C 82 18.92 19.65 -14.49
CA LYS C 82 20.05 19.29 -13.62
C LYS C 82 19.72 18.10 -12.72
N GLU C 83 18.49 18.02 -12.21
CA GLU C 83 18.13 16.88 -11.38
CA GLU C 83 18.08 16.88 -11.39
C GLU C 83 18.35 15.57 -12.11
N VAL C 84 17.97 15.51 -13.39
CA VAL C 84 18.22 14.29 -14.16
C VAL C 84 19.71 14.08 -14.36
N GLN C 85 20.44 15.14 -14.68
CA GLN C 85 21.86 14.97 -14.97
C GLN C 85 22.63 14.51 -13.74
N TYR C 86 22.36 15.11 -12.59
CA TYR C 86 23.11 14.73 -11.40
C TYR C 86 22.88 13.25 -11.08
N ALA C 87 21.62 12.80 -11.11
CA ALA C 87 21.31 11.41 -10.79
C ALA C 87 21.91 10.44 -11.81
N LEU C 88 21.84 10.76 -13.10
CA LEU C 88 22.44 9.86 -14.08
C LEU C 88 23.94 9.75 -13.87
N LEU C 89 24.64 10.89 -13.72
CA LEU C 89 26.09 10.81 -13.59
C LEU C 89 26.48 10.00 -12.36
N ASN C 90 25.71 10.10 -11.27
CA ASN C 90 26.04 9.32 -10.08
C ASN C 90 25.61 7.88 -10.20
N ASN C 91 24.52 7.62 -10.93
CA ASN C 91 24.18 6.24 -11.27
C ASN C 91 25.34 5.59 -12.04
N TRP C 92 25.89 6.30 -13.02
CA TRP C 92 26.96 5.74 -13.84
C TRP C 92 28.25 5.57 -13.05
N ARG C 93 28.57 6.53 -12.17
CA ARG C 93 29.74 6.35 -11.31
C ARG C 93 29.60 5.12 -10.44
N ARG C 94 28.43 4.95 -9.80
CA ARG C 94 28.21 3.80 -8.95
C ARG C 94 28.25 2.50 -9.75
N GLN C 95 27.73 2.52 -10.99
CA GLN C 95 27.76 1.36 -11.87
CA GLN C 95 27.79 1.29 -11.76
C GLN C 95 29.15 1.09 -12.43
N GLY C 96 29.99 2.10 -12.49
CA GLY C 96 31.32 1.95 -13.04
C GLY C 96 31.49 2.35 -14.49
N ASP C 97 30.40 2.69 -15.19
CA ASP C 97 30.54 3.20 -16.56
C ASP C 97 29.20 3.78 -17.02
N ALA C 98 29.27 4.61 -18.09
CA ALA C 98 28.11 5.17 -18.76
C ALA C 98 27.69 4.31 -19.94
N PRO C 99 26.44 4.44 -20.39
CA PRO C 99 26.02 3.77 -21.64
C PRO C 99 26.97 4.05 -22.80
N ALA C 100 27.16 3.04 -23.65
CA ALA C 100 28.03 3.16 -24.81
C ALA C 100 27.29 3.63 -26.06
N THR C 101 26.13 4.24 -25.88
CA THR C 101 25.25 4.61 -26.97
C THR C 101 25.74 5.89 -27.66
N PRO C 102 25.31 6.14 -28.89
CA PRO C 102 25.90 7.23 -29.67
C PRO C 102 25.69 8.59 -28.99
N ARG C 103 26.71 9.42 -29.07
CA ARG C 103 26.58 10.79 -28.61
C ARG C 103 26.11 11.66 -29.77
N GLN C 104 25.01 12.35 -29.58
CA GLN C 104 24.55 13.35 -30.53
CA GLN C 104 24.57 13.35 -30.54
C GLN C 104 25.30 14.66 -30.31
N SER C 105 25.58 15.37 -31.38
CA SER C 105 26.40 16.56 -31.24
C SER C 105 25.65 17.65 -30.49
N LEU C 106 26.37 18.32 -29.59
CA LEU C 106 25.77 19.41 -28.83
C LEU C 106 25.37 20.56 -29.74
N ALA C 107 26.26 20.93 -30.66
CA ALA C 107 25.97 22.10 -31.50
C ALA C 107 25.04 21.76 -32.65
N GLY C 108 25.03 20.51 -33.11
CA GLY C 108 24.26 20.21 -34.30
C GLY C 108 22.88 19.69 -33.99
N VAL C 109 22.67 19.15 -32.78
CA VAL C 109 21.41 18.49 -32.46
C VAL C 109 20.82 19.05 -31.17
N ILE C 110 21.60 18.99 -30.08
CA ILE C 110 21.02 19.26 -28.76
C ILE C 110 20.70 20.74 -28.61
N ARG C 111 21.61 21.60 -28.96
CA ARG C 111 21.26 23.00 -28.72
C ARG C 111 20.16 23.48 -29.67
N PRO C 112 20.18 23.11 -30.94
CA PRO C 112 19.02 23.42 -31.80
C PRO C 112 17.70 22.94 -31.25
N ILE C 113 17.64 21.71 -30.72
CA ILE C 113 16.42 21.18 -30.13
C ILE C 113 15.95 22.07 -29.01
N LEU C 114 16.89 22.44 -28.13
CA LEU C 114 16.56 23.22 -26.95
C LEU C 114 16.04 24.60 -27.35
N ASP C 115 16.64 25.21 -28.36
CA ASP C 115 16.13 26.51 -28.81
C ASP C 115 14.70 26.40 -29.34
N LYS C 116 14.41 25.37 -30.14
CA LYS C 116 13.05 25.20 -30.65
C LYS C 116 12.07 24.97 -29.51
N LEU C 117 12.47 24.17 -28.52
CA LEU C 117 11.55 23.86 -27.43
C LEU C 117 11.27 25.09 -26.56
N GLN C 118 12.20 26.05 -26.49
CA GLN C 118 11.90 27.26 -25.73
C GLN C 118 10.63 27.93 -26.27
N ALA C 119 10.56 28.10 -27.58
CA ALA C 119 9.38 28.72 -28.17
C ALA C 119 8.15 27.82 -28.02
N SER C 120 8.32 26.50 -28.21
CA SER C 120 7.18 25.60 -28.09
C SER C 120 6.58 25.67 -26.69
N ILE C 121 7.43 25.72 -25.67
CA ILE C 121 6.93 25.76 -24.30
C ILE C 121 6.16 27.04 -24.08
N MET C 122 6.74 28.18 -24.50
CA MET C 122 6.07 29.45 -24.28
C MET C 122 4.76 29.55 -25.08
N GLN C 123 4.76 29.05 -26.31
CA GLN C 123 3.52 29.02 -27.09
C GLN C 123 2.44 28.19 -26.39
N ASN C 124 2.81 27.02 -25.89
CA ASN C 124 1.84 26.17 -25.21
C ASN C 124 1.38 26.80 -23.91
N LEU C 125 2.29 27.48 -23.18
CA LEU C 125 1.87 28.15 -21.96
C LEU C 125 0.81 29.21 -22.28
N GLN C 126 1.06 29.98 -23.33
CA GLN C 126 0.08 30.98 -23.77
C GLN C 126 -1.25 30.33 -24.07
N SER C 127 -1.23 29.17 -24.73
CA SER C 127 -2.48 28.53 -25.15
CA SER C 127 -2.48 28.54 -25.15
C SER C 127 -3.35 28.08 -23.98
N VAL C 128 -2.76 27.85 -22.80
CA VAL C 128 -3.55 27.39 -21.65
C VAL C 128 -3.73 28.49 -20.62
N ALA C 129 -3.44 29.75 -20.97
CA ALA C 129 -3.51 30.85 -20.02
C ALA C 129 -4.74 30.78 -19.10
N PRO C 130 -5.98 30.70 -19.63
CA PRO C 130 -7.14 30.73 -18.72
C PRO C 130 -7.13 29.60 -17.70
N LEU C 131 -6.47 28.49 -18.01
CA LEU C 131 -6.56 27.34 -17.12
C LEU C 131 -5.56 27.40 -15.98
N ARG C 132 -4.62 28.33 -16.01
CA ARG C 132 -3.53 28.29 -15.04
C ARG C 132 -3.94 28.73 -13.65
N SER C 133 -5.11 29.34 -13.53
CA SER C 133 -5.54 29.91 -12.26
C SER C 133 -6.77 29.23 -11.68
N ILE C 134 -7.26 28.14 -12.28
CA ILE C 134 -8.52 27.57 -11.83
C ILE C 134 -8.27 26.50 -10.78
N ALA C 135 -9.32 26.14 -10.04
CA ALA C 135 -9.13 25.30 -8.86
C ALA C 135 -8.55 23.94 -9.19
N ASP C 136 -8.91 23.36 -10.34
CA ASP C 136 -8.38 22.03 -10.59
CA ASP C 136 -8.45 22.04 -10.76
C ASP C 136 -7.09 22.04 -11.42
N CYS C 137 -6.41 23.19 -11.50
CA CYS C 137 -5.17 23.23 -12.28
C CYS C 137 -4.17 22.18 -11.80
N HIS C 138 -3.99 22.05 -10.47
CA HIS C 138 -2.97 21.12 -9.95
C HIS C 138 -3.29 19.69 -10.36
N ALA C 139 -4.55 19.28 -10.21
CA ALA C 139 -4.96 17.95 -10.64
C ALA C 139 -4.76 17.74 -12.13
N LEU C 140 -5.11 18.74 -12.95
CA LEU C 140 -4.95 18.60 -14.40
C LEU C 140 -3.47 18.52 -14.79
N VAL C 141 -2.61 19.28 -14.10
CA VAL C 141 -1.19 19.23 -14.43
C VAL C 141 -0.58 17.90 -13.97
N ALA C 142 -0.94 17.43 -12.77
CA ALA C 142 -0.44 16.15 -12.33
C ALA C 142 -0.89 15.02 -13.27
N SER C 143 -2.15 15.07 -13.72
CA SER C 143 -2.63 14.04 -14.63
CA SER C 143 -2.64 14.04 -14.64
C SER C 143 -1.89 14.08 -15.96
N ALA C 144 -1.64 15.28 -16.49
CA ALA C 144 -0.89 15.40 -17.75
C ALA C 144 0.51 14.81 -17.62
N VAL C 145 1.18 15.06 -16.49
CA VAL C 145 2.47 14.40 -16.24
C VAL C 145 2.32 12.90 -16.32
N GLY C 146 1.28 12.36 -15.68
CA GLY C 146 1.08 10.92 -15.70
C GLY C 146 0.84 10.38 -17.09
N GLN C 147 0.02 11.08 -17.90
CA GLN C 147 -0.24 10.59 -19.26
C GLN C 147 1.02 10.69 -20.12
N VAL C 148 1.77 11.78 -20.00
CA VAL C 148 3.00 11.96 -20.76
C VAL C 148 4.03 10.91 -20.35
N ALA C 149 4.16 10.65 -19.03
CA ALA C 149 5.12 9.64 -18.55
C ALA C 149 4.78 8.25 -19.09
N GLU C 150 3.50 7.90 -19.13
CA GLU C 150 3.13 6.59 -19.67
C GLU C 150 3.40 6.54 -21.16
N GLN C 151 3.09 7.61 -21.88
CA GLN C 151 3.22 7.59 -23.33
C GLN C 151 4.68 7.59 -23.76
N ALA C 152 5.55 8.24 -22.98
CA ALA C 152 6.96 8.37 -23.32
C ALA C 152 7.87 7.42 -22.52
N SER C 153 7.27 6.47 -21.79
CA SER C 153 8.00 5.53 -20.93
C SER C 153 9.03 6.24 -20.06
N LEU C 154 8.58 7.23 -19.31
CA LEU C 154 9.47 7.89 -18.35
C LEU C 154 9.56 7.06 -17.08
N ASP C 155 10.78 6.69 -16.68
CA ASP C 155 10.97 5.98 -15.42
C ASP C 155 10.75 6.93 -14.24
N VAL C 156 10.94 6.41 -13.01
CA VAL C 156 10.65 7.17 -11.81
C VAL C 156 11.44 8.48 -11.75
N LEU C 157 12.74 8.42 -12.10
CA LEU C 157 13.58 9.60 -12.13
C LEU C 157 13.05 10.67 -13.09
N HIS C 158 12.70 10.28 -14.32
CA HIS C 158 12.28 11.26 -15.31
C HIS C 158 10.88 11.80 -15.02
N ARG C 159 9.99 10.96 -14.49
CA ARG C 159 8.68 11.46 -14.03
C ARG C 159 8.83 12.46 -12.90
N ALA C 160 9.67 12.14 -11.90
CA ALA C 160 9.88 13.06 -10.79
C ALA C 160 10.42 14.40 -11.27
N ALA C 161 11.39 14.37 -12.19
CA ALA C 161 11.94 15.62 -12.69
C ALA C 161 10.91 16.37 -13.56
N LEU C 162 10.04 15.63 -14.24
CA LEU C 162 8.96 16.29 -14.98
C LEU C 162 7.99 16.97 -14.02
N ASP C 163 7.71 16.33 -12.87
CA ASP C 163 6.92 16.99 -11.82
C ASP C 163 7.60 18.27 -11.36
N ARG C 164 8.94 18.28 -11.31
CA ARG C 164 9.67 19.49 -10.95
C ARG C 164 9.57 20.55 -12.04
N ALA C 165 9.60 20.13 -13.32
CA ALA C 165 9.53 21.09 -14.43
C ALA C 165 8.19 21.82 -14.48
N VAL C 166 7.10 21.13 -14.12
CA VAL C 166 5.76 21.72 -14.25
C VAL C 166 5.35 22.49 -13.02
N ALA C 167 6.20 22.56 -12.00
CA ALA C 167 5.97 23.23 -10.72
C ALA C 167 5.11 24.49 -10.76
N ARG C 168 5.36 25.40 -11.70
CA ARG C 168 4.67 26.69 -11.62
C ARG C 168 3.86 27.00 -12.87
N ILE C 169 3.37 25.96 -13.55
CA ILE C 169 2.30 26.16 -14.53
C ILE C 169 1.06 26.73 -13.84
N CYS C 170 0.67 26.13 -12.71
CA CYS C 170 -0.46 26.65 -11.95
C CYS C 170 0.02 27.83 -11.10
N VAL C 171 -0.68 28.97 -11.17
CA VAL C 171 -0.33 30.16 -10.42
C VAL C 171 -1.55 30.64 -9.61
N GLN D 11 34.26 1.96 11.77
CA GLN D 11 34.65 3.19 11.10
C GLN D 11 33.87 3.33 9.80
N GLN D 12 33.13 4.43 9.64
CA GLN D 12 32.36 4.67 8.43
C GLN D 12 33.24 5.25 7.33
N ASP D 13 32.81 5.03 6.08
CA ASP D 13 33.48 5.68 4.96
C ASP D 13 33.39 7.20 5.12
N ALA D 14 34.43 7.87 4.63
CA ALA D 14 34.71 9.25 5.04
C ALA D 14 33.52 10.19 4.81
N PHE D 15 32.84 10.09 3.67
CA PHE D 15 31.77 11.03 3.38
C PHE D 15 30.40 10.60 3.90
N VAL D 16 30.26 9.43 4.52
CA VAL D 16 28.94 8.90 4.87
C VAL D 16 28.25 9.72 5.96
N PRO D 17 28.93 10.15 7.04
CA PRO D 17 28.25 11.04 8.00
C PRO D 17 27.73 12.32 7.36
N LEU D 18 28.54 12.99 6.52
CA LEU D 18 28.06 14.18 5.82
C LEU D 18 26.85 13.86 4.95
N VAL D 19 26.94 12.80 4.15
CA VAL D 19 25.82 12.51 3.26
C VAL D 19 24.60 12.11 4.09
N ARG D 20 24.79 11.45 5.23
CA ARG D 20 23.63 11.06 6.04
C ARG D 20 22.92 12.26 6.63
N SER D 21 23.67 13.28 7.05
CA SER D 21 23.00 14.48 7.56
C SER D 21 22.25 15.22 6.45
N MET D 22 22.77 15.18 5.23
CA MET D 22 22.03 15.72 4.09
C MET D 22 20.78 14.90 3.83
N ALA D 23 20.88 13.56 3.94
CA ALA D 23 19.69 12.72 3.80
C ALA D 23 18.66 12.99 4.89
N ASP D 24 19.11 13.06 6.15
CA ASP D 24 18.19 13.45 7.24
C ASP D 24 17.44 14.73 6.90
N ARG D 25 18.13 15.74 6.37
CA ARG D 25 17.47 17.01 6.02
C ARG D 25 16.53 16.83 4.85
N LEU D 26 16.96 16.09 3.85
CA LEU D 26 16.14 15.87 2.67
C LEU D 26 14.84 15.17 3.04
N ASN D 27 14.92 14.20 3.96
CA ASN D 27 13.73 13.40 4.24
C ASN D 27 12.66 14.16 5.01
N THR D 28 12.96 15.35 5.57
CA THR D 28 11.83 16.16 6.05
C THR D 28 10.87 16.52 4.93
N ALA D 29 11.28 16.39 3.67
CA ALA D 29 10.34 16.73 2.59
C ALA D 29 9.08 15.90 2.66
N ASP D 30 9.17 14.66 3.15
CA ASP D 30 7.99 13.81 3.23
C ASP D 30 6.92 14.46 4.12
N GLN D 31 7.33 14.94 5.28
CA GLN D 31 6.39 15.56 6.22
C GLN D 31 5.95 16.93 5.71
N VAL D 32 6.86 17.67 5.07
CA VAL D 32 6.47 19.00 4.59
C VAL D 32 5.48 18.86 3.45
N ALA D 33 5.69 17.90 2.54
CA ALA D 33 4.73 17.66 1.46
C ALA D 33 3.35 17.30 2.02
N LEU D 34 3.30 16.48 3.07
CA LEU D 34 2.02 16.15 3.70
C LEU D 34 1.34 17.39 4.24
N SER D 35 2.11 18.28 4.88
CA SER D 35 1.55 19.55 5.38
C SER D 35 0.96 20.38 4.24
N LYS D 36 1.71 20.50 3.16
CA LYS D 36 1.25 21.33 2.05
C LYS D 36 0.10 20.67 1.29
N TRP D 37 0.03 19.34 1.27
CA TRP D 37 -1.19 18.69 0.78
C TRP D 37 -2.39 19.12 1.61
N ASP D 38 -2.22 19.17 2.92
CA ASP D 38 -3.36 19.53 3.78
C ASP D 38 -3.71 21.00 3.64
N THR D 39 -2.71 21.89 3.64
CA THR D 39 -2.97 23.33 3.70
C THR D 39 -3.15 23.98 2.35
N GLY D 40 -2.67 23.34 1.28
CA GLY D 40 -2.62 23.96 -0.02
C GLY D 40 -1.55 25.01 -0.18
N GLN D 41 -0.68 25.17 0.81
CA GLN D 41 0.43 26.12 0.67
C GLN D 41 1.40 25.63 -0.42
N PRO D 42 2.00 26.54 -1.18
CA PRO D 42 2.86 26.12 -2.29
C PRO D 42 4.17 25.50 -1.79
N VAL D 43 4.74 24.65 -2.64
CA VAL D 43 6.05 24.08 -2.35
C VAL D 43 7.09 25.17 -2.23
N TYR D 44 7.11 26.10 -3.18
CA TYR D 44 8.14 27.14 -3.24
C TYR D 44 7.74 28.29 -2.35
N ASP D 45 8.57 28.64 -1.37
CA ASP D 45 8.36 29.80 -0.51
C ASP D 45 9.60 30.67 -0.63
N GLY D 46 9.54 31.72 -1.46
CA GLY D 46 10.75 32.44 -1.83
C GLY D 46 11.44 33.09 -0.64
N GLN D 47 10.66 33.75 0.23
CA GLN D 47 11.24 34.41 1.39
C GLN D 47 11.83 33.40 2.37
N ARG D 48 11.16 32.28 2.59
CA ARG D 48 11.68 31.29 3.53
C ARG D 48 12.98 30.68 3.01
N GLU D 49 13.00 30.30 1.73
CA GLU D 49 14.22 29.70 1.18
C GLU D 49 15.39 30.68 1.22
N ALA D 50 15.14 31.94 0.86
CA ALA D 50 16.21 32.93 0.92
C ALA D 50 16.74 33.05 2.34
N GLN D 51 15.86 32.95 3.33
CA GLN D 51 16.34 33.10 4.69
C GLN D 51 17.19 31.89 5.09
N VAL D 52 16.82 30.70 4.64
CA VAL D 52 17.65 29.51 4.86
C VAL D 52 19.04 29.73 4.28
N ILE D 53 19.10 30.26 3.06
CA ILE D 53 20.37 30.47 2.38
CA ILE D 53 20.38 30.44 2.40
C ILE D 53 21.20 31.54 3.09
N ALA D 54 20.55 32.62 3.51
CA ALA D 54 21.28 33.71 4.16
C ALA D 54 21.76 33.30 5.55
N ASN D 55 20.94 32.56 6.30
CA ASN D 55 21.39 32.04 7.59
C ASN D 55 22.63 31.18 7.44
N ALA D 56 22.67 30.36 6.39
CA ALA D 56 23.83 29.52 6.13
C ALA D 56 25.06 30.38 5.89
N ALA D 57 24.93 31.37 5.00
CA ALA D 57 26.05 32.27 4.71
C ALA D 57 26.56 32.88 6.00
N THR D 58 25.63 33.27 6.88
CA THR D 58 25.95 33.84 8.20
C THR D 58 26.80 32.90 9.03
N MET D 59 26.43 31.62 9.05
CA MET D 59 27.04 30.64 9.93
C MET D 59 28.30 30.01 9.34
N ALA D 60 28.63 30.31 8.08
CA ALA D 60 29.74 29.63 7.41
C ALA D 60 31.04 29.77 8.20
N SER D 61 31.35 30.98 8.67
CA SER D 61 32.67 31.22 9.25
C SER D 61 32.89 30.41 10.51
N GLU D 62 31.84 30.16 11.28
CA GLU D 62 31.99 29.36 12.50
C GLU D 62 32.58 27.99 12.22
N TYR D 63 32.28 27.42 11.04
CA TYR D 63 32.72 26.08 10.69
C TYR D 63 33.84 26.10 9.67
N GLY D 64 34.62 27.18 9.62
CA GLY D 64 35.70 27.26 8.66
C GLY D 64 35.26 27.10 7.22
N LEU D 65 34.06 27.54 6.88
CA LEU D 65 33.56 27.52 5.51
C LEU D 65 33.45 28.96 5.00
N THR D 66 33.59 29.14 3.69
CA THR D 66 33.30 30.44 3.10
C THR D 66 31.80 30.64 2.93
N ALA D 67 31.39 31.91 2.87
CA ALA D 67 29.97 32.20 2.60
C ALA D 67 29.53 31.62 1.26
N GLU D 68 30.37 31.71 0.22
CA GLU D 68 29.94 31.22 -1.08
C GLU D 68 29.74 29.71 -1.05
N ASP D 69 30.61 29.01 -0.32
CA ASP D 69 30.47 27.55 -0.19
C ASP D 69 29.19 27.19 0.55
N ALA D 70 28.94 27.84 1.70
CA ALA D 70 27.71 27.57 2.43
C ALA D 70 26.48 27.88 1.58
N ILE D 71 26.50 28.98 0.83
CA ILE D 71 25.35 29.34 0.01
C ILE D 71 25.10 28.29 -1.06
N ASN D 72 26.16 27.83 -1.72
CA ASN D 72 26.00 26.79 -2.74
C ASN D 72 25.41 25.52 -2.12
N ILE D 73 25.98 25.07 -1.00
CA ILE D 73 25.53 23.81 -0.40
C ILE D 73 24.06 23.92 -0.04
N PHE D 74 23.64 25.05 0.51
CA PHE D 74 22.27 25.09 0.99
C PHE D 74 21.26 25.45 -0.09
N SER D 75 21.70 26.12 -1.15
CA SER D 75 20.89 26.17 -2.36
CA SER D 75 20.89 26.16 -2.36
C SER D 75 20.63 24.76 -2.90
N ASP D 76 21.65 23.90 -2.85
CA ASP D 76 21.45 22.51 -3.26
C ASP D 76 20.51 21.79 -2.33
N GLN D 77 20.63 22.01 -1.00
CA GLN D 77 19.74 21.31 -0.07
C GLN D 77 18.29 21.71 -0.28
N VAL D 78 18.03 23.02 -0.48
CA VAL D 78 16.64 23.44 -0.65
CA VAL D 78 16.66 23.50 -0.69
C VAL D 78 16.09 22.97 -2.00
N GLU D 79 16.91 22.93 -3.03
CA GLU D 79 16.46 22.42 -4.31
C GLU D 79 16.11 20.93 -4.22
N ALA D 80 16.98 20.16 -3.57
CA ALA D 80 16.72 18.73 -3.44
C ALA D 80 15.42 18.50 -2.68
N ASN D 81 15.17 19.31 -1.66
CA ASN D 81 13.95 19.17 -0.86
C ASN D 81 12.70 19.42 -1.72
N LYS D 82 12.72 20.49 -2.51
CA LYS D 82 11.60 20.79 -3.40
C LYS D 82 11.39 19.68 -4.43
N GLU D 83 12.49 19.11 -4.94
N GLU D 83 12.48 19.09 -4.92
CA GLU D 83 12.40 17.98 -5.85
CA GLU D 83 12.35 17.99 -5.87
C GLU D 83 11.54 16.86 -5.27
C GLU D 83 11.55 16.82 -5.28
N VAL D 84 11.77 16.52 -4.01
CA VAL D 84 10.98 15.45 -3.38
C VAL D 84 9.55 15.90 -3.17
N GLN D 85 9.34 17.14 -2.72
CA GLN D 85 7.98 17.61 -2.41
C GLN D 85 7.10 17.66 -3.66
N TYR D 86 7.62 18.22 -4.76
CA TYR D 86 6.83 18.28 -6.00
C TYR D 86 6.45 16.87 -6.46
N ALA D 87 7.41 15.93 -6.46
CA ALA D 87 7.10 14.58 -6.90
C ALA D 87 6.06 13.92 -6.02
N LEU D 88 6.24 13.99 -4.70
CA LEU D 88 5.28 13.37 -3.78
C LEU D 88 3.88 13.94 -3.99
N LEU D 89 3.76 15.27 -4.07
CA LEU D 89 2.42 15.84 -4.19
C LEU D 89 1.73 15.39 -5.47
N ASN D 90 2.47 15.33 -6.59
CA ASN D 90 1.84 14.90 -7.83
C ASN D 90 1.59 13.39 -7.84
N ASN D 91 2.46 12.59 -7.20
CA ASN D 91 2.12 11.17 -7.02
C ASN D 91 0.79 11.03 -6.30
N TRP D 92 0.62 11.80 -5.23
CA TRP D 92 -0.62 11.70 -4.45
C TRP D 92 -1.81 12.24 -5.23
N ARG D 93 -1.65 13.37 -5.93
CA ARG D 93 -2.72 13.84 -6.80
C ARG D 93 -3.13 12.78 -7.80
N ARG D 94 -2.15 12.12 -8.43
CA ARG D 94 -2.50 11.15 -9.45
C ARG D 94 -3.19 9.93 -8.84
N GLN D 95 -2.83 9.56 -7.62
CA GLN D 95 -3.45 8.36 -7.06
C GLN D 95 -4.77 8.69 -6.38
N GLY D 96 -5.01 9.97 -6.10
CA GLY D 96 -6.29 10.42 -5.61
C GLY D 96 -6.34 10.77 -4.14
N ASP D 97 -5.23 10.59 -3.42
CA ASP D 97 -5.19 10.89 -1.99
C ASP D 97 -3.76 10.79 -1.52
N ALA D 98 -3.46 11.49 -0.42
CA ALA D 98 -2.18 11.40 0.24
C ALA D 98 -2.20 10.27 1.28
N PRO D 99 -1.05 9.73 1.64
CA PRO D 99 -1.02 8.77 2.75
C PRO D 99 -1.72 9.35 3.96
N ALA D 100 -2.42 8.51 4.71
CA ALA D 100 -3.05 8.92 5.96
C ALA D 100 -2.13 8.78 7.17
N THR D 101 -0.85 8.96 6.99
CA THR D 101 0.05 8.81 8.12
C THR D 101 0.17 10.11 8.91
N PRO D 102 0.68 10.05 10.14
CA PRO D 102 0.60 11.21 11.03
C PRO D 102 1.37 12.40 10.50
N ARG D 103 0.80 13.58 10.72
CA ARG D 103 1.46 14.85 10.41
C ARG D 103 2.14 15.39 11.65
N GLN D 104 3.43 15.69 11.54
CA GLN D 104 4.20 16.37 12.59
CA GLN D 104 4.12 16.37 12.62
C GLN D 104 4.11 17.88 12.37
N SER D 105 3.94 18.65 13.45
CA SER D 105 3.75 20.09 13.26
C SER D 105 5.02 20.75 12.74
N LEU D 106 4.83 21.73 11.86
CA LEU D 106 5.97 22.44 11.30
C LEU D 106 6.70 23.22 12.40
N ALA D 107 5.96 23.91 13.27
CA ALA D 107 6.62 24.73 14.27
C ALA D 107 7.25 23.91 15.38
N GLY D 108 6.66 22.76 15.74
CA GLY D 108 7.17 21.98 16.85
C GLY D 108 8.18 20.91 16.50
N VAL D 109 8.14 20.40 15.27
CA VAL D 109 9.03 19.32 14.90
C VAL D 109 9.92 19.72 13.73
N ILE D 110 9.31 20.13 12.62
CA ILE D 110 10.05 20.14 11.37
C ILE D 110 11.04 21.30 11.35
N ARG D 111 10.58 22.51 11.61
CA ARG D 111 11.50 23.64 11.58
C ARG D 111 12.63 23.53 12.61
N PRO D 112 12.41 23.09 13.85
CA PRO D 112 13.56 22.90 14.73
C PRO D 112 14.51 21.82 14.26
N ILE D 113 14.00 20.71 13.70
CA ILE D 113 14.86 19.70 13.07
C ILE D 113 15.78 20.35 12.05
N LEU D 114 15.20 21.19 11.20
CA LEU D 114 15.94 21.81 10.10
C LEU D 114 17.03 22.74 10.63
N ASP D 115 16.73 23.51 11.67
CA ASP D 115 17.73 24.37 12.30
C ASP D 115 18.90 23.56 12.84
N LYS D 116 18.62 22.42 13.50
CA LYS D 116 19.70 21.62 14.05
C LYS D 116 20.53 20.99 12.93
N LEU D 117 19.87 20.57 11.86
CA LEU D 117 20.59 19.91 10.79
C LEU D 117 21.49 20.86 10.02
N GLN D 118 21.14 22.15 9.98
CA GLN D 118 22.02 23.14 9.36
C GLN D 118 23.40 23.12 10.00
N ALA D 119 23.45 23.13 11.33
CA ALA D 119 24.76 23.08 11.97
C ALA D 119 25.46 21.75 11.74
N SER D 120 24.70 20.64 11.78
CA SER D 120 25.34 19.34 11.64
CA SER D 120 25.34 19.34 11.64
C SER D 120 25.90 19.15 10.23
N ILE D 121 25.18 19.61 9.21
CA ILE D 121 25.71 19.53 7.84
C ILE D 121 27.02 20.30 7.74
N MET D 122 27.04 21.52 8.27
CA MET D 122 28.25 22.34 8.18
C MET D 122 29.41 21.75 8.97
N GLN D 123 29.13 21.25 10.17
CA GLN D 123 30.19 20.63 10.95
C GLN D 123 30.75 19.41 10.21
N ASN D 124 29.87 18.65 9.55
CA ASN D 124 30.31 17.50 8.77
C ASN D 124 31.11 17.92 7.54
N LEU D 125 30.66 18.97 6.83
CA LEU D 125 31.45 19.54 5.74
C LEU D 125 32.86 19.92 6.18
N GLN D 126 32.95 20.64 7.32
CA GLN D 126 34.26 21.02 7.85
C GLN D 126 35.15 19.81 8.11
N SER D 127 34.57 18.70 8.58
CA SER D 127 35.38 17.56 8.97
CA SER D 127 35.35 17.54 8.97
C SER D 127 35.98 16.80 7.79
N VAL D 128 35.40 16.93 6.59
CA VAL D 128 35.92 16.23 5.41
C VAL D 128 36.63 17.17 4.44
N ALA D 129 36.98 18.39 4.87
CA ALA D 129 37.50 19.40 3.95
C ALA D 129 38.63 18.91 3.03
N PRO D 130 39.72 18.31 3.51
CA PRO D 130 40.78 17.91 2.57
C PRO D 130 40.28 16.95 1.51
N LEU D 131 39.31 16.09 1.83
CA LEU D 131 38.82 15.13 0.84
C LEU D 131 37.97 15.79 -0.25
N ARG D 132 37.48 17.00 -0.01
CA ARG D 132 36.69 17.67 -1.03
C ARG D 132 37.51 18.03 -2.26
N SER D 133 38.84 17.96 -2.15
CA SER D 133 39.75 18.39 -3.20
C SER D 133 40.55 17.27 -3.85
N ILE D 134 40.42 16.02 -3.41
CA ILE D 134 41.12 14.95 -4.12
C ILE D 134 40.31 14.56 -5.34
N ALA D 135 40.99 14.04 -6.38
CA ALA D 135 40.28 13.70 -7.60
C ALA D 135 39.24 12.61 -7.37
N ASP D 136 39.41 11.77 -6.34
CA ASP D 136 38.48 10.70 -6.01
C ASP D 136 37.16 11.21 -5.43
N CYS D 137 37.02 12.50 -5.18
CA CYS D 137 35.86 12.98 -4.42
C CYS D 137 34.53 12.59 -5.07
N HIS D 138 34.38 12.81 -6.37
CA HIS D 138 33.09 12.51 -7.00
C HIS D 138 32.73 11.04 -6.84
N ALA D 139 33.71 10.16 -7.00
CA ALA D 139 33.50 8.73 -6.83
C ALA D 139 33.10 8.39 -5.39
N LEU D 140 33.78 8.96 -4.40
CA LEU D 140 33.45 8.66 -3.01
C LEU D 140 32.06 9.17 -2.65
N VAL D 141 31.74 10.39 -3.06
CA VAL D 141 30.42 10.95 -2.78
C VAL D 141 29.34 10.09 -3.42
N ALA D 142 29.55 9.66 -4.67
CA ALA D 142 28.54 8.85 -5.34
C ALA D 142 28.34 7.53 -4.59
N SER D 143 29.43 6.94 -4.10
CA SER D 143 29.32 5.69 -3.35
CA SER D 143 29.32 5.70 -3.35
CA SER D 143 29.32 5.70 -3.35
C SER D 143 28.67 5.93 -1.99
N ALA D 144 28.98 7.05 -1.34
CA ALA D 144 28.34 7.36 -0.06
C ALA D 144 26.82 7.53 -0.21
N VAL D 145 26.38 8.21 -1.29
CA VAL D 145 24.95 8.30 -1.57
C VAL D 145 24.37 6.89 -1.70
N GLY D 146 25.05 6.00 -2.42
CA GLY D 146 24.53 4.64 -2.54
C GLY D 146 24.46 3.90 -1.22
N GLN D 147 25.45 4.12 -0.36
CA GLN D 147 25.46 3.41 0.92
C GLN D 147 24.36 3.96 1.83
N VAL D 148 24.19 5.27 1.84
CA VAL D 148 23.16 5.91 2.66
C VAL D 148 21.77 5.54 2.16
N ALA D 149 21.61 5.44 0.84
CA ALA D 149 20.31 5.05 0.30
C ALA D 149 19.96 3.64 0.71
N GLU D 150 20.94 2.74 0.75
CA GLU D 150 20.67 1.39 1.22
C GLU D 150 20.40 1.38 2.72
N GLN D 151 21.22 2.10 3.50
CA GLN D 151 21.11 2.12 4.96
C GLN D 151 19.82 2.79 5.43
N ALA D 152 19.43 3.88 4.77
CA ALA D 152 18.26 4.64 5.22
C ALA D 152 17.01 4.35 4.39
N SER D 153 17.08 3.33 3.52
CA SER D 153 15.93 2.89 2.71
CA SER D 153 15.92 2.90 2.74
C SER D 153 15.38 4.02 1.86
N LEU D 154 16.26 4.66 1.11
CA LEU D 154 15.86 5.72 0.19
C LEU D 154 15.51 5.11 -1.16
N ASP D 155 14.28 5.35 -1.64
CA ASP D 155 13.89 4.83 -2.93
C ASP D 155 14.51 5.66 -4.04
N VAL D 156 14.16 5.31 -5.29
CA VAL D 156 14.74 5.97 -6.47
C VAL D 156 14.58 7.48 -6.41
N LEU D 157 13.37 7.93 -6.05
CA LEU D 157 13.11 9.36 -5.94
C LEU D 157 14.03 10.01 -4.92
N HIS D 158 14.10 9.42 -3.72
CA HIS D 158 14.89 10.03 -2.65
C HIS D 158 16.37 9.94 -2.95
N ARG D 159 16.83 8.82 -3.52
CA ARG D 159 18.24 8.74 -3.90
C ARG D 159 18.61 9.79 -4.94
N ALA D 160 17.73 10.00 -5.95
CA ALA D 160 18.04 11.00 -6.97
C ALA D 160 18.13 12.40 -6.37
N ALA D 161 17.23 12.71 -5.44
CA ALA D 161 17.28 14.01 -4.80
C ALA D 161 18.51 14.14 -3.91
N LEU D 162 18.96 13.03 -3.32
CA LEU D 162 20.19 13.07 -2.54
C LEU D 162 21.41 13.32 -3.44
N ASP D 163 21.40 12.70 -4.64
CA ASP D 163 22.40 13.03 -5.65
C ASP D 163 22.38 14.52 -5.99
N ARG D 164 21.20 15.14 -5.93
CA ARG D 164 21.13 16.60 -6.13
C ARG D 164 21.69 17.36 -4.93
N ALA D 165 21.37 16.89 -3.73
CA ALA D 165 21.83 17.57 -2.51
C ALA D 165 23.35 17.60 -2.41
N VAL D 166 24.01 16.51 -2.84
CA VAL D 166 25.46 16.40 -2.66
C VAL D 166 26.24 17.06 -3.80
N ALA D 167 25.54 17.77 -4.68
CA ALA D 167 26.09 18.19 -5.97
C ALA D 167 27.44 18.92 -5.86
N ARG D 168 27.61 19.75 -4.84
CA ARG D 168 28.81 20.59 -4.79
C ARG D 168 29.62 20.36 -3.52
N ILE D 169 29.51 19.16 -2.94
CA ILE D 169 30.51 18.72 -1.97
C ILE D 169 31.91 18.80 -2.56
N CYS D 170 32.07 18.26 -3.77
CA CYS D 170 33.39 18.19 -4.39
C CYS D 170 33.69 19.51 -5.08
N VAL D 171 34.90 20.03 -4.89
CA VAL D 171 35.25 21.35 -5.45
C VAL D 171 35.25 21.37 -6.97
N GLN E 11 -8.30 31.10 17.35
CA GLN E 11 -8.04 30.68 18.72
C GLN E 11 -8.30 29.18 18.83
N GLN E 12 -7.34 28.42 19.33
CA GLN E 12 -7.53 26.98 19.49
C GLN E 12 -8.13 26.69 20.85
N ASP E 13 -8.84 25.55 20.95
CA ASP E 13 -9.33 25.10 22.23
C ASP E 13 -8.17 24.94 23.20
N ALA E 14 -8.48 25.10 24.49
CA ALA E 14 -7.45 25.33 25.51
C ALA E 14 -6.39 24.23 25.53
N PHE E 15 -6.78 22.96 25.45
CA PHE E 15 -5.83 21.87 25.58
C PHE E 15 -5.22 21.42 24.25
N VAL E 16 -5.63 21.99 23.12
CA VAL E 16 -5.14 21.49 21.83
C VAL E 16 -3.64 21.68 21.70
N PRO E 17 -3.04 22.84 22.03
CA PRO E 17 -1.58 22.97 21.85
C PRO E 17 -0.80 21.95 22.69
N LEU E 18 -1.24 21.71 23.91
CA LEU E 18 -0.60 20.68 24.74
C LEU E 18 -0.76 19.30 24.11
N VAL E 19 -1.99 18.95 23.73
CA VAL E 19 -2.21 17.61 23.18
C VAL E 19 -1.47 17.44 21.86
N ARG E 20 -1.34 18.52 21.07
CA ARG E 20 -0.59 18.43 19.82
C ARG E 20 0.89 18.17 20.08
N SER E 21 1.45 18.75 21.15
CA SER E 21 2.86 18.53 21.44
C SER E 21 3.10 17.11 21.92
N MET E 22 2.14 16.53 22.63
CA MET E 22 2.21 15.11 22.98
C MET E 22 2.09 14.24 21.74
N ALA E 23 1.22 14.62 20.81
CA ALA E 23 1.10 13.88 19.56
C ALA E 23 2.40 13.97 18.75
N ASP E 24 2.98 15.16 18.66
CA ASP E 24 4.27 15.29 17.97
C ASP E 24 5.30 14.33 18.56
N ARG E 25 5.33 14.22 19.90
CA ARG E 25 6.27 13.28 20.53
C ARG E 25 5.90 11.83 20.23
N LEU E 26 4.62 11.51 20.37
CA LEU E 26 4.14 10.17 20.09
C LEU E 26 4.51 9.72 18.68
N ASN E 27 4.34 10.60 17.70
CA ASN E 27 4.49 10.16 16.31
C ASN E 27 5.95 9.91 15.94
N THR E 28 6.94 10.28 16.78
CA THR E 28 8.30 9.81 16.53
C THR E 28 8.38 8.30 16.61
N ALA E 29 7.41 7.68 17.26
CA ALA E 29 7.41 6.21 17.32
C ALA E 29 7.47 5.56 15.94
N ASP E 30 6.87 6.17 14.90
CA ASP E 30 6.90 5.55 13.58
C ASP E 30 8.34 5.40 13.07
N GLN E 31 9.16 6.43 13.26
CA GLN E 31 10.55 6.40 12.84
C GLN E 31 11.38 5.50 13.75
N VAL E 32 11.12 5.53 15.05
CA VAL E 32 11.87 4.65 15.94
C VAL E 32 11.57 3.17 15.65
N ALA E 33 10.29 2.84 15.41
CA ALA E 33 10.00 1.45 15.03
C ALA E 33 10.73 1.04 13.75
N LEU E 34 10.76 1.90 12.73
CA LEU E 34 11.51 1.56 11.53
C LEU E 34 12.97 1.28 11.86
N SER E 35 13.56 2.10 12.72
CA SER E 35 14.94 1.89 13.11
C SER E 35 15.13 0.52 13.78
N LYS E 36 14.23 0.18 14.68
CA LYS E 36 14.39 -1.07 15.43
C LYS E 36 14.06 -2.28 14.57
N TRP E 37 13.17 -2.10 13.58
CA TRP E 37 13.01 -3.13 12.56
C TRP E 37 14.35 -3.42 11.87
N ASP E 38 15.08 -2.35 11.53
CA ASP E 38 16.35 -2.50 10.81
C ASP E 38 17.43 -3.11 11.71
N THR E 39 17.54 -2.60 12.93
CA THR E 39 18.64 -2.99 13.80
C THR E 39 18.33 -4.23 14.65
N GLY E 40 17.06 -4.56 14.84
CA GLY E 40 16.73 -5.59 15.79
C GLY E 40 16.87 -5.19 17.24
N GLN E 41 17.14 -3.91 17.52
CA GLN E 41 17.20 -3.45 18.91
C GLN E 41 15.79 -3.50 19.53
N PRO E 42 15.70 -3.73 20.85
CA PRO E 42 14.37 -3.88 21.47
C PRO E 42 13.62 -2.56 21.58
N VAL E 43 12.28 -2.66 21.53
CA VAL E 43 11.43 -1.50 21.84
C VAL E 43 11.77 -0.93 23.21
N TYR E 44 11.81 -1.78 24.23
CA TYR E 44 12.03 -1.30 25.59
C TYR E 44 13.51 -1.13 25.86
N ASP E 45 13.91 0.08 26.25
CA ASP E 45 15.30 0.41 26.57
C ASP E 45 15.22 1.01 27.96
N GLY E 46 15.44 0.20 28.99
CA GLY E 46 15.16 0.66 30.34
C GLY E 46 15.98 1.87 30.74
N GLN E 47 17.27 1.88 30.35
CA GLN E 47 18.13 2.97 30.76
C GLN E 47 17.76 4.27 30.06
N ARG E 48 17.42 4.20 28.77
CA ARG E 48 17.04 5.41 28.03
C ARG E 48 15.72 5.98 28.56
N GLU E 49 14.72 5.13 28.77
CA GLU E 49 13.44 5.61 29.28
C GLU E 49 13.62 6.23 30.67
N ALA E 50 14.40 5.57 31.53
CA ALA E 50 14.59 6.13 32.87
C ALA E 50 15.20 7.51 32.79
N GLN E 51 16.11 7.72 31.84
CA GLN E 51 16.73 9.04 31.71
C GLN E 51 15.74 10.09 31.22
N VAL E 52 14.80 9.69 30.37
CA VAL E 52 13.75 10.61 29.95
C VAL E 52 12.95 11.06 31.16
N ILE E 53 12.63 10.13 32.05
CA ILE E 53 11.79 10.45 33.20
C ILE E 53 12.59 11.23 34.25
N ALA E 54 13.86 10.88 34.43
CA ALA E 54 14.70 11.64 35.36
C ALA E 54 14.88 13.08 34.89
N ASN E 55 15.05 13.28 33.58
CA ASN E 55 15.19 14.63 33.05
C ASN E 55 13.92 15.45 33.29
N ALA E 56 12.77 14.83 33.08
CA ALA E 56 11.50 15.49 33.40
C ALA E 56 11.45 15.89 34.86
N ALA E 57 11.77 14.96 35.77
CA ALA E 57 11.83 15.29 37.18
C ALA E 57 12.75 16.48 37.45
N THR E 58 13.90 16.50 36.77
CA THR E 58 14.87 17.58 36.93
C THR E 58 14.33 18.91 36.47
N MET E 59 13.63 18.93 35.32
CA MET E 59 13.16 20.17 34.73
C MET E 59 11.86 20.68 35.32
N ALA E 60 11.16 19.84 36.10
CA ALA E 60 9.79 20.14 36.53
C ALA E 60 9.66 21.54 37.14
N SER E 61 10.53 21.87 38.09
CA SER E 61 10.42 23.12 38.84
C SER E 61 10.49 24.35 37.95
N GLU E 62 11.28 24.29 36.88
CA GLU E 62 11.35 25.40 35.93
C GLU E 62 9.98 25.74 35.33
N TYR E 63 9.05 24.78 35.27
CA TYR E 63 7.73 24.99 34.69
C TYR E 63 6.62 24.97 35.75
N GLY E 64 6.95 25.22 37.02
CA GLY E 64 5.96 25.22 38.06
C GLY E 64 5.33 23.88 38.33
N LEU E 65 6.00 22.79 37.95
CA LEU E 65 5.48 21.44 38.17
C LEU E 65 6.19 20.79 39.34
N THR E 66 5.46 19.99 40.11
CA THR E 66 6.13 19.12 41.04
C THR E 66 6.86 18.01 40.29
N ALA E 67 7.86 17.42 40.94
CA ALA E 67 8.56 16.29 40.31
C ALA E 67 7.63 15.12 40.08
N GLU E 68 6.75 14.82 41.05
CA GLU E 68 5.82 13.70 40.87
C GLU E 68 4.95 13.90 39.63
N ASP E 69 4.49 15.13 39.41
CA ASP E 69 3.61 15.44 38.25
C ASP E 69 4.38 15.21 36.95
N ALA E 70 5.58 15.75 36.85
CA ALA E 70 6.37 15.59 35.64
C ALA E 70 6.71 14.13 35.38
N ILE E 71 7.03 13.38 36.43
CA ILE E 71 7.34 11.96 36.27
C ILE E 71 6.13 11.22 35.77
N ASN E 72 4.94 11.53 36.30
CA ASN E 72 3.73 10.90 35.81
C ASN E 72 3.49 11.22 34.34
N ILE E 73 3.64 12.49 33.95
CA ILE E 73 3.38 12.89 32.56
C ILE E 73 4.33 12.17 31.62
N PHE E 74 5.61 12.10 31.98
CA PHE E 74 6.54 11.47 31.05
C PHE E 74 6.55 9.97 31.13
N SER E 75 6.15 9.35 32.24
CA SER E 75 5.90 7.92 32.22
CA SER E 75 5.90 7.91 32.21
CA SER E 75 5.91 7.91 32.21
C SER E 75 4.80 7.58 31.21
N ASP E 76 3.73 8.40 31.21
CA ASP E 76 2.67 8.24 30.23
C ASP E 76 3.16 8.46 28.80
N GLN E 77 4.03 9.45 28.59
CA GLN E 77 4.53 9.67 27.23
C GLN E 77 5.35 8.47 26.76
N VAL E 78 6.21 7.94 27.63
CA VAL E 78 7.08 6.83 27.25
CA VAL E 78 7.07 6.85 27.16
C VAL E 78 6.26 5.58 26.95
N GLU E 79 5.20 5.36 27.74
CA GLU E 79 4.37 4.18 27.56
C GLU E 79 3.57 4.27 26.25
N ALA E 80 3.02 5.45 25.96
CA ALA E 80 2.27 5.64 24.73
C ALA E 80 3.15 5.41 23.51
N ASN E 81 4.41 5.83 23.59
CA ASN E 81 5.33 5.63 22.48
C ASN E 81 5.59 4.14 22.25
N LYS E 82 5.84 3.39 23.32
CA LYS E 82 6.03 1.95 23.16
C LYS E 82 4.80 1.28 22.59
N GLU E 83 3.60 1.71 23.03
CA GLU E 83 2.38 1.13 22.48
CA GLU E 83 2.36 1.17 22.48
C GLU E 83 2.37 1.21 20.96
N VAL E 84 2.78 2.36 20.38
CA VAL E 84 2.76 2.47 18.93
C VAL E 84 3.85 1.57 18.32
N GLN E 85 5.05 1.58 18.92
CA GLN E 85 6.16 0.80 18.35
C GLN E 85 5.85 -0.71 18.33
N TYR E 86 5.36 -1.27 19.44
CA TYR E 86 5.06 -2.70 19.48
C TYR E 86 4.02 -3.06 18.43
N ALA E 87 2.96 -2.26 18.33
CA ALA E 87 1.91 -2.54 17.35
C ALA E 87 2.45 -2.46 15.92
N LEU E 88 3.21 -1.41 15.57
CA LEU E 88 3.75 -1.31 14.21
C LEU E 88 4.68 -2.48 13.89
N LEU E 89 5.59 -2.80 14.79
CA LEU E 89 6.55 -3.87 14.49
C LEU E 89 5.84 -5.20 14.28
N ASN E 90 4.82 -5.51 15.10
CA ASN E 90 4.11 -6.77 14.85
C ASN E 90 3.21 -6.68 13.62
N ASN E 91 2.68 -5.50 13.30
CA ASN E 91 1.97 -5.36 12.02
C ASN E 91 2.89 -5.72 10.86
N TRP E 92 4.08 -5.17 10.87
CA TRP E 92 5.03 -5.41 9.79
C TRP E 92 5.51 -6.85 9.76
N ARG E 93 5.69 -7.48 10.92
CA ARG E 93 6.08 -8.90 10.94
C ARG E 93 4.99 -9.77 10.34
N ARG E 94 3.72 -9.49 10.68
CA ARG E 94 2.63 -10.26 10.10
C ARG E 94 2.50 -10.02 8.61
N GLN E 95 2.73 -8.77 8.17
CA GLN E 95 2.63 -8.58 6.73
CA GLN E 95 2.70 -8.45 6.74
C GLN E 95 3.88 -9.04 5.99
N GLY E 96 4.98 -9.33 6.69
CA GLY E 96 6.18 -9.85 6.07
C GLY E 96 7.24 -8.81 5.73
N ASP E 97 6.96 -7.52 5.90
CA ASP E 97 7.97 -6.49 5.64
C ASP E 97 7.52 -5.18 6.26
N ALA E 98 8.49 -4.30 6.53
CA ALA E 98 8.19 -2.96 7.01
C ALA E 98 8.05 -2.01 5.82
N PRO E 99 7.43 -0.84 6.00
CA PRO E 99 7.37 0.14 4.91
C PRO E 99 8.75 0.47 4.40
N ALA E 100 8.86 0.77 3.10
CA ALA E 100 10.13 1.12 2.49
C ALA E 100 10.43 2.62 2.58
N THR E 101 9.83 3.32 3.54
CA THR E 101 9.95 4.75 3.61
C THR E 101 11.26 5.17 4.30
N PRO E 102 11.73 6.40 4.08
CA PRO E 102 13.09 6.75 4.50
C PRO E 102 13.22 6.70 6.02
N ARG E 103 14.40 6.33 6.49
CA ARG E 103 14.70 6.29 7.92
C ARG E 103 15.48 7.56 8.29
N GLN E 104 15.00 8.29 9.29
CA GLN E 104 15.74 9.41 9.89
CA GLN E 104 15.80 9.39 9.82
C GLN E 104 16.65 8.88 10.98
N SER E 105 17.87 9.42 11.08
CA SER E 105 18.79 8.87 12.08
C SER E 105 18.34 9.24 13.50
N LEU E 106 18.59 8.32 14.43
CA LEU E 106 18.17 8.58 15.79
C LEU E 106 18.98 9.69 16.40
N ALA E 107 20.30 9.65 16.19
CA ALA E 107 21.18 10.64 16.80
C ALA E 107 21.03 12.01 16.15
N GLY E 108 20.75 12.05 14.85
CA GLY E 108 20.71 13.33 14.16
C GLY E 108 19.34 13.96 14.11
N VAL E 109 18.30 13.15 14.23
CA VAL E 109 16.96 13.68 14.07
C VAL E 109 16.10 13.37 15.29
N ILE E 110 15.90 12.09 15.58
CA ILE E 110 14.84 11.72 16.52
C ILE E 110 15.19 12.18 17.93
N ARG E 111 16.39 11.86 18.41
CA ARG E 111 16.72 12.24 19.78
C ARG E 111 16.74 13.75 20.01
N PRO E 112 17.25 14.58 19.09
CA PRO E 112 17.09 16.04 19.28
C PRO E 112 15.65 16.51 19.26
N ILE E 113 14.82 15.97 18.35
CA ILE E 113 13.39 16.27 18.40
C ILE E 113 12.84 16.04 19.80
N LEU E 114 13.19 14.89 20.39
CA LEU E 114 12.57 14.50 21.64
C LEU E 114 12.95 15.47 22.76
N ASP E 115 14.22 15.89 22.81
CA ASP E 115 14.64 16.86 23.83
C ASP E 115 13.83 18.16 23.72
N LYS E 116 13.71 18.71 22.51
CA LYS E 116 12.96 19.96 22.33
C LYS E 116 11.49 19.78 22.73
N LEU E 117 10.90 18.62 22.39
CA LEU E 117 9.48 18.40 22.70
C LEU E 117 9.25 18.20 24.18
N GLN E 118 10.23 17.67 24.90
CA GLN E 118 10.10 17.59 26.36
C GLN E 118 9.84 18.96 26.96
N ALA E 119 10.62 19.97 26.53
CA ALA E 119 10.43 21.33 27.04
C ALA E 119 9.10 21.90 26.60
N SER E 120 8.68 21.61 25.36
CA SER E 120 7.44 22.19 24.86
C SER E 120 6.23 21.61 25.57
N ILE E 121 6.26 20.31 25.87
CA ILE E 121 5.14 19.69 26.58
C ILE E 121 4.99 20.32 27.95
N MET E 122 6.11 20.47 28.66
CA MET E 122 6.09 21.10 29.98
C MET E 122 5.65 22.56 29.92
N GLN E 123 6.15 23.33 28.95
CA GLN E 123 5.70 24.73 28.85
C GLN E 123 4.20 24.78 28.58
N ASN E 124 3.72 23.87 27.73
CA ASN E 124 2.30 23.79 27.43
C ASN E 124 1.48 23.36 28.64
N LEU E 125 1.99 22.40 29.43
CA LEU E 125 1.31 22.02 30.66
C LEU E 125 1.17 23.21 31.60
N GLN E 126 2.25 23.93 31.79
CA GLN E 126 2.21 25.10 32.68
C GLN E 126 1.15 26.09 32.22
N SER E 127 1.01 26.28 30.90
CA SER E 127 0.11 27.32 30.42
CA SER E 127 0.11 27.31 30.40
C SER E 127 -1.36 26.99 30.67
N VAL E 128 -1.70 25.73 30.90
CA VAL E 128 -3.09 25.36 31.15
C VAL E 128 -3.31 24.91 32.60
N ALA E 129 -2.39 25.26 33.49
CA ALA E 129 -2.42 24.74 34.87
C ALA E 129 -3.80 24.82 35.54
N PRO E 130 -4.46 25.98 35.61
CA PRO E 130 -5.77 26.01 36.32
C PRO E 130 -6.81 25.11 35.67
N LEU E 131 -6.76 24.92 34.36
CA LEU E 131 -7.76 24.08 33.72
C LEU E 131 -7.57 22.61 34.03
N ARG E 132 -6.38 22.21 34.48
CA ARG E 132 -6.17 20.81 34.82
C ARG E 132 -7.02 20.39 36.01
N SER E 133 -7.56 21.35 36.78
CA SER E 133 -8.32 21.09 38.00
C SER E 133 -9.83 21.30 37.86
N ILE E 134 -10.33 21.83 36.75
CA ILE E 134 -11.79 21.96 36.66
C ILE E 134 -12.41 20.60 36.30
N ALA E 135 -13.67 20.42 36.70
CA ALA E 135 -14.34 19.14 36.48
C ALA E 135 -14.50 18.81 35.00
N ASP E 136 -14.51 19.83 34.14
CA ASP E 136 -14.62 19.61 32.70
C ASP E 136 -13.35 19.05 32.07
N CYS E 137 -12.29 18.86 32.85
CA CYS E 137 -10.98 18.57 32.23
C CYS E 137 -11.01 17.28 31.42
N HIS E 138 -11.54 16.20 31.99
CA HIS E 138 -11.56 14.93 31.24
C HIS E 138 -12.27 15.09 29.90
N ALA E 139 -13.40 15.79 29.88
CA ALA E 139 -14.14 16.00 28.64
C ALA E 139 -13.34 16.86 27.65
N LEU E 140 -12.70 17.91 28.15
CA LEU E 140 -11.96 18.82 27.26
C LEU E 140 -10.74 18.12 26.67
N VAL E 141 -10.08 17.30 27.46
CA VAL E 141 -8.93 16.54 26.98
C VAL E 141 -9.35 15.50 25.95
N ALA E 142 -10.43 14.76 26.24
CA ALA E 142 -10.90 13.78 25.26
C ALA E 142 -11.26 14.44 23.94
N SER E 143 -11.95 15.60 23.98
CA SER E 143 -12.26 16.30 22.74
CA SER E 143 -12.27 16.33 22.75
C SER E 143 -11.00 16.84 22.06
N ALA E 144 -10.01 17.30 22.84
CA ALA E 144 -8.80 17.80 22.22
C ALA E 144 -8.06 16.68 21.50
N VAL E 145 -8.06 15.48 22.09
CA VAL E 145 -7.50 14.32 21.39
C VAL E 145 -8.22 14.08 20.09
N GLY E 146 -9.57 14.15 20.09
CA GLY E 146 -10.31 13.97 18.85
C GLY E 146 -9.93 15.00 17.79
N GLN E 147 -9.83 16.26 18.19
CA GLN E 147 -9.48 17.33 17.24
C GLN E 147 -8.07 17.15 16.69
N VAL E 148 -7.12 16.79 17.54
CA VAL E 148 -5.75 16.61 17.07
C VAL E 148 -5.67 15.40 16.16
N ALA E 149 -6.43 14.34 16.47
CA ALA E 149 -6.42 13.15 15.62
C ALA E 149 -6.92 13.46 14.22
N GLU E 150 -7.97 14.27 14.13
CA GLU E 150 -8.49 14.67 12.81
C GLU E 150 -7.51 15.62 12.11
N GLN E 151 -6.96 16.62 12.83
CA GLN E 151 -6.07 17.60 12.23
C GLN E 151 -4.74 16.99 11.81
N ALA E 152 -4.25 16.00 12.53
CA ALA E 152 -2.93 15.43 12.28
C ALA E 152 -3.00 14.07 11.60
N SER E 153 -4.21 13.63 11.22
CA SER E 153 -4.41 12.35 10.55
CA SER E 153 -4.42 12.36 10.55
C SER E 153 -3.90 11.19 11.39
N LEU E 154 -4.34 11.14 12.65
CA LEU E 154 -4.00 10.00 13.51
C LEU E 154 -5.04 8.90 13.33
N ASP E 155 -4.59 7.71 12.93
CA ASP E 155 -5.49 6.58 12.75
C ASP E 155 -5.90 6.04 14.13
N VAL E 156 -6.62 4.91 14.14
CA VAL E 156 -7.12 4.33 15.39
C VAL E 156 -5.99 3.99 16.35
N LEU E 157 -4.90 3.38 15.85
CA LEU E 157 -3.75 3.07 16.70
C LEU E 157 -3.16 4.32 17.35
N HIS E 158 -2.88 5.34 16.53
CA HIS E 158 -2.20 6.51 17.07
C HIS E 158 -3.14 7.31 17.96
N ARG E 159 -4.43 7.31 17.63
CA ARG E 159 -5.38 7.99 18.51
C ARG E 159 -5.47 7.30 19.86
N ALA E 160 -5.52 5.96 19.88
CA ALA E 160 -5.56 5.27 21.17
C ALA E 160 -4.32 5.57 22.01
N ALA E 161 -3.15 5.62 21.38
CA ALA E 161 -1.94 5.88 22.15
C ALA E 161 -1.86 7.32 22.62
N LEU E 162 -2.43 8.25 21.83
CA LEU E 162 -2.58 9.61 22.32
C LEU E 162 -3.51 9.65 23.53
N ASP E 163 -4.61 8.87 23.54
CA ASP E 163 -5.43 8.78 24.75
C ASP E 163 -4.64 8.27 25.95
N ARG E 164 -3.65 7.41 25.72
CA ARG E 164 -2.78 6.95 26.79
C ARG E 164 -1.82 8.06 27.23
N ALA E 165 -1.29 8.81 26.26
CA ALA E 165 -0.33 9.89 26.56
C ALA E 165 -0.95 10.97 27.43
N VAL E 166 -2.22 11.30 27.19
CA VAL E 166 -2.85 12.41 27.92
C VAL E 166 -3.46 12.00 29.25
N ALA E 167 -3.15 10.77 29.71
CA ALA E 167 -3.88 10.12 30.81
C ALA E 167 -3.92 10.96 32.08
N ARG E 168 -2.87 11.70 32.38
CA ARG E 168 -2.81 12.39 33.67
C ARG E 168 -2.55 13.87 33.50
N ILE E 169 -2.99 14.42 32.37
CA ILE E 169 -3.19 15.87 32.28
C ILE E 169 -4.17 16.33 33.35
N CYS E 170 -5.33 15.68 33.44
CA CYS E 170 -6.34 16.09 34.40
C CYS E 170 -5.99 15.59 35.80
N VAL E 171 -6.15 16.46 36.80
CA VAL E 171 -5.82 16.19 38.20
C VAL E 171 -6.64 15.07 38.81
N ALA F 10 -3.22 -23.01 16.27
CA ALA F 10 -3.15 -23.15 17.72
C ALA F 10 -2.16 -24.25 18.12
N GLN F 11 -2.05 -25.30 17.31
CA GLN F 11 -1.08 -26.36 17.57
C GLN F 11 0.27 -26.03 16.95
N GLN F 12 0.29 -25.61 15.68
CA GLN F 12 1.57 -25.47 14.99
C GLN F 12 2.35 -24.24 15.44
N ASP F 13 1.67 -23.20 15.91
CA ASP F 13 2.36 -22.06 16.50
C ASP F 13 2.20 -22.24 18.01
N ALA F 14 3.29 -22.67 18.66
CA ALA F 14 3.18 -23.08 20.05
C ALA F 14 2.81 -21.94 20.97
N PHE F 15 2.92 -20.68 20.52
CA PHE F 15 2.61 -19.55 21.38
C PHE F 15 1.12 -19.22 21.43
N VAL F 16 0.28 -19.88 20.62
CA VAL F 16 -1.12 -19.48 20.56
C VAL F 16 -1.84 -19.65 21.89
N PRO F 17 -1.68 -20.75 22.65
CA PRO F 17 -2.35 -20.82 23.97
C PRO F 17 -1.91 -19.70 24.90
N LEU F 18 -0.60 -19.44 24.99
CA LEU F 18 -0.11 -18.34 25.81
C LEU F 18 -0.76 -17.03 25.38
N VAL F 19 -0.78 -16.76 24.08
CA VAL F 19 -1.28 -15.48 23.60
C VAL F 19 -2.79 -15.37 23.83
N ARG F 20 -3.52 -16.49 23.71
CA ARG F 20 -4.96 -16.42 23.99
CA ARG F 20 -4.96 -16.42 23.99
C ARG F 20 -5.22 -16.14 25.47
N SER F 21 -4.38 -16.69 26.37
CA SER F 21 -4.57 -16.40 27.79
CA SER F 21 -4.53 -16.40 27.79
C SER F 21 -4.30 -14.92 28.08
N MET F 22 -3.31 -14.34 27.40
CA MET F 22 -3.11 -12.89 27.48
C MET F 22 -4.28 -12.12 26.86
N ALA F 23 -4.85 -12.61 25.76
CA ALA F 23 -6.01 -11.93 25.19
C ALA F 23 -7.21 -12.01 26.12
N ASP F 24 -7.47 -13.20 26.68
CA ASP F 24 -8.55 -13.31 27.68
C ASP F 24 -8.37 -12.32 28.83
N ARG F 25 -7.14 -12.16 29.34
CA ARG F 25 -6.93 -11.22 30.43
C ARG F 25 -7.13 -9.79 29.95
N LEU F 26 -6.53 -9.47 28.81
CA LEU F 26 -6.66 -8.14 28.25
C LEU F 26 -8.13 -7.76 28.06
N ASN F 27 -8.95 -8.68 27.56
CA ASN F 27 -10.31 -8.31 27.19
C ASN F 27 -11.18 -8.00 28.39
N THR F 28 -10.75 -8.33 29.61
CA THR F 28 -11.52 -7.84 30.75
C THR F 28 -11.47 -6.31 30.83
N ALA F 29 -10.55 -5.68 30.12
CA ALA F 29 -10.50 -4.21 30.11
C ALA F 29 -11.85 -3.61 29.76
N ASP F 30 -12.59 -4.24 28.83
CA ASP F 30 -13.86 -3.65 28.40
C ASP F 30 -14.84 -3.54 29.57
N GLN F 31 -14.88 -4.56 30.42
CA GLN F 31 -15.82 -4.53 31.53
C GLN F 31 -15.29 -3.63 32.64
N VAL F 32 -13.97 -3.63 32.86
CA VAL F 32 -13.41 -2.76 33.90
C VAL F 32 -13.60 -1.30 33.54
N ALA F 33 -13.38 -0.96 32.26
CA ALA F 33 -13.67 0.40 31.79
C ALA F 33 -15.14 0.76 32.01
N LEU F 34 -16.07 -0.15 31.67
CA LEU F 34 -17.50 0.09 31.94
C LEU F 34 -17.75 0.42 33.40
N SER F 35 -17.16 -0.36 34.30
CA SER F 35 -17.32 -0.13 35.73
C SER F 35 -16.81 1.25 36.10
N LYS F 36 -15.62 1.60 35.63
CA LYS F 36 -15.00 2.87 35.97
C LYS F 36 -15.73 4.07 35.36
N TRP F 37 -16.34 3.90 34.18
CA TRP F 37 -17.28 4.91 33.69
C TRP F 37 -18.41 5.13 34.70
N ASP F 38 -18.98 4.05 35.21
CA ASP F 38 -20.06 4.15 36.19
C ASP F 38 -19.58 4.82 37.48
N THR F 39 -18.46 4.35 38.03
CA THR F 39 -18.05 4.76 39.37
C THR F 39 -17.18 6.00 39.39
N GLY F 40 -16.59 6.38 38.26
CA GLY F 40 -15.61 7.45 38.32
C GLY F 40 -14.27 7.08 38.93
N GLN F 41 -14.02 5.81 39.23
CA GLN F 41 -12.70 5.41 39.71
C GLN F 41 -11.67 5.53 38.60
N PRO F 42 -10.42 5.88 38.92
CA PRO F 42 -9.43 6.14 37.86
C PRO F 42 -8.95 4.87 37.20
N VAL F 43 -8.44 5.03 35.97
CA VAL F 43 -7.83 3.89 35.27
C VAL F 43 -6.65 3.35 36.06
N TYR F 44 -5.77 4.24 36.50
CA TYR F 44 -4.54 3.85 37.16
C TYR F 44 -4.75 3.69 38.66
N ASP F 45 -4.34 2.54 39.19
CA ASP F 45 -4.36 2.29 40.65
C ASP F 45 -2.99 1.70 40.96
N GLY F 46 -2.08 2.54 41.47
CA GLY F 46 -0.69 2.10 41.61
C GLY F 46 -0.52 0.96 42.61
N GLN F 47 -1.31 0.97 43.69
CA GLN F 47 -1.22 -0.08 44.71
C GLN F 47 -1.73 -1.41 44.19
N ARG F 48 -2.84 -1.39 43.46
CA ARG F 48 -3.39 -2.66 42.94
C ARG F 48 -2.47 -3.23 41.87
N GLU F 49 -1.99 -2.40 40.94
CA GLU F 49 -1.09 -2.92 39.91
C GLU F 49 0.19 -3.46 40.54
N ALA F 50 0.72 -2.77 41.56
CA ALA F 50 1.92 -3.27 42.21
C ALA F 50 1.65 -4.64 42.83
N GLN F 51 0.48 -4.80 43.44
CA GLN F 51 0.12 -6.09 44.03
C GLN F 51 -0.02 -7.16 42.96
N VAL F 52 -0.60 -6.83 41.80
CA VAL F 52 -0.73 -7.79 40.70
C VAL F 52 0.64 -8.23 40.22
N ILE F 53 1.56 -7.28 40.06
CA ILE F 53 2.87 -7.63 39.53
C ILE F 53 3.67 -8.43 40.56
N ALA F 54 3.61 -8.00 41.82
CA ALA F 54 4.37 -8.67 42.86
C ALA F 54 3.84 -10.08 43.09
N ASN F 55 2.52 -10.25 43.02
CA ASN F 55 1.94 -11.57 43.14
C ASN F 55 2.51 -12.50 42.08
N ALA F 56 2.61 -12.03 40.83
CA ALA F 56 3.24 -12.85 39.80
C ALA F 56 4.68 -13.14 40.13
N ALA F 57 5.42 -12.11 40.55
CA ALA F 57 6.82 -12.31 40.93
C ALA F 57 6.97 -13.31 42.08
N THR F 58 6.00 -13.38 42.99
CA THR F 58 6.11 -14.33 44.10
C THR F 58 5.99 -15.77 43.63
N MET F 59 5.14 -16.03 42.63
CA MET F 59 4.88 -17.38 42.14
C MET F 59 5.86 -17.82 41.07
N ALA F 60 6.79 -16.97 40.68
CA ALA F 60 7.58 -17.21 39.48
C ALA F 60 8.34 -18.54 39.52
N SER F 61 9.04 -18.82 40.63
CA SER F 61 9.89 -20.00 40.62
C SER F 61 9.09 -21.29 40.51
N GLU F 62 7.83 -21.30 40.96
CA GLU F 62 6.98 -22.46 40.77
C GLU F 62 6.73 -22.75 39.30
N TYR F 63 6.96 -21.78 38.42
CA TYR F 63 6.84 -21.95 36.98
C TYR F 63 8.20 -21.92 36.28
N GLY F 64 9.28 -22.16 37.03
CA GLY F 64 10.58 -22.10 36.43
C GLY F 64 10.97 -20.72 35.91
N LEU F 65 10.33 -19.66 36.40
CA LEU F 65 10.59 -18.31 35.93
C LEU F 65 11.46 -17.54 36.91
N THR F 66 12.21 -16.56 36.41
CA THR F 66 12.83 -15.60 37.33
C THR F 66 11.80 -14.57 37.76
N ALA F 67 12.04 -13.96 38.93
CA ALA F 67 11.18 -12.86 39.39
C ALA F 67 11.20 -11.71 38.39
N GLU F 68 12.39 -11.37 37.88
CA GLU F 68 12.53 -10.33 36.88
C GLU F 68 11.65 -10.60 35.64
N ASP F 69 11.69 -11.84 35.16
CA ASP F 69 10.84 -12.23 34.03
C ASP F 69 9.37 -12.04 34.36
N ALA F 70 8.93 -12.57 35.51
CA ALA F 70 7.51 -12.43 35.84
C ALA F 70 7.13 -10.97 36.01
N ILE F 71 8.00 -10.15 36.62
CA ILE F 71 7.71 -8.73 36.76
C ILE F 71 7.51 -8.09 35.38
N ASN F 72 8.41 -8.40 34.45
CA ASN F 72 8.33 -7.82 33.13
C ASN F 72 7.06 -8.24 32.42
N ILE F 73 6.73 -9.54 32.49
CA ILE F 73 5.53 -10.06 31.81
C ILE F 73 4.27 -9.37 32.37
N PHE F 74 4.17 -9.27 33.68
CA PHE F 74 2.94 -8.72 34.24
C PHE F 74 2.89 -7.20 34.21
N SER F 75 4.04 -6.53 34.18
N SER F 75 4.04 -6.53 34.21
CA SER F 75 4.02 -5.10 33.85
CA SER F 75 4.06 -5.12 33.84
C SER F 75 3.44 -4.90 32.45
C SER F 75 3.41 -4.94 32.46
N ASP F 76 3.85 -5.72 31.48
CA ASP F 76 3.25 -5.65 30.15
C ASP F 76 1.75 -5.94 30.19
N GLN F 77 1.31 -6.91 31.02
CA GLN F 77 -0.12 -7.24 31.08
C GLN F 77 -0.93 -6.04 31.57
N VAL F 78 -0.45 -5.40 32.64
CA VAL F 78 -1.23 -4.31 33.19
CA VAL F 78 -1.18 -4.28 33.23
C VAL F 78 -1.17 -3.07 32.29
N GLU F 79 -0.04 -2.84 31.61
CA GLU F 79 0.03 -1.69 30.71
C GLU F 79 -0.89 -1.87 29.52
N ALA F 80 -0.95 -3.09 28.97
CA ALA F 80 -1.87 -3.35 27.86
C ALA F 80 -3.32 -3.14 28.30
N ASN F 81 -3.65 -3.57 29.53
CA ASN F 81 -5.01 -3.37 30.01
C ASN F 81 -5.37 -1.89 30.09
N LYS F 82 -4.48 -1.08 30.68
CA LYS F 82 -4.72 0.35 30.77
C LYS F 82 -4.85 1.00 29.38
N GLU F 83 -4.06 0.54 28.41
CA GLU F 83 -4.18 1.06 27.04
CA GLU F 83 -4.18 1.09 27.06
C GLU F 83 -5.60 0.95 26.54
N VAL F 84 -6.20 -0.22 26.74
CA VAL F 84 -7.58 -0.41 26.30
C VAL F 84 -8.51 0.48 27.13
N GLN F 85 -8.29 0.55 28.46
CA GLN F 85 -9.23 1.29 29.30
C GLN F 85 -9.22 2.78 28.96
N TYR F 86 -8.04 3.35 28.83
CA TYR F 86 -7.95 4.76 28.52
C TYR F 86 -8.60 5.07 27.17
N ALA F 87 -8.36 4.22 26.17
CA ALA F 87 -8.92 4.45 24.84
C ALA F 87 -10.44 4.35 24.87
N LEU F 88 -10.99 3.31 25.52
CA LEU F 88 -12.45 3.16 25.55
C LEU F 88 -13.10 4.34 26.25
N LEU F 89 -12.56 4.76 27.39
CA LEU F 89 -13.21 5.80 28.18
C LEU F 89 -13.26 7.12 27.39
N ASN F 90 -12.19 7.45 26.68
CA ASN F 90 -12.18 8.67 25.89
C ASN F 90 -13.01 8.53 24.64
N ASN F 91 -13.11 7.31 24.09
CA ASN F 91 -14.07 7.09 23.02
C ASN F 91 -15.48 7.41 23.50
N TRP F 92 -15.83 6.92 24.69
CA TRP F 92 -17.18 7.10 25.20
C TRP F 92 -17.45 8.54 25.55
N ARG F 93 -16.43 9.23 26.11
CA ARG F 93 -16.53 10.66 26.34
C ARG F 93 -16.81 11.42 25.05
N ARG F 94 -16.05 11.13 23.98
CA ARG F 94 -16.29 11.84 22.73
C ARG F 94 -17.65 11.49 22.15
N GLN F 95 -18.09 10.24 22.29
CA GLN F 95 -19.39 9.87 21.77
C GLN F 95 -20.53 10.38 22.63
N GLY F 96 -20.27 10.70 23.90
CA GLY F 96 -21.31 11.18 24.79
C GLY F 96 -21.89 10.17 25.75
N ASP F 97 -21.62 8.88 25.56
CA ASP F 97 -22.14 7.85 26.45
C ASP F 97 -21.33 6.58 26.28
N ALA F 98 -21.43 5.68 27.27
CA ALA F 98 -20.86 4.34 27.22
C ALA F 98 -21.93 3.34 26.80
N PRO F 99 -21.55 2.15 26.30
CA PRO F 99 -22.54 1.10 26.06
C PRO F 99 -23.43 0.87 27.27
N ALA F 100 -24.69 0.53 27.00
CA ALA F 100 -25.67 0.23 28.04
C ALA F 100 -25.74 -1.27 28.34
N THR F 101 -24.70 -2.01 28.02
CA THR F 101 -24.70 -3.44 28.18
C THR F 101 -24.47 -3.84 29.65
N PRO F 102 -24.80 -5.09 30.00
CA PRO F 102 -24.78 -5.48 31.42
C PRO F 102 -23.39 -5.38 32.05
N ARG F 103 -23.37 -4.92 33.30
CA ARG F 103 -22.13 -4.90 34.05
C ARG F 103 -22.02 -6.20 34.83
N GLN F 104 -20.95 -6.95 34.58
CA GLN F 104 -20.59 -8.08 35.42
CA GLN F 104 -20.62 -8.09 35.42
C GLN F 104 -19.97 -7.58 36.71
N SER F 105 -20.20 -8.32 37.80
CA SER F 105 -19.69 -7.85 39.08
C SER F 105 -18.17 -7.98 39.15
N LEU F 106 -17.54 -6.92 39.68
CA LEU F 106 -16.08 -6.90 39.75
C LEU F 106 -15.56 -7.99 40.67
N ALA F 107 -16.22 -8.19 41.83
CA ALA F 107 -15.74 -9.13 42.84
C ALA F 107 -16.21 -10.55 42.56
N GLY F 108 -17.34 -10.71 41.89
CA GLY F 108 -17.86 -12.04 41.70
C GLY F 108 -17.47 -12.64 40.37
N VAL F 109 -17.03 -11.82 39.42
CA VAL F 109 -16.75 -12.34 38.10
C VAL F 109 -15.39 -11.87 37.59
N ILE F 110 -15.15 -10.55 37.63
CA ILE F 110 -13.97 -9.99 36.98
C ILE F 110 -12.69 -10.39 37.72
N ARG F 111 -12.59 -10.06 39.01
CA ARG F 111 -11.37 -10.38 39.72
C ARG F 111 -11.12 -11.89 39.83
N PRO F 112 -12.12 -12.74 40.06
CA PRO F 112 -11.86 -14.19 39.95
C PRO F 112 -11.32 -14.63 38.61
N ILE F 113 -11.83 -14.09 37.49
CA ILE F 113 -11.31 -14.42 36.16
CA ILE F 113 -11.29 -14.51 36.22
C ILE F 113 -9.84 -14.02 36.06
N LEU F 114 -9.50 -12.83 36.59
CA LEU F 114 -8.12 -12.35 36.49
C LEU F 114 -7.17 -13.23 37.29
N ASP F 115 -7.59 -13.62 38.50
CA ASP F 115 -6.78 -14.52 39.32
C ASP F 115 -6.49 -15.82 38.58
N LYS F 116 -7.53 -16.44 38.00
CA LYS F 116 -7.31 -17.69 37.27
C LYS F 116 -6.38 -17.48 36.08
N LEU F 117 -6.50 -16.34 35.40
CA LEU F 117 -5.68 -16.12 34.20
C LEU F 117 -4.21 -15.84 34.55
N GLN F 118 -3.94 -15.37 35.76
CA GLN F 118 -2.54 -15.19 36.16
C GLN F 118 -1.83 -16.53 36.20
N ALA F 119 -2.45 -17.53 36.80
CA ALA F 119 -1.89 -18.88 36.78
C ALA F 119 -1.80 -19.42 35.35
N SER F 120 -2.87 -19.25 34.56
CA SER F 120 -2.85 -19.77 33.20
CA SER F 120 -2.86 -19.75 33.19
C SER F 120 -1.71 -19.16 32.38
N ILE F 121 -1.53 -17.84 32.46
CA ILE F 121 -0.44 -17.19 31.72
C ILE F 121 0.90 -17.78 32.11
N MET F 122 1.16 -17.89 33.41
CA MET F 122 2.46 -18.41 33.85
C MET F 122 2.65 -19.88 33.46
N GLN F 123 1.62 -20.70 33.63
CA GLN F 123 1.71 -22.08 33.17
C GLN F 123 2.05 -22.13 31.68
N ASN F 124 1.37 -21.29 30.87
CA ASN F 124 1.63 -21.29 29.43
C ASN F 124 3.04 -20.77 29.12
N LEU F 125 3.52 -19.78 29.88
CA LEU F 125 4.89 -19.31 29.68
C LEU F 125 5.87 -20.43 29.91
N GLN F 126 5.70 -21.16 31.01
CA GLN F 126 6.58 -22.28 31.30
C GLN F 126 6.57 -23.29 30.16
N SER F 127 5.38 -23.56 29.58
CA SER F 127 5.27 -24.60 28.57
CA SER F 127 5.26 -24.59 28.57
C SER F 127 6.03 -24.25 27.29
N VAL F 128 6.29 -22.97 27.02
CA VAL F 128 7.01 -22.58 25.80
C VAL F 128 8.43 -22.10 26.09
N ALA F 129 8.94 -22.37 27.29
CA ALA F 129 10.24 -21.86 27.72
C ALA F 129 11.35 -21.99 26.67
N PRO F 130 11.57 -23.14 26.03
CA PRO F 130 12.71 -23.24 25.08
C PRO F 130 12.54 -22.39 23.83
N LEU F 131 11.31 -22.03 23.46
CA LEU F 131 11.08 -21.26 22.26
C LEU F 131 11.30 -19.78 22.48
N ARG F 132 11.44 -19.33 23.73
CA ARG F 132 11.43 -17.89 23.98
C ARG F 132 12.74 -17.24 23.60
N SER F 133 13.79 -18.01 23.34
CA SER F 133 15.09 -17.46 23.02
C SER F 133 15.53 -17.72 21.58
N ILE F 134 14.70 -18.36 20.75
CA ILE F 134 15.18 -18.76 19.44
C ILE F 134 15.00 -17.62 18.44
N ALA F 135 15.68 -17.73 17.29
CA ALA F 135 15.67 -16.66 16.29
C ALA F 135 14.25 -16.30 15.85
N ASP F 136 13.40 -17.30 15.59
CA ASP F 136 12.12 -16.91 15.00
CA ASP F 136 12.05 -17.15 15.05
C ASP F 136 11.05 -16.59 16.04
N CYS F 137 11.45 -16.38 17.30
CA CYS F 137 10.44 -16.13 18.34
C CYS F 137 9.57 -14.94 17.98
N HIS F 138 10.18 -13.82 17.55
CA HIS F 138 9.37 -12.62 17.27
C HIS F 138 8.31 -12.92 16.22
N ALA F 139 8.67 -13.67 15.16
CA ALA F 139 7.70 -13.98 14.11
C ALA F 139 6.58 -14.87 14.63
N LEU F 140 6.93 -15.90 15.40
CA LEU F 140 5.93 -16.80 15.97
C LEU F 140 4.97 -16.05 16.89
N VAL F 141 5.49 -15.13 17.70
CA VAL F 141 4.62 -14.37 18.59
C VAL F 141 3.70 -13.43 17.80
N ALA F 142 4.25 -12.73 16.80
CA ALA F 142 3.40 -11.84 16.00
C ALA F 142 2.33 -12.62 15.25
N SER F 143 2.68 -13.78 14.69
CA SER F 143 1.69 -14.62 14.03
CA SER F 143 1.68 -14.61 14.02
C SER F 143 0.62 -15.12 15.00
N ALA F 144 1.02 -15.49 16.21
CA ALA F 144 0.05 -15.93 17.21
C ALA F 144 -0.93 -14.81 17.58
N VAL F 145 -0.45 -13.59 17.71
CA VAL F 145 -1.37 -12.46 17.92
C VAL F 145 -2.35 -12.36 16.76
N GLY F 146 -1.85 -12.46 15.54
CA GLY F 146 -2.72 -12.37 14.38
C GLY F 146 -3.79 -13.47 14.36
N GLN F 147 -3.38 -14.70 14.69
CA GLN F 147 -4.34 -15.80 14.70
C GLN F 147 -5.40 -15.58 15.78
N VAL F 148 -4.97 -15.19 16.97
CA VAL F 148 -5.89 -14.99 18.09
C VAL F 148 -6.81 -13.81 17.80
N ALA F 149 -6.26 -12.71 17.26
CA ALA F 149 -7.08 -11.56 16.90
C ALA F 149 -8.17 -11.94 15.90
N GLU F 150 -7.82 -12.76 14.91
CA GLU F 150 -8.82 -13.20 13.95
C GLU F 150 -9.85 -14.11 14.62
N GLN F 151 -9.39 -15.03 15.49
CA GLN F 151 -10.29 -15.98 16.11
C GLN F 151 -11.22 -15.30 17.12
N ALA F 152 -10.72 -14.31 17.84
CA ALA F 152 -11.51 -13.65 18.87
C ALA F 152 -12.10 -12.32 18.40
N SER F 153 -12.01 -12.00 17.11
CA SER F 153 -12.54 -10.77 16.53
C SER F 153 -12.06 -9.54 17.28
N LEU F 154 -10.73 -9.45 17.45
CA LEU F 154 -10.17 -8.27 18.11
C LEU F 154 -10.06 -7.14 17.09
N ASP F 155 -10.67 -6.01 17.40
CA ASP F 155 -10.57 -4.85 16.52
C ASP F 155 -9.15 -4.25 16.61
N VAL F 156 -8.93 -3.14 15.90
CA VAL F 156 -7.58 -2.55 15.83
C VAL F 156 -7.05 -2.22 17.22
N LEU F 157 -7.91 -1.68 18.07
CA LEU F 157 -7.45 -1.32 19.42
C LEU F 157 -7.03 -2.55 20.21
N HIS F 158 -7.83 -3.62 20.17
CA HIS F 158 -7.51 -4.76 21.02
C HIS F 158 -6.33 -5.55 20.47
N ARG F 159 -6.15 -5.60 19.15
CA ARG F 159 -4.96 -6.26 18.60
CA ARG F 159 -4.96 -6.25 18.59
C ARG F 159 -3.70 -5.49 18.96
N ALA F 160 -3.74 -4.15 18.89
CA ALA F 160 -2.58 -3.34 19.26
C ALA F 160 -2.20 -3.55 20.73
N ALA F 161 -3.21 -3.59 21.61
CA ALA F 161 -2.90 -3.80 23.02
C ALA F 161 -2.42 -5.22 23.28
N LEU F 162 -2.89 -6.19 22.49
CA LEU F 162 -2.38 -7.55 22.66
C LEU F 162 -0.91 -7.63 22.21
N ASP F 163 -0.54 -6.88 21.15
CA ASP F 163 0.87 -6.73 20.76
C ASP F 163 1.69 -6.14 21.90
N ARG F 164 1.09 -5.22 22.66
CA ARG F 164 1.74 -4.65 23.85
C ARG F 164 1.88 -5.70 24.97
N ALA F 165 0.85 -6.51 25.19
CA ALA F 165 0.92 -7.51 26.25
C ALA F 165 1.97 -8.56 25.97
N VAL F 166 2.16 -8.94 24.70
CA VAL F 166 3.10 -10.01 24.34
C VAL F 166 4.53 -9.51 24.20
N ALA F 167 4.77 -8.23 24.45
CA ALA F 167 6.05 -7.57 24.27
C ALA F 167 7.28 -8.36 24.66
N ARG F 168 7.28 -9.02 25.82
CA ARG F 168 8.50 -9.64 26.31
C ARG F 168 8.34 -11.13 26.56
N ILE F 169 7.50 -11.79 25.74
CA ILE F 169 7.56 -13.26 25.62
C ILE F 169 8.92 -13.69 25.05
N CYS F 170 9.37 -13.02 23.97
CA CYS F 170 10.70 -13.29 23.44
C CYS F 170 11.75 -12.57 24.28
N VAL F 171 12.83 -13.27 24.61
CA VAL F 171 13.89 -12.69 25.44
C VAL F 171 15.24 -13.12 24.86
N LYS F 172 16.06 -12.16 24.47
CA LYS F 172 17.34 -12.48 23.84
C LYS F 172 18.35 -13.02 24.85
N GLN G 12 -32.58 -3.30 52.35
N GLN G 12 -32.46 -4.09 52.64
CA GLN G 12 -32.30 -4.72 52.59
CA GLN G 12 -31.99 -5.35 53.21
C GLN G 12 -33.40 -5.61 52.04
C GLN G 12 -32.84 -6.54 52.75
N ASP G 13 -32.94 -6.70 51.43
CA ASP G 13 -33.77 -7.74 50.82
C ASP G 13 -32.86 -8.96 50.77
N ALA G 14 -33.15 -9.99 51.59
CA ALA G 14 -32.23 -11.12 51.73
C ALA G 14 -31.92 -11.83 50.42
N PHE G 15 -32.77 -11.69 49.40
CA PHE G 15 -32.54 -12.40 48.15
C PHE G 15 -31.68 -11.63 47.15
N VAL G 16 -31.22 -10.41 47.47
CA VAL G 16 -30.36 -9.68 46.52
C VAL G 16 -29.07 -10.42 46.20
N PRO G 17 -28.33 -10.99 47.16
CA PRO G 17 -27.08 -11.68 46.78
C PRO G 17 -27.31 -12.87 45.86
N LEU G 18 -28.33 -13.65 46.15
CA LEU G 18 -28.68 -14.79 45.30
C LEU G 18 -29.03 -14.33 43.89
N VAL G 19 -29.89 -13.31 43.79
CA VAL G 19 -30.27 -12.83 42.46
C VAL G 19 -29.06 -12.24 41.73
N ARG G 20 -28.15 -11.58 42.46
CA ARG G 20 -26.94 -11.07 41.82
C ARG G 20 -26.13 -12.19 41.19
N SER G 21 -25.99 -13.33 41.89
CA SER G 21 -25.19 -14.41 41.32
C SER G 21 -25.90 -15.05 40.13
N MET G 22 -27.24 -15.08 40.13
CA MET G 22 -27.97 -15.56 38.95
C MET G 22 -27.84 -14.58 37.77
N ALA G 23 -27.84 -13.27 38.05
CA ALA G 23 -27.61 -12.27 37.00
C ALA G 23 -26.21 -12.41 36.41
N ASP G 24 -25.20 -12.58 37.26
CA ASP G 24 -23.84 -12.84 36.76
C ASP G 24 -23.81 -14.02 35.82
N ARG G 25 -24.47 -15.13 36.21
CA ARG G 25 -24.46 -16.31 35.35
C ARG G 25 -25.25 -16.05 34.07
N LEU G 26 -26.38 -15.37 34.19
CA LEU G 26 -27.18 -15.07 33.01
C LEU G 26 -26.40 -14.22 32.03
N ASN G 27 -25.59 -13.29 32.54
CA ASN G 27 -24.92 -12.35 31.67
C ASN G 27 -23.82 -13.00 30.81
N THR G 28 -23.40 -14.24 31.10
CA THR G 28 -22.51 -14.95 30.17
C THR G 28 -23.20 -15.25 28.85
N ALA G 29 -24.54 -15.16 28.80
CA ALA G 29 -25.29 -15.41 27.56
C ALA G 29 -24.77 -14.55 26.41
N ASP G 30 -24.37 -13.30 26.69
CA ASP G 30 -23.95 -12.40 25.62
C ASP G 30 -22.73 -12.96 24.91
N GLN G 31 -21.74 -13.45 25.68
CA GLN G 31 -20.54 -14.02 25.09
C GLN G 31 -20.84 -15.35 24.40
N VAL G 32 -21.70 -16.16 25.00
CA VAL G 32 -22.00 -17.45 24.39
C VAL G 32 -22.72 -17.26 23.07
N ALA G 33 -23.61 -16.24 23.01
CA ALA G 33 -24.29 -15.95 21.75
C ALA G 33 -23.29 -15.52 20.69
N LEU G 34 -22.28 -14.73 21.06
CA LEU G 34 -21.26 -14.34 20.09
C LEU G 34 -20.50 -15.55 19.57
N SER G 35 -20.20 -16.50 20.45
CA SER G 35 -19.50 -17.71 20.03
C SER G 35 -20.34 -18.51 19.02
N LYS G 36 -21.65 -18.62 19.26
CA LYS G 36 -22.49 -19.40 18.37
C LYS G 36 -22.79 -18.64 17.07
N TRP G 37 -22.82 -17.31 17.11
CA TRP G 37 -22.84 -16.53 15.87
C TRP G 37 -21.62 -16.90 15.03
N ASP G 38 -20.45 -16.96 15.64
CA ASP G 38 -19.20 -17.24 14.93
C ASP G 38 -19.17 -18.66 14.40
N THR G 39 -19.57 -19.64 15.20
CA THR G 39 -19.37 -21.04 14.83
C THR G 39 -20.55 -21.65 14.08
N GLY G 40 -21.75 -21.09 14.22
CA GLY G 40 -22.93 -21.67 13.62
C GLY G 40 -23.56 -22.80 14.43
N GLN G 41 -22.98 -23.13 15.59
CA GLN G 41 -23.52 -24.14 16.48
C GLN G 41 -24.90 -23.72 17.01
N PRO G 42 -25.79 -24.66 17.26
CA PRO G 42 -27.13 -24.30 17.77
C PRO G 42 -27.09 -23.83 19.20
N VAL G 43 -28.07 -22.99 19.56
CA VAL G 43 -28.21 -22.56 20.95
C VAL G 43 -28.40 -23.76 21.87
N TYR G 44 -29.26 -24.68 21.46
CA TYR G 44 -29.62 -25.84 22.28
C TYR G 44 -28.64 -26.97 21.99
N ASP G 45 -27.93 -27.41 23.03
CA ASP G 45 -27.05 -28.58 22.97
C ASP G 45 -27.55 -29.53 24.04
N GLY G 46 -28.35 -30.51 23.64
CA GLY G 46 -29.03 -31.38 24.58
C GLY G 46 -28.10 -32.14 25.51
N GLN G 47 -26.98 -32.66 24.98
CA GLN G 47 -26.05 -33.41 25.81
C GLN G 47 -25.29 -32.48 26.77
N ARG G 48 -24.83 -31.32 26.27
CA ARG G 48 -24.14 -30.39 27.16
C ARG G 48 -25.06 -29.90 28.27
N GLU G 49 -26.29 -29.48 27.91
CA GLU G 49 -27.23 -29.02 28.93
CA GLU G 49 -27.24 -29.01 28.92
C GLU G 49 -27.55 -30.11 29.95
N ALA G 50 -27.70 -31.35 29.48
CA ALA G 50 -27.98 -32.43 30.42
C ALA G 50 -26.85 -32.56 31.42
N GLN G 51 -25.60 -32.40 30.97
CA GLN G 51 -24.46 -32.56 31.86
C GLN G 51 -24.36 -31.40 32.85
N VAL G 52 -24.63 -30.19 32.41
CA VAL G 52 -24.71 -29.06 33.32
C VAL G 52 -25.70 -29.36 34.45
N ILE G 53 -26.89 -29.86 34.09
CA ILE G 53 -27.92 -30.11 35.09
CA ILE G 53 -27.90 -30.09 35.11
C ILE G 53 -27.52 -31.28 36.00
N ALA G 54 -26.93 -32.32 35.41
CA ALA G 54 -26.49 -33.47 36.21
C ALA G 54 -25.37 -33.07 37.18
N ASN G 55 -24.51 -32.14 36.77
CA ASN G 55 -23.45 -31.68 37.68
C ASN G 55 -24.04 -30.93 38.87
N ALA G 56 -25.01 -30.05 38.63
CA ALA G 56 -25.65 -29.36 39.74
C ALA G 56 -26.34 -30.34 40.68
N ALA G 57 -27.01 -31.35 40.12
CA ALA G 57 -27.67 -32.35 40.94
C ALA G 57 -26.72 -33.01 41.92
N THR G 58 -25.49 -33.29 41.47
CA THR G 58 -24.50 -33.98 42.30
C THR G 58 -23.79 -33.02 43.25
N MET G 59 -23.61 -31.77 42.88
CA MET G 59 -23.02 -30.82 43.82
CA MET G 59 -23.03 -30.79 43.81
C MET G 59 -24.00 -30.38 44.91
N ALA G 60 -25.30 -30.54 44.68
CA ALA G 60 -26.35 -30.12 45.59
C ALA G 60 -26.04 -30.41 47.06
N SER G 61 -25.65 -31.65 47.38
CA SER G 61 -25.54 -32.02 48.79
C SER G 61 -24.40 -31.26 49.48
N GLU G 62 -23.38 -30.84 48.73
CA GLU G 62 -22.33 -30.01 49.30
C GLU G 62 -22.88 -28.73 49.91
N TYR G 63 -24.04 -28.25 49.44
CA TYR G 63 -24.63 -27.02 49.97
C TYR G 63 -25.95 -27.30 50.69
N GLY G 64 -26.17 -28.53 51.14
CA GLY G 64 -27.38 -28.90 51.86
C GLY G 64 -28.64 -28.87 51.03
N LEU G 65 -28.52 -28.81 49.70
CA LEU G 65 -29.66 -28.79 48.78
C LEU G 65 -30.03 -30.21 48.37
N THR G 66 -31.33 -30.45 48.17
CA THR G 66 -31.73 -31.71 47.55
C THR G 66 -31.38 -31.68 46.06
N ALA G 67 -31.15 -32.87 45.51
CA ALA G 67 -30.87 -32.97 44.08
C ALA G 67 -32.01 -32.39 43.25
N GLU G 68 -33.26 -32.61 43.68
CA GLU G 68 -34.39 -32.12 42.91
C GLU G 68 -34.48 -30.59 42.92
N ASP G 69 -34.19 -29.98 44.07
CA ASP G 69 -34.13 -28.51 44.11
C ASP G 69 -33.06 -27.98 43.15
N ALA G 70 -31.86 -28.56 43.18
CA ALA G 70 -30.75 -28.08 42.35
C ALA G 70 -31.06 -28.25 40.88
N ILE G 71 -31.65 -29.39 40.54
CA ILE G 71 -32.07 -29.65 39.15
C ILE G 71 -33.03 -28.57 38.69
N ASN G 72 -34.02 -28.24 39.52
CA ASN G 72 -35.03 -27.23 39.17
C ASN G 72 -34.37 -25.86 38.99
N ILE G 73 -33.55 -25.45 39.97
CA ILE G 73 -32.86 -24.17 39.89
C ILE G 73 -32.00 -24.09 38.63
N PHE G 74 -31.21 -25.12 38.37
CA PHE G 74 -30.30 -25.00 37.25
C PHE G 74 -30.98 -25.27 35.92
N SER G 75 -32.08 -26.02 35.89
CA SER G 75 -32.90 -26.05 34.69
CA SER G 75 -32.90 -26.05 34.69
C SER G 75 -33.41 -24.65 34.35
N ASP G 76 -33.80 -23.89 35.38
CA ASP G 76 -34.24 -22.52 35.16
C ASP G 76 -33.07 -21.64 34.70
N GLN G 77 -31.87 -21.85 35.27
CA GLN G 77 -30.74 -21.04 34.84
C GLN G 77 -30.45 -21.27 33.36
N VAL G 78 -30.44 -22.53 32.93
CA VAL G 78 -30.11 -22.86 31.54
CA VAL G 78 -30.08 -22.78 31.54
C VAL G 78 -31.17 -22.30 30.60
N GLU G 79 -32.44 -22.42 30.99
CA GLU G 79 -33.50 -21.91 30.12
CA GLU G 79 -33.50 -21.91 30.12
C GLU G 79 -33.42 -20.39 30.00
N ALA G 80 -33.18 -19.69 31.10
CA ALA G 80 -33.04 -18.23 31.00
C ALA G 80 -31.85 -17.88 30.10
N ASN G 81 -30.73 -18.60 30.23
CA ASN G 81 -29.58 -18.32 29.36
C ASN G 81 -29.95 -18.47 27.89
N LYS G 82 -30.69 -19.54 27.56
CA LYS G 82 -31.07 -19.76 26.17
C LYS G 82 -32.01 -18.66 25.66
N GLU G 83 -32.89 -18.16 26.52
CA GLU G 83 -33.80 -17.13 26.07
CA GLU G 83 -33.81 -17.11 26.11
C GLU G 83 -33.05 -15.88 25.64
N VAL G 84 -31.97 -15.52 26.36
CA VAL G 84 -31.17 -14.39 25.93
C VAL G 84 -30.45 -14.70 24.62
N GLN G 85 -29.87 -15.89 24.53
CA GLN G 85 -29.13 -16.25 23.33
C GLN G 85 -30.00 -16.22 22.07
N TYR G 86 -31.20 -16.82 22.15
CA TYR G 86 -32.06 -16.83 20.98
C TYR G 86 -32.43 -15.41 20.55
N ALA G 87 -32.74 -14.54 21.50
CA ALA G 87 -33.18 -13.18 21.16
C ALA G 87 -32.04 -12.38 20.55
N LEU G 88 -30.85 -12.44 21.17
CA LEU G 88 -29.67 -11.77 20.66
C LEU G 88 -29.34 -12.21 19.24
N LEU G 89 -29.29 -13.54 19.02
CA LEU G 89 -28.91 -14.02 17.69
C LEU G 89 -29.88 -13.51 16.62
N ASN G 90 -31.18 -13.48 16.94
CA ASN G 90 -32.13 -13.03 15.94
C ASN G 90 -32.14 -11.51 15.81
N ASN G 91 -31.92 -10.78 16.89
CA ASN G 91 -31.64 -9.34 16.76
C ASN G 91 -30.50 -9.11 15.80
N TRP G 92 -29.37 -9.82 16.02
CA TRP G 92 -28.20 -9.64 15.15
C TRP G 92 -28.51 -10.01 13.70
N ARG G 93 -29.23 -11.12 13.48
CA ARG G 93 -29.63 -11.48 12.12
C ARG G 93 -30.47 -10.38 11.48
N ARG G 94 -31.44 -9.82 12.22
CA ARG G 94 -32.31 -8.81 11.63
C ARG G 94 -31.52 -7.55 11.27
N GLN G 95 -30.53 -7.20 12.10
CA GLN G 95 -29.76 -6.00 11.82
C GLN G 95 -28.61 -6.24 10.84
N GLY G 96 -28.27 -7.49 10.55
CA GLY G 96 -27.27 -7.78 9.54
C GLY G 96 -25.88 -8.11 10.02
N ASP G 97 -25.61 -8.06 11.33
CA ASP G 97 -24.30 -8.44 11.86
C ASP G 97 -24.38 -8.51 13.37
N ALA G 98 -23.38 -9.14 13.95
CA ALA G 98 -23.25 -9.18 15.40
C ALA G 98 -22.27 -8.11 15.84
N PRO G 99 -22.34 -7.68 17.11
CA PRO G 99 -21.39 -6.66 17.59
C PRO G 99 -19.96 -7.13 17.40
N ALA G 100 -19.05 -6.16 17.24
CA ALA G 100 -17.64 -6.44 17.01
C ALA G 100 -16.85 -6.55 18.32
N THR G 101 -17.54 -6.87 19.41
N THR G 101 -17.49 -6.88 19.38
CA THR G 101 -16.96 -7.14 20.73
CA THR G 101 -16.77 -6.93 20.64
C THR G 101 -15.91 -8.25 20.66
C THR G 101 -15.98 -8.23 20.78
N PRO G 102 -14.85 -8.16 21.48
CA PRO G 102 -13.97 -9.32 21.64
C PRO G 102 -14.70 -10.55 22.17
N ARG G 103 -14.30 -11.72 21.68
CA ARG G 103 -14.79 -12.99 22.19
C ARG G 103 -13.80 -13.54 23.21
N GLN G 104 -14.31 -13.83 24.41
CA GLN G 104 -13.54 -14.49 25.45
C GLN G 104 -13.59 -15.99 25.23
N SER G 105 -12.49 -16.70 25.52
CA SER G 105 -12.45 -18.11 25.18
CA SER G 105 -12.44 -18.12 25.17
C SER G 105 -13.38 -18.92 26.08
N LEU G 106 -14.02 -19.92 25.49
CA LEU G 106 -14.91 -20.77 26.28
C LEU G 106 -14.14 -21.50 27.36
N ALA G 107 -12.99 -22.10 26.99
CA ALA G 107 -12.23 -22.89 27.95
C ALA G 107 -11.48 -22.03 28.96
N GLY G 108 -11.01 -20.84 28.56
CA GLY G 108 -10.20 -20.04 29.45
C GLY G 108 -11.00 -19.12 30.36
N VAL G 109 -12.20 -18.73 29.92
CA VAL G 109 -12.97 -17.69 30.62
C VAL G 109 -14.41 -18.12 30.93
N ILE G 110 -15.17 -18.50 29.89
CA ILE G 110 -16.62 -18.69 30.07
C ILE G 110 -16.89 -19.92 30.95
N ARG G 111 -16.30 -21.04 30.62
CA ARG G 111 -16.61 -22.23 31.41
C ARG G 111 -16.06 -22.15 32.84
N PRO G 112 -14.84 -21.63 33.07
CA PRO G 112 -14.41 -21.43 34.47
C PRO G 112 -15.31 -20.49 35.24
N ILE G 113 -15.86 -19.44 34.61
CA ILE G 113 -16.71 -18.58 35.44
C ILE G 113 -18.06 -19.22 35.71
N LEU G 114 -18.60 -19.98 34.76
CA LEU G 114 -19.83 -20.73 35.01
C LEU G 114 -19.64 -21.75 36.13
N ASP G 115 -18.51 -22.45 36.14
CA ASP G 115 -18.21 -23.34 37.26
C ASP G 115 -18.16 -22.58 38.61
N LYS G 116 -17.46 -21.46 38.68
CA LYS G 116 -17.42 -20.71 39.93
C LYS G 116 -18.80 -20.20 40.34
N LEU G 117 -19.62 -19.80 39.35
CA LEU G 117 -20.94 -19.26 39.69
C LEU G 117 -21.93 -20.33 40.12
N GLN G 118 -21.72 -21.59 39.73
CA GLN G 118 -22.53 -22.67 40.28
C GLN G 118 -22.38 -22.74 41.79
N ALA G 119 -21.12 -22.66 42.25
CA ALA G 119 -20.84 -22.63 43.67
C ALA G 119 -21.38 -21.37 44.34
N SER G 120 -21.26 -20.19 43.69
CA SER G 120 -21.81 -18.98 44.27
CA SER G 120 -21.82 -18.98 44.27
C SER G 120 -23.33 -19.08 44.42
N ILE G 121 -24.01 -19.57 43.39
CA ILE G 121 -25.47 -19.70 43.43
C ILE G 121 -25.88 -20.64 44.55
N MET G 122 -25.21 -21.79 44.64
CA MET G 122 -25.56 -22.79 45.65
C MET G 122 -25.25 -22.31 47.05
N GLN G 123 -24.13 -21.61 47.24
CA GLN G 123 -23.87 -21.06 48.57
C GLN G 123 -24.92 -20.02 48.94
N ASN G 124 -25.33 -19.19 47.97
CA ASN G 124 -26.37 -18.21 48.29
C ASN G 124 -27.69 -18.88 48.61
N LEU G 125 -28.09 -19.88 47.82
CA LEU G 125 -29.29 -20.68 48.10
C LEU G 125 -29.27 -21.24 49.52
N GLN G 126 -28.13 -21.84 49.90
CA GLN G 126 -28.03 -22.43 51.24
C GLN G 126 -28.22 -21.38 52.33
N SER G 127 -27.67 -20.17 52.12
CA SER G 127 -27.72 -19.19 53.20
C SER G 127 -29.13 -18.66 53.42
N VAL G 128 -29.97 -18.64 52.37
CA VAL G 128 -31.36 -18.17 52.54
C VAL G 128 -32.36 -19.32 52.61
N ALA G 129 -31.88 -20.56 52.83
CA ALA G 129 -32.79 -21.71 52.85
C ALA G 129 -34.06 -21.45 53.68
N PRO G 130 -33.96 -21.05 54.96
CA PRO G 130 -35.20 -20.87 55.75
C PRO G 130 -36.15 -19.79 55.24
N LEU G 131 -35.71 -18.88 54.37
CA LEU G 131 -36.57 -17.83 53.87
C LEU G 131 -37.30 -18.22 52.59
N ARG G 132 -36.97 -19.35 51.97
CA ARG G 132 -37.50 -19.65 50.64
C ARG G 132 -38.94 -20.10 50.70
N SER G 133 -39.46 -20.41 51.88
CA SER G 133 -40.81 -20.94 51.98
C SER G 133 -41.75 -19.97 52.68
N ILE G 134 -41.29 -18.75 52.91
CA ILE G 134 -42.09 -17.74 53.59
C ILE G 134 -43.02 -17.07 52.60
N ALA G 135 -44.12 -16.51 53.12
CA ALA G 135 -45.18 -15.99 52.26
C ALA G 135 -44.68 -14.84 51.39
N ASP G 136 -43.83 -13.96 51.91
CA ASP G 136 -43.40 -12.79 51.16
CA ASP G 136 -43.43 -12.80 51.11
C ASP G 136 -42.26 -13.08 50.20
N CYS G 137 -41.86 -14.35 50.05
CA CYS G 137 -40.70 -14.67 49.19
C CYS G 137 -40.88 -14.12 47.77
N HIS G 138 -42.06 -14.31 47.16
CA HIS G 138 -42.25 -13.85 45.79
C HIS G 138 -42.01 -12.34 45.65
N ALA G 139 -42.56 -11.56 46.57
CA ALA G 139 -42.36 -10.11 46.52
C ALA G 139 -40.90 -9.74 46.72
N LEU G 140 -40.24 -10.40 47.68
CA LEU G 140 -38.83 -10.15 47.93
C LEU G 140 -37.98 -10.47 46.70
N VAL G 141 -38.25 -11.60 46.06
CA VAL G 141 -37.45 -11.95 44.87
C VAL G 141 -37.71 -10.97 43.73
N ALA G 142 -38.99 -10.60 43.50
CA ALA G 142 -39.30 -9.70 42.39
C ALA G 142 -38.62 -8.34 42.56
N SER G 143 -38.64 -7.82 43.78
CA SER G 143 -37.97 -6.56 44.07
C SER G 143 -36.46 -6.68 43.88
N ALA G 144 -35.88 -7.80 44.32
CA ALA G 144 -34.45 -8.01 44.08
C ALA G 144 -34.11 -7.97 42.59
N VAL G 145 -34.92 -8.64 41.75
CA VAL G 145 -34.67 -8.60 40.31
C VAL G 145 -34.61 -7.15 39.83
N GLY G 146 -35.58 -6.34 40.24
CA GLY G 146 -35.65 -4.97 39.73
C GLY G 146 -34.44 -4.14 40.13
N GLN G 147 -34.01 -4.30 41.37
CA GLN G 147 -32.85 -3.59 41.90
C GLN G 147 -31.58 -4.04 41.17
N VAL G 148 -31.39 -5.34 41.03
CA VAL G 148 -30.18 -5.85 40.36
C VAL G 148 -30.16 -5.41 38.90
N ALA G 149 -31.31 -5.49 38.23
CA ALA G 149 -31.37 -5.08 36.83
C ALA G 149 -31.00 -3.61 36.67
N GLU G 150 -31.50 -2.76 37.56
CA GLU G 150 -31.16 -1.34 37.51
C GLU G 150 -29.69 -1.11 37.83
N GLN G 151 -29.19 -1.72 38.92
CA GLN G 151 -27.80 -1.48 39.33
CA GLN G 151 -27.81 -1.43 39.30
C GLN G 151 -26.80 -1.96 38.27
N ALA G 152 -27.14 -3.03 37.55
CA ALA G 152 -26.21 -3.66 36.62
C ALA G 152 -26.55 -3.38 35.16
N SER G 153 -27.47 -2.47 34.90
CA SER G 153 -27.82 -2.02 33.55
C SER G 153 -28.30 -3.14 32.65
N LEU G 154 -29.18 -3.99 33.18
CA LEU G 154 -29.87 -4.98 32.35
C LEU G 154 -31.04 -4.33 31.65
N ASP G 155 -31.13 -4.54 30.34
CA ASP G 155 -32.25 -4.04 29.56
C ASP G 155 -33.48 -4.95 29.70
N VAL G 156 -34.53 -4.64 28.92
CA VAL G 156 -35.79 -5.37 29.04
C VAL G 156 -35.59 -6.87 28.82
N LEU G 157 -34.80 -7.23 27.80
CA LEU G 157 -34.54 -8.64 27.51
C LEU G 157 -33.87 -9.34 28.69
N HIS G 158 -32.79 -8.76 29.22
CA HIS G 158 -32.03 -9.42 30.29
C HIS G 158 -32.83 -9.45 31.60
N ARG G 159 -33.58 -8.38 31.89
CA ARG G 159 -34.42 -8.41 33.09
C ARG G 159 -35.50 -9.48 32.96
N ALA G 160 -36.10 -9.60 31.79
CA ALA G 160 -37.08 -10.66 31.58
C ALA G 160 -36.45 -12.03 31.80
N ALA G 161 -35.23 -12.23 31.30
CA ALA G 161 -34.61 -13.53 31.49
C ALA G 161 -34.20 -13.75 32.94
N LEU G 162 -33.78 -12.71 33.65
CA LEU G 162 -33.54 -12.88 35.07
C LEU G 162 -34.82 -13.29 35.81
N ASP G 163 -35.98 -12.74 35.41
CA ASP G 163 -37.25 -13.17 36.00
C ASP G 163 -37.49 -14.68 35.77
N ARG G 164 -37.05 -15.18 34.62
CA ARG G 164 -37.14 -16.61 34.34
C ARG G 164 -36.17 -17.40 35.21
N ALA G 165 -34.98 -16.85 35.45
CA ALA G 165 -33.98 -17.58 36.21
C ALA G 165 -34.36 -17.73 37.67
N VAL G 166 -35.11 -16.78 38.21
CA VAL G 166 -35.44 -16.80 39.63
C VAL G 166 -36.72 -17.59 39.87
N ALA G 167 -37.27 -18.20 38.81
CA ALA G 167 -38.62 -18.77 38.85
C ALA G 167 -38.91 -19.60 40.10
N ARG G 168 -37.94 -20.40 40.55
CA ARG G 168 -38.27 -21.35 41.61
C ARG G 168 -37.35 -21.21 42.82
N ILE G 169 -36.87 -20.00 43.09
CA ILE G 169 -36.33 -19.69 44.41
C ILE G 169 -37.39 -19.94 45.48
N CYS G 170 -38.57 -19.38 45.28
CA CYS G 170 -39.64 -19.49 46.25
C CYS G 170 -40.33 -20.83 46.06
N VAL G 171 -40.35 -21.64 47.12
CA VAL G 171 -41.04 -22.94 47.07
C VAL G 171 -41.94 -23.00 48.29
N LYS G 172 -43.24 -23.12 48.05
CA LYS G 172 -44.28 -22.91 49.07
C LYS G 172 -44.00 -23.56 50.43
N ALA H 10 -40.52 -12.57 -1.33
CA ALA H 10 -41.50 -13.64 -1.35
C ALA H 10 -41.08 -14.77 -0.41
N GLN H 11 -39.77 -15.04 -0.38
CA GLN H 11 -39.28 -16.07 0.53
C GLN H 11 -39.61 -15.73 1.98
N GLN H 12 -39.38 -14.49 2.39
CA GLN H 12 -39.69 -14.11 3.78
C GLN H 12 -41.18 -14.24 4.06
N ASP H 13 -42.02 -13.84 3.11
CA ASP H 13 -43.46 -14.04 3.24
C ASP H 13 -43.79 -15.48 3.62
N ALA H 14 -42.93 -16.44 3.25
CA ALA H 14 -43.30 -17.84 3.37
C ALA H 14 -43.39 -18.27 4.82
N PHE H 15 -42.54 -17.75 5.70
CA PHE H 15 -42.60 -18.13 7.11
C PHE H 15 -43.56 -17.26 7.92
N VAL H 16 -44.09 -16.17 7.35
CA VAL H 16 -44.92 -15.27 8.14
C VAL H 16 -46.17 -15.96 8.69
N PRO H 17 -46.93 -16.74 7.89
CA PRO H 17 -48.10 -17.40 8.49
C PRO H 17 -47.73 -18.30 9.67
N LEU H 18 -46.68 -19.10 9.52
CA LEU H 18 -46.22 -19.94 10.62
C LEU H 18 -45.88 -19.09 11.84
N VAL H 19 -45.08 -18.04 11.64
CA VAL H 19 -44.66 -17.22 12.77
C VAL H 19 -45.86 -16.48 13.37
N ARG H 20 -46.81 -16.08 12.53
CA ARG H 20 -48.04 -15.47 13.05
C ARG H 20 -48.78 -16.42 14.00
N SER H 21 -48.92 -17.70 13.60
CA SER H 21 -49.66 -18.64 14.45
CA SER H 21 -49.65 -18.64 14.44
C SER H 21 -48.95 -18.86 15.78
N MET H 22 -47.61 -18.88 15.77
CA MET H 22 -46.87 -18.98 17.03
C MET H 22 -47.05 -17.72 17.87
N ALA H 23 -47.06 -16.55 17.21
CA ALA H 23 -47.36 -15.31 17.91
C ALA H 23 -48.76 -15.35 18.53
N ASP H 24 -49.77 -15.81 17.78
CA ASP H 24 -51.11 -15.92 18.35
C ASP H 24 -51.09 -16.78 19.59
N ARG H 25 -50.33 -17.88 19.54
CA ARG H 25 -50.26 -18.79 20.67
C ARG H 25 -49.54 -18.13 21.83
N LEU H 26 -48.49 -17.37 21.50
CA LEU H 26 -47.71 -16.65 22.51
C LEU H 26 -48.59 -15.63 23.24
N ASN H 27 -49.46 -14.94 22.52
CA ASN H 27 -50.24 -13.89 23.15
C ASN H 27 -51.24 -14.42 24.17
N THR H 28 -51.55 -15.73 24.15
CA THR H 28 -52.37 -16.27 25.24
C THR H 28 -51.63 -16.22 26.57
N ALA H 29 -50.29 -16.10 26.56
CA ALA H 29 -49.58 -15.96 27.83
C ALA H 29 -50.12 -14.80 28.67
N ASP H 30 -50.54 -13.71 28.02
CA ASP H 30 -50.97 -12.55 28.79
C ASP H 30 -52.23 -12.89 29.60
N GLN H 31 -53.19 -13.58 28.99
CA GLN H 31 -54.41 -13.93 29.72
C GLN H 31 -54.15 -15.01 30.77
N VAL H 32 -53.24 -15.92 30.49
CA VAL H 32 -52.92 -16.95 31.47
C VAL H 32 -52.24 -16.31 32.68
N ALA H 33 -51.35 -15.33 32.44
CA ALA H 33 -50.70 -14.63 33.55
C ALA H 33 -51.71 -13.87 34.41
N LEU H 34 -52.68 -13.21 33.77
CA LEU H 34 -53.72 -12.49 34.51
C LEU H 34 -54.48 -13.45 35.41
N SER H 35 -54.82 -14.63 34.87
CA SER H 35 -55.50 -15.64 35.67
C SER H 35 -54.65 -16.07 36.86
N LYS H 36 -53.35 -16.37 36.61
CA LYS H 36 -52.49 -16.87 37.68
C LYS H 36 -52.25 -15.78 38.71
N TRP H 37 -52.19 -14.52 38.27
CA TRP H 37 -52.12 -13.40 39.18
C TRP H 37 -53.33 -13.37 40.11
N ASP H 38 -54.53 -13.55 39.53
CA ASP H 38 -55.77 -13.54 40.30
C ASP H 38 -55.85 -14.73 41.26
N THR H 39 -55.39 -15.90 40.82
CA THR H 39 -55.59 -17.09 41.64
C THR H 39 -54.40 -17.44 42.51
N GLY H 40 -53.21 -16.94 42.20
CA GLY H 40 -52.02 -17.37 42.92
C GLY H 40 -51.41 -18.67 42.42
N GLN H 41 -51.94 -19.26 41.36
CA GLN H 41 -51.40 -20.52 40.85
C GLN H 41 -50.02 -20.29 40.21
N PRO H 42 -49.11 -21.25 40.34
CA PRO H 42 -47.77 -21.07 39.76
C PRO H 42 -47.78 -21.15 38.24
N VAL H 43 -46.74 -20.57 37.64
CA VAL H 43 -46.58 -20.63 36.18
C VAL H 43 -46.40 -22.06 35.72
N TYR H 44 -45.48 -22.77 36.35
CA TYR H 44 -45.11 -24.11 35.89
C TYR H 44 -46.13 -25.13 36.35
N ASP H 45 -46.67 -25.91 35.41
CA ASP H 45 -47.60 -27.02 35.68
C ASP H 45 -47.05 -28.21 34.90
N GLY H 46 -46.22 -29.02 35.57
CA GLY H 46 -45.47 -30.05 34.85
C GLY H 46 -46.35 -31.08 34.18
N GLN H 47 -47.49 -31.41 34.79
CA GLN H 47 -48.39 -32.41 34.22
C GLN H 47 -49.10 -31.86 32.98
N ARG H 48 -49.53 -30.59 33.02
CA ARG H 48 -50.19 -30.04 31.84
C ARG H 48 -49.19 -29.92 30.68
N GLU H 49 -47.96 -29.48 30.95
CA GLU H 49 -47.00 -29.31 29.87
C GLU H 49 -46.66 -30.64 29.20
N ALA H 50 -46.55 -31.72 29.97
CA ALA H 50 -46.31 -33.01 29.34
C ALA H 50 -47.49 -33.43 28.46
N GLN H 51 -48.72 -33.08 28.86
CA GLN H 51 -49.90 -33.41 28.05
C GLN H 51 -49.93 -32.59 26.76
N VAL H 52 -49.58 -31.30 26.85
CA VAL H 52 -49.48 -30.46 25.66
C VAL H 52 -48.52 -31.08 24.65
N ILE H 53 -47.32 -31.44 25.11
CA ILE H 53 -46.32 -31.93 24.20
C ILE H 53 -46.70 -33.30 23.68
N ALA H 54 -47.28 -34.13 24.54
CA ALA H 54 -47.70 -35.46 24.11
C ALA H 54 -48.83 -35.37 23.07
N ASN H 55 -49.78 -34.44 23.25
CA ASN H 55 -50.85 -34.28 22.26
C ASN H 55 -50.25 -33.89 20.90
N ALA H 56 -49.23 -33.05 20.92
CA ALA H 56 -48.53 -32.64 19.71
C ALA H 56 -47.84 -33.82 19.04
N ALA H 57 -47.13 -34.63 19.82
CA ALA H 57 -46.52 -35.83 19.26
C ALA H 57 -47.58 -36.76 18.69
N THR H 58 -48.78 -36.81 19.29
CA THR H 58 -49.81 -37.69 18.75
C THR H 58 -50.28 -37.21 17.40
N MET H 59 -50.47 -35.91 17.25
CA MET H 59 -51.05 -35.31 16.05
C MET H 59 -50.03 -35.18 14.92
N ALA H 60 -48.74 -35.41 15.21
CA ALA H 60 -47.65 -35.10 14.28
C ALA H 60 -47.87 -35.70 12.89
N SER H 61 -48.11 -37.02 12.84
CA SER H 61 -48.12 -37.72 11.55
C SER H 61 -49.22 -37.18 10.63
N GLU H 62 -50.32 -36.70 11.20
CA GLU H 62 -51.39 -36.11 10.40
C GLU H 62 -50.92 -34.89 9.59
N TYR H 63 -49.72 -34.34 9.89
CA TYR H 63 -49.17 -33.17 9.20
C TYR H 63 -47.79 -33.44 8.62
N GLY H 64 -47.47 -34.71 8.35
CA GLY H 64 -46.19 -35.08 7.79
C GLY H 64 -44.99 -34.80 8.69
N LEU H 65 -45.23 -34.54 9.98
CA LEU H 65 -44.13 -34.27 10.91
C LEU H 65 -43.77 -35.52 11.69
N THR H 66 -42.49 -35.65 12.03
CA THR H 66 -42.05 -36.69 12.96
C THR H 66 -42.48 -36.33 14.38
N ALA H 67 -42.58 -37.36 15.25
CA ALA H 67 -42.94 -37.07 16.63
C ALA H 67 -41.89 -36.18 17.29
N GLU H 68 -40.61 -36.42 16.98
CA GLU H 68 -39.54 -35.62 17.58
C GLU H 68 -39.66 -34.15 17.21
N ASP H 69 -39.89 -33.86 15.94
CA ASP H 69 -40.01 -32.48 15.48
C ASP H 69 -41.18 -31.77 16.17
N ALA H 70 -42.33 -32.43 16.26
CA ALA H 70 -43.47 -31.83 16.95
C ALA H 70 -43.19 -31.61 18.43
N ILE H 71 -42.52 -32.57 19.08
CA ILE H 71 -42.18 -32.42 20.50
C ILE H 71 -41.26 -31.23 20.70
N ASN H 72 -40.26 -31.08 19.82
CA ASN H 72 -39.33 -29.96 19.92
C ASN H 72 -40.06 -28.64 19.69
N ILE H 73 -40.90 -28.58 18.66
CA ILE H 73 -41.62 -27.35 18.36
C ILE H 73 -42.45 -26.93 19.55
N PHE H 74 -43.23 -27.86 20.10
CA PHE H 74 -44.14 -27.43 21.15
C PHE H 74 -43.48 -27.32 22.51
N SER H 75 -42.38 -28.03 22.75
CA SER H 75 -41.54 -27.68 23.90
C SER H 75 -41.12 -26.22 23.81
N ASP H 76 -40.72 -25.77 22.62
CA ASP H 76 -40.35 -24.36 22.48
C ASP H 76 -41.54 -23.45 22.68
N GLN H 77 -42.73 -23.84 22.18
CA GLN H 77 -43.92 -23.03 22.41
C GLN H 77 -44.21 -22.89 23.89
N VAL H 78 -44.15 -24.01 24.63
CA VAL H 78 -44.44 -23.97 26.05
C VAL H 78 -43.42 -23.11 26.78
N GLU H 79 -42.15 -23.17 26.37
CA GLU H 79 -41.13 -22.40 27.10
CA GLU H 79 -41.14 -22.41 27.09
C GLU H 79 -41.25 -20.92 26.78
N ALA H 80 -41.56 -20.57 25.53
CA ALA H 80 -41.75 -19.16 25.21
C ALA H 80 -42.95 -18.61 25.95
N ASN H 81 -43.98 -19.43 26.13
CA ASN H 81 -45.16 -18.97 26.87
C ASN H 81 -44.80 -18.70 28.34
N LYS H 82 -44.04 -19.61 28.97
CA LYS H 82 -43.63 -19.41 30.36
C LYS H 82 -42.74 -18.18 30.49
N GLU H 83 -41.89 -17.93 29.50
CA GLU H 83 -41.02 -16.75 29.56
C GLU H 83 -41.83 -15.45 29.63
N VAL H 84 -42.92 -15.36 28.86
CA VAL H 84 -43.78 -14.18 28.97
C VAL H 84 -44.48 -14.15 30.33
N GLN H 85 -44.99 -15.31 30.77
CA GLN H 85 -45.75 -15.34 32.02
C GLN H 85 -44.87 -14.92 33.20
N TYR H 86 -43.67 -15.50 33.31
CA TYR H 86 -42.78 -15.15 34.43
C TYR H 86 -42.46 -13.66 34.44
N ALA H 87 -42.15 -13.09 33.28
CA ALA H 87 -41.80 -11.67 33.21
C ALA H 87 -43.00 -10.78 33.60
N LEU H 88 -44.16 -11.03 32.99
CA LEU H 88 -45.34 -10.22 33.30
C LEU H 88 -45.69 -10.29 34.78
N LEU H 89 -45.63 -11.49 35.36
CA LEU H 89 -45.98 -11.65 36.77
C LEU H 89 -45.04 -10.85 37.66
N ASN H 90 -43.72 -10.90 37.39
CA ASN H 90 -42.82 -10.11 38.25
C ASN H 90 -42.90 -8.61 37.95
N ASN H 91 -43.18 -8.22 36.70
CA ASN H 91 -43.47 -6.82 36.41
C ASN H 91 -44.63 -6.33 37.27
N TRP H 92 -45.69 -7.13 37.34
CA TRP H 92 -46.87 -6.75 38.11
C TRP H 92 -46.58 -6.78 39.60
N ARG H 93 -45.79 -7.77 40.04
CA ARG H 93 -45.42 -7.85 41.47
C ARG H 93 -44.64 -6.61 41.90
N ARG H 94 -43.73 -6.13 41.04
CA ARG H 94 -42.97 -4.93 41.36
C ARG H 94 -43.86 -3.68 41.41
N GLN H 95 -44.98 -3.68 40.69
CA GLN H 95 -45.85 -2.51 40.71
C GLN H 95 -46.93 -2.60 41.77
N GLY H 96 -47.33 -3.81 42.15
CA GLY H 96 -48.39 -4.01 43.12
C GLY H 96 -49.74 -4.36 42.53
N ASP H 97 -49.90 -4.30 41.21
CA ASP H 97 -51.15 -4.71 40.58
CA ASP H 97 -51.12 -4.80 40.60
C ASP H 97 -50.90 -5.02 39.11
N ALA H 98 -51.82 -5.74 38.53
CA ALA H 98 -51.86 -6.18 37.16
C ALA H 98 -52.82 -5.32 36.37
N PRO H 99 -52.69 -5.26 35.04
CA PRO H 99 -53.65 -4.49 34.23
C PRO H 99 -55.08 -4.92 34.51
N ALA H 100 -56.00 -3.98 34.27
CA ALA H 100 -57.42 -4.22 34.48
C ALA H 100 -58.09 -4.94 33.29
N THR H 101 -57.29 -5.45 32.35
CA THR H 101 -57.80 -6.15 31.18
C THR H 101 -58.87 -7.17 31.59
N PRO H 102 -60.03 -7.18 30.92
CA PRO H 102 -61.04 -8.22 31.20
C PRO H 102 -60.45 -9.61 31.07
N ARG H 103 -60.71 -10.45 32.06
CA ARG H 103 -60.21 -11.81 32.05
C ARG H 103 -61.03 -12.65 31.08
N GLN H 104 -60.36 -13.46 30.29
CA GLN H 104 -61.02 -14.47 29.45
C GLN H 104 -60.95 -15.81 30.16
N SER H 105 -62.05 -16.56 30.18
CA SER H 105 -62.06 -17.84 30.88
C SER H 105 -60.97 -18.75 30.31
N LEU H 106 -60.09 -19.24 31.19
CA LEU H 106 -59.05 -20.17 30.73
C LEU H 106 -59.66 -21.45 30.18
N ALA H 107 -60.62 -22.03 30.92
CA ALA H 107 -61.24 -23.27 30.47
C ALA H 107 -62.15 -23.03 29.27
N GLY H 108 -62.89 -21.92 29.29
CA GLY H 108 -63.91 -21.70 28.28
C GLY H 108 -63.42 -21.08 26.99
N VAL H 109 -62.37 -20.26 27.07
CA VAL H 109 -61.94 -19.42 25.94
C VAL H 109 -60.49 -19.72 25.54
N ILE H 110 -59.58 -19.73 26.49
CA ILE H 110 -58.16 -19.87 26.12
C ILE H 110 -57.87 -21.29 25.66
N ARG H 111 -58.37 -22.29 26.39
CA ARG H 111 -58.02 -23.66 26.05
C ARG H 111 -58.49 -24.05 24.64
N PRO H 112 -59.73 -23.78 24.22
CA PRO H 112 -60.06 -24.05 22.80
C PRO H 112 -59.23 -23.26 21.81
N ILE H 113 -58.83 -22.02 22.14
CA ILE H 113 -57.90 -21.27 21.29
C ILE H 113 -56.61 -22.06 21.10
N LEU H 114 -56.02 -22.51 22.21
CA LEU H 114 -54.78 -23.27 22.14
C LEU H 114 -54.96 -24.54 21.33
N ASP H 115 -56.05 -25.27 21.56
CA ASP H 115 -56.33 -26.47 20.77
C ASP H 115 -56.37 -26.16 19.27
N LYS H 116 -57.01 -25.05 18.88
CA LYS H 116 -57.06 -24.73 17.44
C LYS H 116 -55.68 -24.36 16.92
N LEU H 117 -54.87 -23.69 17.75
CA LEU H 117 -53.55 -23.25 17.32
C LEU H 117 -52.58 -24.42 17.19
N GLN H 118 -52.79 -25.52 17.93
CA GLN H 118 -51.95 -26.69 17.74
C GLN H 118 -52.04 -27.19 16.30
N ALA H 119 -53.25 -27.33 15.77
CA ALA H 119 -53.43 -27.76 14.39
C ALA H 119 -52.92 -26.72 13.41
N SER H 120 -53.14 -25.43 13.71
CA SER H 120 -52.79 -24.37 12.79
C SER H 120 -51.28 -24.26 12.64
N ILE H 121 -50.56 -24.37 13.74
CA ILE H 121 -49.10 -24.36 13.71
C ILE H 121 -48.56 -25.54 12.92
N MET H 122 -49.10 -26.73 13.18
CA MET H 122 -48.65 -27.90 12.44
C MET H 122 -48.99 -27.77 10.95
N GLN H 123 -50.16 -27.22 10.63
CA GLN H 123 -50.47 -27.04 9.22
C GLN H 123 -49.46 -26.10 8.57
N ASN H 124 -49.17 -24.98 9.23
CA ASN H 124 -48.22 -24.03 8.67
C ASN H 124 -46.80 -24.60 8.62
N LEU H 125 -46.42 -25.46 9.57
CA LEU H 125 -45.11 -26.11 9.50
C LEU H 125 -45.00 -27.02 8.29
N GLN H 126 -46.03 -27.87 8.10
CA GLN H 126 -46.09 -28.73 6.92
C GLN H 126 -45.94 -27.92 5.64
N SER H 127 -46.55 -26.73 5.59
CA SER H 127 -46.53 -25.94 4.36
C SER H 127 -45.12 -25.44 4.05
N VAL H 128 -44.34 -25.07 5.05
CA VAL H 128 -43.02 -24.51 4.73
C VAL H 128 -41.94 -25.58 4.77
N ALA H 129 -42.35 -26.86 4.77
CA ALA H 129 -41.40 -27.94 4.95
C ALA H 129 -40.16 -27.85 4.05
N PRO H 130 -40.25 -27.54 2.75
CA PRO H 130 -39.04 -27.52 1.94
C PRO H 130 -38.08 -26.40 2.30
N LEU H 131 -38.53 -25.37 3.01
CA LEU H 131 -37.68 -24.25 3.38
C LEU H 131 -37.00 -24.44 4.72
N ARG H 132 -37.42 -25.43 5.50
CA ARG H 132 -36.86 -25.56 6.84
C ARG H 132 -35.41 -26.00 6.84
N SER H 133 -34.87 -26.46 5.71
CA SER H 133 -33.50 -26.97 5.70
C SER H 133 -32.60 -26.25 4.71
N ILE H 134 -33.05 -25.16 4.11
CA ILE H 134 -32.19 -24.38 3.22
C ILE H 134 -31.28 -23.48 4.06
N ALA H 135 -30.18 -23.05 3.44
CA ALA H 135 -29.15 -22.27 4.15
C ALA H 135 -29.69 -20.95 4.68
N ASP H 136 -30.64 -20.32 4.00
CA ASP H 136 -31.17 -19.03 4.45
C ASP H 136 -32.26 -19.14 5.50
N CYS H 137 -32.50 -20.33 6.08
CA CYS H 137 -33.67 -20.50 6.94
C CYS H 137 -33.64 -19.57 8.15
N HIS H 138 -32.52 -19.54 8.88
CA HIS H 138 -32.39 -18.70 10.07
C HIS H 138 -32.71 -17.24 9.76
N ALA H 139 -32.08 -16.72 8.71
CA ALA H 139 -32.30 -15.32 8.32
C ALA H 139 -33.77 -15.07 7.95
N LEU H 140 -34.38 -16.00 7.20
CA LEU H 140 -35.77 -15.82 6.79
C LEU H 140 -36.70 -15.86 8.01
N VAL H 141 -36.43 -16.76 8.95
CA VAL H 141 -37.27 -16.85 10.14
C VAL H 141 -37.08 -15.62 11.02
N ALA H 142 -35.83 -15.17 11.19
CA ALA H 142 -35.59 -13.94 11.95
C ALA H 142 -36.35 -12.77 11.34
N SER H 143 -36.32 -12.67 10.02
CA SER H 143 -37.01 -11.58 9.35
CA SER H 143 -37.01 -11.57 9.36
C SER H 143 -38.51 -11.68 9.53
N ALA H 144 -39.05 -12.90 9.52
CA ALA H 144 -40.49 -13.07 9.72
C ALA H 144 -40.90 -12.69 11.13
N VAL H 145 -40.04 -12.93 12.12
CA VAL H 145 -40.37 -12.46 13.47
C VAL H 145 -40.39 -10.94 13.51
N GLY H 146 -39.42 -10.29 12.86
CA GLY H 146 -39.44 -8.84 12.79
C GLY H 146 -40.70 -8.30 12.15
N GLN H 147 -41.12 -8.93 11.05
CA GLN H 147 -42.33 -8.50 10.34
CA GLN H 147 -42.32 -8.48 10.36
C GLN H 147 -43.56 -8.69 11.22
N VAL H 148 -43.70 -9.87 11.84
CA VAL H 148 -44.87 -10.15 12.67
C VAL H 148 -44.89 -9.22 13.89
N ALA H 149 -43.75 -9.05 14.56
CA ALA H 149 -43.66 -8.11 15.67
C ALA H 149 -44.08 -6.71 15.25
N GLU H 150 -43.55 -6.22 14.13
CA GLU H 150 -43.89 -4.88 13.69
C GLU H 150 -45.38 -4.76 13.39
N GLN H 151 -45.95 -5.73 12.67
CA GLN H 151 -47.37 -5.66 12.30
CA GLN H 151 -47.36 -5.64 12.30
C GLN H 151 -48.27 -5.75 13.53
N ALA H 152 -47.88 -6.57 14.51
CA ALA H 152 -48.68 -6.78 15.71
C ALA H 152 -48.24 -5.91 16.87
N SER H 153 -47.32 -4.97 16.63
CA SER H 153 -46.91 -4.03 17.65
C SER H 153 -46.44 -4.74 18.94
N LEU H 154 -45.75 -5.87 18.78
CA LEU H 154 -45.24 -6.60 19.95
C LEU H 154 -44.14 -5.79 20.63
N ASP H 155 -44.13 -5.81 21.96
CA ASP H 155 -43.05 -5.13 22.68
C ASP H 155 -41.80 -6.00 22.71
N VAL H 156 -40.74 -5.48 23.35
CA VAL H 156 -39.48 -6.20 23.38
C VAL H 156 -39.65 -7.56 24.04
N LEU H 157 -40.41 -7.62 25.14
CA LEU H 157 -40.62 -8.88 25.83
C LEU H 157 -41.24 -9.91 24.90
N HIS H 158 -42.27 -9.51 24.16
CA HIS H 158 -42.99 -10.48 23.35
C HIS H 158 -42.19 -10.88 22.13
N ARG H 159 -41.42 -9.96 21.54
CA ARG H 159 -40.61 -10.34 20.40
C ARG H 159 -39.53 -11.32 20.81
N ALA H 160 -38.97 -11.12 22.01
CA ALA H 160 -37.95 -12.02 22.53
C ALA H 160 -38.50 -13.43 22.69
N ALA H 161 -39.71 -13.55 23.24
CA ALA H 161 -40.29 -14.86 23.44
C ALA H 161 -40.71 -15.46 22.11
N LEU H 162 -41.08 -14.60 21.15
CA LEU H 162 -41.33 -15.12 19.81
C LEU H 162 -40.04 -15.68 19.21
N ASP H 163 -38.89 -15.01 19.43
CA ASP H 163 -37.63 -15.62 18.97
C ASP H 163 -37.39 -16.95 19.67
N ARG H 164 -37.81 -17.07 20.93
CA ARG H 164 -37.69 -18.34 21.62
C ARG H 164 -38.62 -19.39 21.00
N ALA H 165 -39.82 -18.98 20.58
CA ALA H 165 -40.79 -19.95 20.05
C ALA H 165 -40.37 -20.52 18.69
N VAL H 166 -39.67 -19.73 17.86
CA VAL H 166 -39.32 -20.14 16.50
C VAL H 166 -38.00 -20.87 16.48
N ALA H 167 -37.51 -21.22 17.67
CA ALA H 167 -36.16 -21.74 17.86
C ALA H 167 -35.81 -22.89 16.91
N ARG H 168 -36.73 -23.82 16.68
CA ARG H 168 -36.37 -24.99 15.90
C ARG H 168 -37.27 -25.20 14.68
N ILE H 169 -37.78 -24.10 14.11
CA ILE H 169 -38.32 -24.18 12.76
C ILE H 169 -37.23 -24.65 11.79
N CYS H 170 -36.05 -24.02 11.87
CA CYS H 170 -34.95 -24.40 11.00
C CYS H 170 -34.28 -25.64 11.55
N VAL H 171 -34.16 -26.65 10.70
CA VAL H 171 -33.57 -27.91 11.09
C VAL H 171 -32.52 -28.26 10.05
N LYS H 172 -31.28 -28.48 10.50
CA LYS H 172 -30.15 -28.75 9.61
C LYS H 172 -30.26 -30.12 8.95
#